data_7YMQ
#
_entry.id   7YMQ
#
_cell.length_a   111.570
_cell.length_b   93.750
_cell.length_c   147.810
_cell.angle_alpha   90.000
_cell.angle_beta   90.360
_cell.angle_gamma   90.000
#
_symmetry.space_group_name_H-M   'P 1 21 1'
#
loop_
_entity.id
_entity.type
_entity.pdbx_description
1 polymer Lysoplasmalogenase
2 water water
#
_entity_poly.entity_id   1
_entity_poly.type   'polypeptide(L)'
_entity_poly.pdbx_seq_one_letter_code
;MTTRTTDNPWLDARVLNMAHAGGENEAPANTLYAFKRAVKLGANMLELDVQSTKDDQLVVIHNATVDQTTDGTGKVRDLT
FEQVHELDAAYNFIPGRHAVPGEPPESYPLRGVRTGEKKPPPGYQPSDFAIPKLADVLEAFPRTPINIEIKGTSDADIPS
FLHNAKLLARLLKKTGRTDFIVTSLNDLAVAKFHLLAPDIPIAPGMAGLAAYFLLGVKPMHGTVALQIPVRYQGLEIATP
EFIRRAHADGYAVHVWFSGTAPDDEATYNRIIDSCADGLMPAYPALLERILDERGIERPGRPGVDPCGHHHHHH
;
_entity_poly.pdbx_strand_id   A,B,C,D,E,F,G,H
#
# COMPACT_ATOMS: atom_id res chain seq x y z
N THR A 2 -48.56 24.04 11.42
CA THR A 2 -47.60 25.14 11.46
C THR A 2 -47.20 25.52 10.02
N THR A 3 -47.37 26.80 9.65
CA THR A 3 -47.07 27.23 8.29
C THR A 3 -45.57 27.14 8.01
N ARG A 4 -45.23 26.52 6.88
CA ARG A 4 -43.86 26.50 6.37
C ARG A 4 -43.22 27.89 6.49
N THR A 5 -42.13 27.96 7.26
CA THR A 5 -41.37 29.20 7.30
C THR A 5 -40.70 29.43 5.94
N THR A 6 -40.97 30.58 5.35
CA THR A 6 -40.48 30.97 4.04
C THR A 6 -39.20 31.78 4.23
N ASP A 7 -38.06 31.19 3.90
CA ASP A 7 -36.80 31.93 3.91
C ASP A 7 -36.14 31.81 2.55
N ASN A 8 -35.84 32.97 1.96
CA ASN A 8 -35.49 33.08 0.56
C ASN A 8 -33.99 33.07 0.41
N PRO A 9 -33.38 32.00 -0.12
CA PRO A 9 -31.91 31.94 -0.16
C PRO A 9 -31.28 32.96 -1.11
N TRP A 10 -32.01 33.44 -2.11
CA TRP A 10 -31.47 34.42 -3.04
C TRP A 10 -31.20 35.77 -2.39
N LEU A 11 -31.66 36.00 -1.16
CA LEU A 11 -31.34 37.23 -0.47
C LEU A 11 -29.93 37.23 0.10
N ASP A 12 -29.30 36.06 0.21
CA ASP A 12 -27.89 36.00 0.60
C ASP A 12 -26.97 35.71 -0.58
N ALA A 13 -27.50 35.53 -1.79
CA ALA A 13 -26.69 35.30 -2.98
C ALA A 13 -26.41 36.64 -3.64
N ARG A 14 -25.43 37.35 -3.10
CA ARG A 14 -25.08 38.68 -3.56
C ARG A 14 -23.62 38.94 -3.24
N VAL A 15 -22.99 39.82 -4.00
CA VAL A 15 -23.53 40.41 -5.23
C VAL A 15 -23.26 39.47 -6.41
N LEU A 16 -24.20 39.33 -7.33
CA LEU A 16 -24.05 38.38 -8.42
C LEU A 16 -23.65 39.11 -9.70
N ASN A 17 -22.59 38.59 -10.34
CA ASN A 17 -22.23 38.92 -11.72
C ASN A 17 -22.90 37.87 -12.59
N MET A 18 -24.04 38.20 -13.19
CA MET A 18 -24.74 37.27 -14.08
C MET A 18 -24.62 37.72 -15.54
N ALA A 19 -23.60 37.16 -16.21
CA ALA A 19 -23.31 37.51 -17.60
C ALA A 19 -24.55 37.49 -18.48
N HIS A 20 -24.88 38.65 -19.04
CA HIS A 20 -26.06 38.78 -19.89
C HIS A 20 -25.80 38.11 -21.24
N ALA A 21 -26.52 37.00 -21.49
CA ALA A 21 -26.31 36.18 -22.69
C ALA A 21 -24.86 35.73 -22.83
N GLY A 22 -24.13 35.63 -21.72
CA GLY A 22 -22.71 35.45 -21.75
C GLY A 22 -21.92 36.74 -21.70
N GLY A 23 -22.55 37.89 -21.95
CA GLY A 23 -21.82 39.13 -22.09
C GLY A 23 -21.76 39.50 -23.57
N GLU A 24 -22.85 40.04 -24.10
CA GLU A 24 -22.99 40.20 -25.54
C GLU A 24 -22.02 41.23 -26.15
N ASN A 25 -21.31 42.04 -25.34
CA ASN A 25 -20.34 42.99 -25.88
C ASN A 25 -18.89 42.49 -25.78
N GLU A 26 -18.63 41.42 -25.02
CA GLU A 26 -17.29 40.84 -24.96
C GLU A 26 -17.17 39.51 -25.71
N ALA A 27 -18.29 38.87 -26.05
CA ALA A 27 -18.28 37.57 -26.67
C ALA A 27 -19.57 37.40 -27.46
N PRO A 28 -19.59 36.50 -28.45
CA PRO A 28 -20.85 36.24 -29.17
C PRO A 28 -21.92 35.75 -28.20
N ALA A 29 -23.09 36.40 -28.25
CA ALA A 29 -24.15 36.15 -27.29
C ALA A 29 -24.73 34.74 -27.42
N ASN A 30 -25.07 34.16 -26.27
CA ASN A 30 -25.82 32.91 -26.19
C ASN A 30 -25.07 31.75 -26.87
N THR A 31 -23.75 31.71 -26.67
CA THR A 31 -22.93 30.59 -27.14
C THR A 31 -22.21 29.97 -25.94
N LEU A 32 -21.88 28.68 -26.08
CA LEU A 32 -21.12 28.02 -25.02
C LEU A 32 -19.80 28.74 -24.77
N TYR A 33 -19.17 29.23 -25.84
CA TYR A 33 -17.93 29.99 -25.66
C TYR A 33 -18.15 31.17 -24.73
N ALA A 34 -19.15 32.01 -25.03
CA ALA A 34 -19.47 33.14 -24.16
C ALA A 34 -19.70 32.69 -22.72
N PHE A 35 -20.52 31.65 -22.54
CA PHE A 35 -20.80 31.17 -21.19
C PHE A 35 -19.54 30.70 -20.47
N LYS A 36 -18.75 29.83 -21.13
CA LYS A 36 -17.55 29.31 -20.47
C LYS A 36 -16.58 30.43 -20.16
N ARG A 37 -16.37 31.32 -21.13
CA ARG A 37 -15.53 32.51 -20.91
C ARG A 37 -15.97 33.26 -19.66
N ALA A 38 -17.25 33.56 -19.57
CA ALA A 38 -17.76 34.41 -18.49
C ALA A 38 -17.54 33.77 -17.12
N VAL A 39 -17.82 32.48 -16.97
CA VAL A 39 -17.62 31.83 -15.67
C VAL A 39 -16.12 31.82 -15.28
N LYS A 40 -15.22 31.59 -16.24
CA LYS A 40 -13.80 31.62 -15.89
C LYS A 40 -13.36 33.00 -15.49
N LEU A 41 -13.94 34.02 -16.11
CA LEU A 41 -13.57 35.36 -15.73
C LEU A 41 -14.26 35.82 -14.45
N GLY A 42 -15.18 35.03 -13.89
CA GLY A 42 -15.70 35.32 -12.57
C GLY A 42 -17.20 35.44 -12.46
N ALA A 43 -17.94 35.11 -13.52
CA ALA A 43 -19.39 35.22 -13.44
C ALA A 43 -19.95 34.17 -12.47
N ASN A 44 -20.78 34.62 -11.53
CA ASN A 44 -21.44 33.71 -10.58
C ASN A 44 -22.62 32.97 -11.17
N MET A 45 -23.17 33.45 -12.27
CA MET A 45 -24.44 32.96 -12.76
C MET A 45 -24.56 33.38 -14.22
N LEU A 46 -25.21 32.53 -15.00
CA LEU A 46 -25.48 32.84 -16.40
C LEU A 46 -26.90 33.34 -16.58
N GLU A 47 -27.09 34.27 -17.50
CA GLU A 47 -28.40 34.65 -17.99
C GLU A 47 -28.49 34.28 -19.46
N LEU A 48 -29.52 33.52 -19.83
CA LEU A 48 -29.70 33.09 -21.21
C LEU A 48 -31.17 33.16 -21.60
N ASP A 49 -31.44 33.02 -22.91
CA ASP A 49 -32.78 33.08 -23.50
C ASP A 49 -33.08 31.78 -24.24
N VAL A 50 -34.37 31.39 -24.29
CA VAL A 50 -34.73 30.11 -24.90
C VAL A 50 -35.88 30.29 -25.89
N GLN A 51 -35.75 29.62 -27.03
CA GLN A 51 -36.77 29.38 -28.04
C GLN A 51 -36.78 27.88 -28.33
N SER A 52 -37.75 27.45 -29.15
CA SER A 52 -37.89 26.06 -29.53
C SER A 52 -37.86 25.92 -31.05
N THR A 53 -37.22 24.85 -31.53
CA THR A 53 -37.11 24.49 -32.94
C THR A 53 -38.34 23.75 -33.41
N LYS A 54 -38.44 23.59 -34.74
CA LYS A 54 -39.59 22.89 -35.34
C LYS A 54 -39.80 21.52 -34.71
N ASP A 55 -38.71 20.83 -34.38
CA ASP A 55 -38.79 19.54 -33.72
C ASP A 55 -38.69 19.64 -32.20
N ASP A 56 -39.00 20.82 -31.63
CA ASP A 56 -39.31 20.97 -30.22
C ASP A 56 -38.08 20.75 -29.33
N GLN A 57 -36.94 21.23 -29.79
CA GLN A 57 -35.76 21.32 -28.94
C GLN A 57 -35.60 22.75 -28.46
N LEU A 58 -35.33 22.90 -27.17
CA LEU A 58 -35.01 24.22 -26.65
C LEU A 58 -33.59 24.60 -27.01
N VAL A 59 -33.45 25.76 -27.66
CA VAL A 59 -32.15 26.27 -28.06
C VAL A 59 -31.96 27.64 -27.41
N VAL A 60 -30.71 28.05 -27.29
CA VAL A 60 -30.32 29.22 -26.53
C VAL A 60 -30.06 30.36 -27.54
N ILE A 61 -31.08 31.21 -27.71
CA ILE A 61 -31.04 32.32 -28.66
C ILE A 61 -32.11 33.34 -28.24
N HIS A 62 -31.79 34.63 -28.43
CA HIS A 62 -32.65 35.73 -27.98
C HIS A 62 -33.83 35.98 -28.93
N ASN A 63 -33.56 36.36 -30.17
CA ASN A 63 -34.58 36.71 -31.15
C ASN A 63 -35.31 35.47 -31.65
N ALA A 64 -36.46 35.72 -32.28
CA ALA A 64 -37.25 34.68 -32.93
C ALA A 64 -36.67 34.20 -34.25
N THR A 65 -35.87 35.02 -34.93
CA THR A 65 -35.20 34.63 -36.17
C THR A 65 -33.69 34.51 -35.93
N VAL A 66 -33.03 33.67 -36.75
CA VAL A 66 -31.58 33.52 -36.63
C VAL A 66 -30.80 34.61 -37.33
N ASP A 67 -31.49 35.60 -37.93
CA ASP A 67 -30.87 36.50 -38.92
C ASP A 67 -29.83 37.42 -38.29
N GLN A 68 -30.08 37.93 -37.09
CA GLN A 68 -29.17 38.93 -36.55
C GLN A 68 -27.82 38.31 -36.14
N THR A 69 -27.83 37.10 -35.59
CA THR A 69 -26.65 36.59 -34.92
C THR A 69 -25.91 35.52 -35.72
N THR A 70 -26.42 35.12 -36.89
CA THR A 70 -25.82 34.02 -37.64
C THR A 70 -25.69 34.35 -39.12
N ASP A 71 -25.18 33.37 -39.88
CA ASP A 71 -25.08 33.46 -41.33
C ASP A 71 -26.31 32.91 -42.04
N GLY A 72 -27.37 32.59 -41.30
CA GLY A 72 -28.58 32.04 -41.87
C GLY A 72 -29.74 32.99 -41.78
N THR A 73 -30.91 32.47 -42.17
CA THR A 73 -32.13 33.25 -42.15
C THR A 73 -33.32 32.35 -41.83
N GLY A 74 -34.38 32.99 -41.35
CA GLY A 74 -35.62 32.33 -40.99
C GLY A 74 -35.83 32.28 -39.47
N LYS A 75 -37.03 31.83 -39.11
CA LYS A 75 -37.42 31.67 -37.71
C LYS A 75 -36.90 30.36 -37.11
N VAL A 76 -36.70 30.38 -35.78
CA VAL A 76 -36.26 29.19 -35.05
C VAL A 76 -37.33 28.11 -35.09
N ARG A 77 -38.61 28.51 -34.94
CA ARG A 77 -39.70 27.55 -34.91
C ARG A 77 -39.85 26.81 -36.23
N ASP A 78 -39.31 27.36 -37.32
CA ASP A 78 -39.43 26.73 -38.63
C ASP A 78 -38.24 25.86 -38.97
N LEU A 79 -37.23 25.82 -38.12
CA LEU A 79 -35.98 25.13 -38.39
C LEU A 79 -35.83 23.95 -37.44
N THR A 80 -35.31 22.84 -37.94
CA THR A 80 -34.97 21.73 -37.07
C THR A 80 -33.70 22.05 -36.33
N PHE A 81 -33.50 21.39 -35.18
CA PHE A 81 -32.26 21.60 -34.44
C PHE A 81 -31.04 21.39 -35.31
N GLU A 82 -31.08 20.46 -36.27
CA GLU A 82 -29.88 20.22 -37.07
C GLU A 82 -29.58 21.41 -37.98
N GLN A 83 -30.62 22.05 -38.54
CA GLN A 83 -30.43 23.25 -39.36
C GLN A 83 -29.94 24.43 -38.53
N VAL A 84 -30.44 24.56 -37.31
CA VAL A 84 -30.03 25.65 -36.44
C VAL A 84 -28.58 25.50 -36.02
N HIS A 85 -28.15 24.27 -35.73
CA HIS A 85 -26.85 24.04 -35.12
C HIS A 85 -25.70 24.15 -36.11
N GLU A 86 -25.97 24.12 -37.41
CA GLU A 86 -24.87 24.28 -38.35
C GLU A 86 -24.49 25.73 -38.57
N LEU A 87 -25.32 26.68 -38.12
CA LEU A 87 -25.09 28.09 -38.39
C LEU A 87 -23.91 28.63 -37.58
N ASP A 88 -23.35 29.73 -38.04
CA ASP A 88 -22.24 30.42 -37.36
C ASP A 88 -22.83 31.48 -36.43
N ALA A 89 -22.80 31.22 -35.11
CA ALA A 89 -23.47 32.09 -34.15
C ALA A 89 -22.57 33.24 -33.69
N ALA A 90 -21.42 33.43 -34.33
CA ALA A 90 -20.59 34.61 -34.14
C ALA A 90 -20.47 35.38 -35.43
N TYR A 91 -21.33 35.07 -36.41
CA TYR A 91 -21.20 35.63 -37.75
C TYR A 91 -21.17 37.15 -37.74
N ASN A 92 -21.94 37.76 -36.85
CA ASN A 92 -22.15 39.20 -36.90
C ASN A 92 -21.68 39.88 -35.64
N PHE A 93 -20.83 39.20 -34.86
CA PHE A 93 -20.39 39.70 -33.56
C PHE A 93 -19.29 40.75 -33.72
N ILE A 94 -19.47 41.89 -33.07
CA ILE A 94 -18.46 42.95 -33.05
C ILE A 94 -18.28 43.36 -31.60
N PRO A 95 -17.09 43.22 -31.02
CA PRO A 95 -16.86 43.65 -29.65
C PRO A 95 -17.37 45.06 -29.43
N GLY A 96 -18.01 45.28 -28.29
CA GLY A 96 -18.57 46.57 -27.99
C GLY A 96 -19.93 46.84 -28.59
N ARG A 97 -20.50 45.92 -29.41
CA ARG A 97 -21.71 46.26 -30.15
C ARG A 97 -22.64 45.08 -30.42
N HIS A 98 -22.51 43.96 -29.70
CA HIS A 98 -23.37 42.79 -29.85
C HIS A 98 -23.30 42.31 -31.30
N ALA A 99 -24.42 42.20 -32.04
CA ALA A 99 -24.40 41.65 -33.39
C ALA A 99 -24.95 42.70 -34.34
N VAL A 100 -24.14 43.06 -35.35
CA VAL A 100 -24.49 44.12 -36.29
C VAL A 100 -24.27 43.57 -37.69
N PRO A 101 -25.30 43.19 -38.43
CA PRO A 101 -25.06 42.71 -39.80
C PRO A 101 -24.81 43.87 -40.75
N GLY A 102 -24.08 43.57 -41.83
CA GLY A 102 -23.91 44.49 -42.92
C GLY A 102 -22.61 45.24 -42.99
N GLU A 103 -21.63 44.90 -42.17
CA GLU A 103 -20.32 45.55 -42.18
C GLU A 103 -19.31 44.77 -43.02
N PRO A 104 -18.20 45.40 -43.38
CA PRO A 104 -17.10 44.67 -44.08
C PRO A 104 -16.66 43.45 -43.28
N PRO A 105 -16.29 42.35 -43.96
CA PRO A 105 -15.88 41.12 -43.25
C PRO A 105 -14.80 41.27 -42.17
N GLU A 106 -13.94 42.28 -42.28
CA GLU A 106 -12.89 42.50 -41.30
C GLU A 106 -13.41 42.95 -39.94
N SER A 107 -14.68 43.33 -39.86
CA SER A 107 -15.26 43.83 -38.61
C SER A 107 -15.47 42.75 -37.57
N TYR A 108 -15.33 41.48 -37.95
CA TYR A 108 -15.93 40.38 -37.20
C TYR A 108 -14.84 39.40 -36.78
N PRO A 109 -14.26 39.58 -35.59
CA PRO A 109 -13.05 38.80 -35.24
C PRO A 109 -13.28 37.31 -35.11
N LEU A 110 -14.50 36.85 -34.86
CA LEU A 110 -14.74 35.43 -34.66
C LEU A 110 -15.65 34.82 -35.70
N ARG A 111 -16.08 35.57 -36.70
CA ARG A 111 -16.77 34.97 -37.83
C ARG A 111 -15.90 33.89 -38.43
N GLY A 112 -16.48 32.70 -38.66
CA GLY A 112 -15.79 31.60 -39.31
C GLY A 112 -15.17 30.58 -38.38
N VAL A 113 -15.09 30.85 -37.08
CA VAL A 113 -14.58 29.83 -36.17
C VAL A 113 -15.50 28.62 -36.17
N ARG A 114 -16.81 28.85 -36.20
CA ARG A 114 -17.77 27.75 -36.13
C ARG A 114 -17.61 26.80 -37.32
N THR A 115 -17.47 27.37 -38.51
CA THR A 115 -17.48 26.59 -39.75
C THR A 115 -16.08 26.15 -40.20
N GLY A 116 -15.04 26.43 -39.41
CA GLY A 116 -13.72 25.93 -39.68
C GLY A 116 -12.78 26.83 -40.48
N GLU A 117 -13.20 28.05 -40.84
CA GLU A 117 -12.32 28.93 -41.61
C GLU A 117 -11.31 29.67 -40.74
N LYS A 118 -11.57 29.82 -39.44
CA LYS A 118 -10.67 30.46 -38.50
C LYS A 118 -10.40 29.49 -37.36
N LYS A 119 -9.25 29.57 -36.80
CA LYS A 119 -8.98 28.67 -35.69
C LYS A 119 -9.64 29.20 -34.41
N PRO A 120 -10.19 28.32 -33.58
CA PRO A 120 -10.85 28.79 -32.35
C PRO A 120 -9.82 29.31 -31.36
N PRO A 121 -10.23 30.19 -30.45
CA PRO A 121 -9.34 30.56 -29.34
C PRO A 121 -8.89 29.31 -28.59
N PRO A 122 -7.71 29.33 -27.98
CA PRO A 122 -7.16 28.08 -27.43
C PRO A 122 -8.04 27.54 -26.32
N GLY A 123 -8.24 26.22 -26.35
CA GLY A 123 -9.09 25.51 -25.41
C GLY A 123 -10.57 25.47 -25.72
N TYR A 124 -11.00 25.90 -26.91
CA TYR A 124 -12.40 25.83 -27.30
C TYR A 124 -12.53 25.08 -28.61
N GLN A 125 -13.74 24.63 -28.92
CA GLN A 125 -13.95 23.91 -30.16
C GLN A 125 -14.91 24.69 -31.06
N PRO A 126 -14.97 24.34 -32.35
CA PRO A 126 -15.93 25.02 -33.24
C PRO A 126 -17.37 25.02 -32.74
N SER A 127 -17.84 23.90 -32.19
CA SER A 127 -19.21 23.81 -31.70
C SER A 127 -19.51 24.84 -30.60
N ASP A 128 -18.48 25.34 -29.89
CA ASP A 128 -18.69 26.39 -28.90
C ASP A 128 -19.20 27.69 -29.52
N PHE A 129 -19.20 27.80 -30.85
CA PHE A 129 -19.59 29.03 -31.52
C PHE A 129 -20.88 28.85 -32.31
N ALA A 130 -21.61 27.77 -32.02
CA ALA A 130 -22.91 27.50 -32.62
C ALA A 130 -24.04 27.90 -31.65
N ILE A 131 -25.26 27.83 -32.13
CA ILE A 131 -26.44 27.92 -31.27
C ILE A 131 -26.54 26.63 -30.46
N PRO A 132 -26.52 26.68 -29.13
CA PRO A 132 -26.52 25.44 -28.36
C PRO A 132 -27.90 25.01 -27.90
N LYS A 133 -28.05 23.70 -27.73
CA LYS A 133 -29.19 23.16 -27.00
C LYS A 133 -29.12 23.60 -25.53
N LEU A 134 -30.26 24.01 -24.96
CA LEU A 134 -30.31 24.25 -23.52
C LEU A 134 -29.74 23.05 -22.76
N ALA A 135 -30.18 21.85 -23.14
CA ALA A 135 -29.69 20.62 -22.54
C ALA A 135 -28.16 20.56 -22.50
N ASP A 136 -27.50 21.06 -23.56
CA ASP A 136 -26.04 21.06 -23.56
C ASP A 136 -25.48 22.12 -22.61
N VAL A 137 -26.18 23.24 -22.45
CA VAL A 137 -25.72 24.24 -21.48
C VAL A 137 -25.87 23.71 -20.06
N LEU A 138 -27.00 23.03 -19.78
CA LEU A 138 -27.17 22.43 -18.46
C LEU A 138 -26.11 21.38 -18.19
N GLU A 139 -25.84 20.52 -19.18
CA GLU A 139 -24.80 19.50 -19.06
C GLU A 139 -23.42 20.13 -18.89
N ALA A 140 -23.18 21.27 -19.53
CA ALA A 140 -21.89 21.95 -19.39
C ALA A 140 -21.74 22.68 -18.06
N PHE A 141 -22.84 23.06 -17.40
CA PHE A 141 -22.77 23.86 -16.18
C PHE A 141 -23.59 23.22 -15.06
N PRO A 142 -23.12 22.07 -14.54
CA PRO A 142 -23.90 21.35 -13.52
C PRO A 142 -23.95 22.05 -12.18
N ARG A 143 -22.93 22.81 -11.83
CA ARG A 143 -22.86 23.45 -10.52
C ARG A 143 -22.86 24.97 -10.64
N THR A 144 -23.52 25.50 -11.67
CA THR A 144 -23.64 26.92 -11.90
C THR A 144 -25.10 27.30 -12.01
N PRO A 145 -25.57 28.31 -11.28
CA PRO A 145 -26.96 28.74 -11.44
C PRO A 145 -27.16 29.41 -12.78
N ILE A 146 -28.41 29.36 -13.28
CA ILE A 146 -28.79 29.88 -14.58
C ILE A 146 -30.14 30.58 -14.49
N ASN A 147 -30.22 31.80 -15.03
CA ASN A 147 -31.49 32.52 -15.20
C ASN A 147 -31.91 32.32 -16.64
N ILE A 148 -33.13 31.84 -16.83
CA ILE A 148 -33.61 31.36 -18.13
C ILE A 148 -34.84 32.17 -18.49
N GLU A 149 -34.81 32.86 -19.62
CA GLU A 149 -35.94 33.69 -20.01
C GLU A 149 -36.70 33.03 -21.16
N ILE A 150 -37.98 32.77 -20.95
CA ILE A 150 -38.80 32.18 -22.01
C ILE A 150 -39.07 33.25 -23.05
N LYS A 151 -38.71 32.98 -24.31
CA LYS A 151 -39.00 33.92 -25.38
C LYS A 151 -40.15 33.40 -26.21
N GLY A 152 -40.58 34.21 -27.17
CA GLY A 152 -41.63 33.83 -28.09
C GLY A 152 -41.31 34.25 -29.52
N THR A 153 -42.29 34.02 -30.40
CA THR A 153 -42.13 34.30 -31.83
C THR A 153 -42.45 35.75 -32.18
N SER A 154 -43.44 36.33 -31.53
CA SER A 154 -43.77 37.73 -31.69
C SER A 154 -44.55 38.14 -30.45
N ASP A 155 -44.60 39.44 -30.20
CA ASP A 155 -45.34 39.92 -29.04
C ASP A 155 -46.79 39.44 -29.05
N ALA A 156 -47.37 39.23 -30.23
CA ALA A 156 -48.76 38.84 -30.34
C ALA A 156 -48.98 37.33 -30.33
N ASP A 157 -47.93 36.52 -30.40
CA ASP A 157 -48.09 35.08 -30.53
C ASP A 157 -47.93 34.41 -29.17
N ILE A 158 -48.95 34.61 -28.33
CA ILE A 158 -48.89 34.11 -26.95
C ILE A 158 -48.69 32.60 -26.88
N PRO A 159 -49.38 31.76 -27.68
CA PRO A 159 -49.13 30.31 -27.57
C PRO A 159 -47.67 29.91 -27.70
N SER A 160 -46.87 30.61 -28.52
CA SER A 160 -45.47 30.21 -28.68
C SER A 160 -44.70 30.39 -27.38
N PHE A 161 -45.09 31.39 -26.59
CA PHE A 161 -44.57 31.50 -25.23
C PHE A 161 -45.01 30.31 -24.39
N LEU A 162 -46.30 29.96 -24.48
CA LEU A 162 -46.85 28.86 -23.69
C LEU A 162 -46.25 27.53 -24.11
N HIS A 163 -46.06 27.34 -25.43
CA HIS A 163 -45.34 26.17 -25.92
C HIS A 163 -43.93 26.08 -25.32
N ASN A 164 -43.19 27.19 -25.31
CA ASN A 164 -41.83 27.14 -24.80
C ASN A 164 -41.82 26.91 -23.28
N ALA A 165 -42.76 27.54 -22.57
CA ALA A 165 -42.84 27.34 -21.13
C ALA A 165 -43.09 25.86 -20.80
N LYS A 166 -43.96 25.20 -21.57
CA LYS A 166 -44.24 23.78 -21.33
C LYS A 166 -42.99 22.93 -21.54
N LEU A 167 -42.27 23.14 -22.65
CA LEU A 167 -41.05 22.38 -22.89
C LEU A 167 -40.02 22.63 -21.80
N LEU A 168 -39.88 23.89 -21.38
CA LEU A 168 -38.87 24.24 -20.37
C LEU A 168 -39.10 23.49 -19.07
N ALA A 169 -40.36 23.45 -18.59
CA ALA A 169 -40.67 22.76 -17.35
C ALA A 169 -40.34 21.28 -17.44
N ARG A 170 -40.78 20.63 -18.53
CA ARG A 170 -40.47 19.21 -18.72
C ARG A 170 -38.97 18.95 -18.63
N LEU A 171 -38.16 19.76 -19.33
CA LEU A 171 -36.72 19.52 -19.31
C LEU A 171 -36.13 19.87 -17.95
N LEU A 172 -36.53 20.98 -17.35
CA LEU A 172 -35.94 21.33 -16.05
C LEU A 172 -36.31 20.32 -14.98
N LYS A 173 -37.51 19.75 -15.05
CA LYS A 173 -37.95 18.82 -14.03
C LYS A 173 -37.10 17.55 -14.01
N LYS A 174 -36.66 17.06 -15.18
CA LYS A 174 -35.83 15.85 -15.16
C LYS A 174 -34.44 16.09 -14.59
N THR A 175 -33.93 17.33 -14.59
CA THR A 175 -32.58 17.54 -14.06
C THR A 175 -32.50 17.33 -12.57
N GLY A 176 -33.62 17.44 -11.86
CA GLY A 176 -33.56 17.43 -10.41
C GLY A 176 -33.01 18.70 -9.80
N ARG A 177 -32.57 19.67 -10.59
CA ARG A 177 -32.01 20.89 -10.03
C ARG A 177 -33.12 21.90 -9.75
N THR A 178 -32.84 22.78 -8.79
CA THR A 178 -33.67 23.96 -8.54
C THR A 178 -32.82 25.22 -8.40
N ASP A 179 -31.53 25.19 -8.77
CA ASP A 179 -30.71 26.39 -8.77
C ASP A 179 -30.89 27.17 -10.07
N PHE A 180 -32.15 27.44 -10.43
CA PHE A 180 -32.52 28.31 -11.54
C PHE A 180 -33.46 29.39 -11.05
N ILE A 181 -33.54 30.48 -11.81
CA ILE A 181 -34.68 31.39 -11.79
C ILE A 181 -35.23 31.43 -13.20
N VAL A 182 -36.52 31.12 -13.35
CA VAL A 182 -37.17 31.14 -14.66
C VAL A 182 -38.10 32.33 -14.73
N THR A 183 -38.09 33.03 -15.86
CA THR A 183 -38.96 34.18 -16.06
C THR A 183 -39.30 34.32 -17.53
N SER A 184 -40.12 35.32 -17.83
CA SER A 184 -40.59 35.62 -19.17
C SER A 184 -41.18 37.01 -19.14
N LEU A 185 -41.07 37.73 -20.26
CA LEU A 185 -41.79 38.99 -20.36
C LEU A 185 -43.29 38.76 -20.33
N ASN A 186 -43.74 37.59 -20.77
CA ASN A 186 -45.16 37.28 -20.86
C ASN A 186 -45.63 36.60 -19.57
N ASP A 187 -46.61 37.21 -18.91
CA ASP A 187 -47.01 36.77 -17.57
C ASP A 187 -47.63 35.38 -17.57
N LEU A 188 -48.51 35.07 -18.53
CA LEU A 188 -49.12 33.75 -18.62
C LEU A 188 -48.08 32.64 -18.70
N ALA A 189 -47.02 32.83 -19.48
CA ALA A 189 -46.01 31.76 -19.61
C ALA A 189 -45.37 31.45 -18.27
N VAL A 190 -45.14 32.47 -17.44
CA VAL A 190 -44.58 32.24 -16.11
C VAL A 190 -45.53 31.39 -15.28
N ALA A 191 -46.84 31.70 -15.35
CA ALA A 191 -47.82 30.96 -14.55
C ALA A 191 -47.93 29.53 -15.04
N LYS A 192 -47.81 29.32 -16.35
CA LYS A 192 -47.82 27.98 -16.92
C LYS A 192 -46.57 27.21 -16.52
N PHE A 193 -45.39 27.83 -16.59
CA PHE A 193 -44.18 27.17 -16.09
C PHE A 193 -44.32 26.79 -14.62
N HIS A 194 -44.86 27.70 -13.82
CA HIS A 194 -44.89 27.48 -12.38
C HIS A 194 -45.87 26.39 -12.00
N LEU A 195 -46.93 26.24 -12.80
CA LEU A 195 -47.87 25.13 -12.63
C LEU A 195 -47.20 23.79 -12.89
N LEU A 196 -46.48 23.68 -14.01
CA LEU A 196 -45.87 22.41 -14.38
C LEU A 196 -44.64 22.08 -13.56
N ALA A 197 -43.91 23.08 -13.03
CA ALA A 197 -42.69 22.85 -12.27
C ALA A 197 -42.70 23.74 -11.03
N PRO A 198 -43.49 23.37 -10.00
CA PRO A 198 -43.68 24.27 -8.85
C PRO A 198 -42.44 24.49 -8.01
N ASP A 199 -41.42 23.62 -8.11
CA ASP A 199 -40.22 23.74 -7.29
C ASP A 199 -39.13 24.65 -7.87
N ILE A 200 -39.27 25.11 -9.10
CA ILE A 200 -38.25 25.99 -9.68
C ILE A 200 -38.55 27.44 -9.32
N PRO A 201 -37.59 28.19 -8.77
CA PRO A 201 -37.84 29.60 -8.47
C PRO A 201 -38.12 30.41 -9.74
N ILE A 202 -38.99 31.43 -9.61
CA ILE A 202 -39.43 32.23 -10.74
C ILE A 202 -39.29 33.72 -10.41
N ALA A 203 -39.32 34.54 -11.45
CA ALA A 203 -39.44 35.99 -11.35
C ALA A 203 -40.58 36.43 -12.25
N PRO A 204 -41.33 37.45 -11.86
CA PRO A 204 -42.55 37.80 -12.58
C PRO A 204 -42.30 38.43 -13.94
N GLY A 205 -43.33 38.38 -14.78
CA GLY A 205 -43.33 39.07 -16.05
C GLY A 205 -43.73 40.54 -15.90
N MET A 206 -44.25 41.09 -17.00
CA MET A 206 -44.42 42.53 -17.11
C MET A 206 -45.51 43.05 -16.17
N ALA A 207 -46.73 42.53 -16.32
CA ALA A 207 -47.85 42.93 -15.47
C ALA A 207 -47.56 42.67 -14.00
N GLY A 208 -46.83 41.59 -13.71
CA GLY A 208 -46.43 41.33 -12.34
C GLY A 208 -45.47 42.38 -11.81
N LEU A 209 -44.55 42.83 -12.66
CA LEU A 209 -43.62 43.87 -12.25
C LEU A 209 -44.36 45.19 -12.08
N ALA A 210 -45.19 45.52 -13.07
CA ALA A 210 -45.95 46.76 -13.02
C ALA A 210 -46.84 46.81 -11.79
N ALA A 211 -47.58 45.73 -11.54
CA ALA A 211 -48.47 45.70 -10.38
C ALA A 211 -47.69 45.99 -9.10
N TYR A 212 -46.56 45.31 -8.90
CA TYR A 212 -45.77 45.50 -7.68
C TYR A 212 -45.11 46.87 -7.63
N PHE A 213 -44.60 47.34 -8.76
CA PHE A 213 -43.82 48.57 -8.74
C PHE A 213 -44.73 49.76 -8.55
N LEU A 214 -45.87 49.78 -9.23
CA LEU A 214 -46.82 50.88 -9.17
C LEU A 214 -47.81 50.77 -8.01
N LEU A 215 -48.36 49.58 -7.73
CA LEU A 215 -49.46 49.45 -6.79
C LEU A 215 -49.10 48.73 -5.49
N GLY A 216 -47.92 48.12 -5.40
CA GLY A 216 -47.57 47.40 -4.21
C GLY A 216 -48.12 45.99 -4.15
N VAL A 217 -48.79 45.54 -5.21
CA VAL A 217 -49.35 44.19 -5.25
C VAL A 217 -48.24 43.16 -5.42
N LYS A 218 -48.13 42.25 -4.47
CA LYS A 218 -47.02 41.30 -4.45
C LYS A 218 -47.11 40.32 -5.61
N PRO A 219 -45.97 39.84 -6.12
CA PRO A 219 -45.99 38.94 -7.26
C PRO A 219 -46.38 37.51 -6.90
N MET A 220 -46.73 36.77 -7.95
CA MET A 220 -47.14 35.36 -7.90
C MET A 220 -46.34 34.53 -6.91
N HIS A 221 -47.04 33.58 -6.27
CA HIS A 221 -46.39 32.64 -5.37
C HIS A 221 -45.26 31.92 -6.08
N GLY A 222 -44.09 31.86 -5.43
CA GLY A 222 -42.93 31.25 -6.03
C GLY A 222 -41.86 32.23 -6.49
N THR A 223 -42.15 33.54 -6.45
CA THR A 223 -41.20 34.56 -6.84
C THR A 223 -40.09 34.69 -5.80
N VAL A 224 -38.82 34.53 -6.23
CA VAL A 224 -37.69 34.80 -5.35
C VAL A 224 -36.98 36.12 -5.65
N ALA A 225 -37.28 36.76 -6.77
CA ALA A 225 -36.60 37.99 -7.15
C ALA A 225 -37.44 38.78 -8.14
N LEU A 226 -37.23 40.09 -8.13
CA LEU A 226 -37.72 40.95 -9.20
C LEU A 226 -36.57 41.26 -10.15
N GLN A 227 -36.76 40.99 -11.44
CA GLN A 227 -35.71 41.18 -12.44
C GLN A 227 -36.15 42.34 -13.31
N ILE A 228 -35.39 43.44 -13.22
CA ILE A 228 -35.82 44.75 -13.72
C ILE A 228 -34.79 45.43 -14.62
N PRO A 229 -35.23 46.26 -15.55
CA PRO A 229 -34.32 47.19 -16.22
C PRO A 229 -33.94 48.33 -15.28
N VAL A 230 -32.93 49.09 -15.70
CA VAL A 230 -32.61 50.31 -14.97
C VAL A 230 -33.73 51.33 -15.13
N ARG A 231 -34.16 51.59 -16.37
CA ARG A 231 -35.27 52.49 -16.66
C ARG A 231 -36.28 51.82 -17.56
N TYR A 232 -37.55 52.24 -17.42
CA TYR A 232 -38.63 51.80 -18.28
C TYR A 232 -39.59 52.96 -18.51
N GLN A 233 -39.80 53.31 -19.78
CA GLN A 233 -40.72 54.40 -20.16
C GLN A 233 -40.37 55.67 -19.40
N GLY A 234 -39.11 56.07 -19.57
CA GLY A 234 -38.57 57.29 -18.98
C GLY A 234 -38.52 57.34 -17.47
N LEU A 235 -38.99 56.29 -16.79
CA LEU A 235 -38.99 56.26 -15.33
C LEU A 235 -37.86 55.38 -14.80
N GLU A 236 -37.21 55.84 -13.75
CA GLU A 236 -36.14 55.06 -13.14
C GLU A 236 -36.70 53.98 -12.23
N ILE A 237 -36.32 52.73 -12.47
CA ILE A 237 -36.81 51.57 -11.72
C ILE A 237 -35.79 51.12 -10.67
N ALA A 238 -34.54 50.92 -11.06
CA ALA A 238 -33.51 50.43 -10.13
C ALA A 238 -33.04 51.53 -9.16
N THR A 239 -34.00 52.13 -8.46
CA THR A 239 -33.66 53.11 -7.45
C THR A 239 -33.35 52.43 -6.11
N PRO A 240 -32.62 53.10 -5.22
CA PRO A 240 -32.43 52.54 -3.87
C PRO A 240 -33.74 52.34 -3.12
N GLU A 241 -34.71 53.27 -3.26
CA GLU A 241 -35.98 53.11 -2.56
C GLU A 241 -36.67 51.82 -2.96
N PHE A 242 -36.85 51.60 -4.27
CA PHE A 242 -37.59 50.43 -4.71
C PHE A 242 -36.90 49.14 -4.28
N ILE A 243 -35.57 49.14 -4.26
CA ILE A 243 -34.87 47.92 -3.88
C ILE A 243 -34.96 47.71 -2.37
N ARG A 244 -34.98 48.78 -1.60
CA ARG A 244 -35.12 48.62 -0.15
C ARG A 244 -36.48 48.05 0.23
N ARG A 245 -37.53 48.51 -0.46
CA ARG A 245 -38.88 47.98 -0.28
C ARG A 245 -38.98 46.51 -0.73
N ALA A 246 -38.33 46.16 -1.85
CA ALA A 246 -38.38 44.77 -2.32
C ALA A 246 -37.68 43.82 -1.36
N HIS A 247 -36.55 44.25 -0.79
CA HIS A 247 -35.88 43.45 0.25
C HIS A 247 -36.76 43.29 1.48
N ALA A 248 -37.40 44.39 1.91
CA ALA A 248 -38.32 44.34 3.04
C ALA A 248 -39.45 43.34 2.80
N ASP A 249 -39.88 43.16 1.54
CA ASP A 249 -40.89 42.16 1.25
C ASP A 249 -40.32 40.77 1.00
N GLY A 250 -39.00 40.59 1.09
CA GLY A 250 -38.40 39.28 0.97
C GLY A 250 -38.01 38.85 -0.43
N TYR A 251 -37.98 39.77 -1.39
CA TYR A 251 -37.50 39.48 -2.72
C TYR A 251 -36.09 40.02 -2.94
N ALA A 252 -35.27 39.26 -3.67
CA ALA A 252 -34.05 39.85 -4.19
C ALA A 252 -34.35 40.65 -5.46
N VAL A 253 -33.38 41.45 -5.90
CA VAL A 253 -33.51 42.28 -7.10
C VAL A 253 -32.31 42.07 -8.02
N HIS A 254 -32.59 41.81 -9.29
CA HIS A 254 -31.56 41.67 -10.31
C HIS A 254 -31.81 42.70 -11.41
N VAL A 255 -30.76 43.42 -11.81
CA VAL A 255 -30.86 44.56 -12.71
C VAL A 255 -30.12 44.27 -14.02
N TRP A 256 -30.77 44.56 -15.14
CA TRP A 256 -30.21 44.44 -16.49
C TRP A 256 -30.20 45.80 -17.16
N PHE A 257 -29.53 45.85 -18.31
CA PHE A 257 -29.24 47.13 -18.95
C PHE A 257 -29.85 47.22 -20.35
N SER A 258 -29.24 46.55 -21.33
CA SER A 258 -29.87 46.26 -22.63
C SER A 258 -30.48 47.50 -23.28
N GLY A 259 -29.77 48.63 -23.25
CA GLY A 259 -30.21 49.83 -23.90
C GLY A 259 -31.05 50.78 -23.05
N THR A 260 -31.59 50.33 -21.93
CA THR A 260 -32.33 51.27 -21.07
C THR A 260 -31.40 52.12 -20.23
N ALA A 261 -30.11 51.83 -20.25
CA ALA A 261 -29.07 52.62 -19.58
C ALA A 261 -27.72 52.09 -20.06
N PRO A 262 -26.67 52.92 -19.99
CA PRO A 262 -25.38 52.47 -20.57
C PRO A 262 -24.77 51.32 -19.79
N ASP A 263 -24.14 50.40 -20.53
CA ASP A 263 -23.31 49.34 -19.96
C ASP A 263 -21.91 49.92 -19.74
N ASP A 264 -21.74 50.66 -18.64
CA ASP A 264 -20.42 51.26 -18.38
C ASP A 264 -20.12 51.28 -16.88
N GLU A 265 -18.91 51.74 -16.52
CA GLU A 265 -18.45 51.67 -15.14
C GLU A 265 -19.27 52.57 -14.21
N ALA A 266 -19.61 53.77 -14.66
CA ALA A 266 -20.43 54.65 -13.82
C ALA A 266 -21.80 54.03 -13.55
N THR A 267 -22.39 53.37 -14.55
CA THR A 267 -23.71 52.80 -14.30
C THR A 267 -23.61 51.56 -13.42
N TYR A 268 -22.67 50.66 -13.72
CA TYR A 268 -22.50 49.49 -12.87
C TYR A 268 -22.31 49.89 -11.41
N ASN A 269 -21.44 50.87 -11.16
CA ASN A 269 -21.16 51.32 -9.79
C ASN A 269 -22.40 51.88 -9.11
N ARG A 270 -23.26 52.60 -9.85
CA ARG A 270 -24.46 53.16 -9.24
C ARG A 270 -25.45 52.07 -8.85
N ILE A 271 -25.65 51.07 -9.71
CA ILE A 271 -26.55 49.97 -9.40
C ILE A 271 -26.00 49.11 -8.25
N ILE A 272 -24.68 48.89 -8.21
CA ILE A 272 -24.11 48.24 -7.03
C ILE A 272 -24.44 49.05 -5.78
N ASP A 273 -24.28 50.38 -5.86
CA ASP A 273 -24.51 51.28 -4.73
C ASP A 273 -25.95 51.26 -4.26
N SER A 274 -26.89 50.99 -5.17
CA SER A 274 -28.31 50.97 -4.89
C SER A 274 -28.80 49.66 -4.26
N CYS A 275 -27.90 48.73 -3.98
CA CYS A 275 -28.10 47.54 -3.15
C CYS A 275 -28.63 46.33 -3.92
N ALA A 276 -28.74 46.43 -5.23
CA ALA A 276 -29.17 45.30 -6.05
C ALA A 276 -28.34 44.06 -5.74
N ASP A 277 -28.97 42.89 -5.81
CA ASP A 277 -28.32 41.65 -5.46
C ASP A 277 -27.54 41.06 -6.62
N GLY A 278 -27.89 41.44 -7.84
CA GLY A 278 -27.07 41.10 -8.97
C GLY A 278 -27.27 42.06 -10.11
N LEU A 279 -26.25 42.18 -10.94
CA LEU A 279 -26.29 42.89 -12.21
C LEU A 279 -26.10 41.87 -13.32
N MET A 280 -26.69 42.15 -14.48
CA MET A 280 -26.61 41.36 -15.70
C MET A 280 -25.80 42.09 -16.76
N PRO A 281 -24.49 42.21 -16.59
CA PRO A 281 -23.72 43.11 -17.46
C PRO A 281 -23.53 42.54 -18.86
N ALA A 282 -23.47 43.44 -19.85
CA ALA A 282 -22.95 43.07 -21.15
C ALA A 282 -21.43 42.98 -21.16
N TYR A 283 -20.77 43.46 -20.10
CA TYR A 283 -19.31 43.41 -19.94
C TYR A 283 -18.96 42.68 -18.64
N PRO A 284 -19.15 41.36 -18.60
CA PRO A 284 -18.90 40.62 -17.35
C PRO A 284 -17.47 40.73 -16.84
N ALA A 285 -16.46 40.73 -17.71
CA ALA A 285 -15.10 40.94 -17.20
C ALA A 285 -14.94 42.33 -16.60
N LEU A 286 -15.55 43.35 -17.21
CA LEU A 286 -15.48 44.69 -16.63
C LEU A 286 -16.18 44.75 -15.27
N LEU A 287 -17.36 44.15 -15.16
CA LEU A 287 -18.03 44.15 -13.85
C LEU A 287 -17.20 43.39 -12.83
N GLU A 288 -16.52 42.33 -13.27
CA GLU A 288 -15.72 41.57 -12.32
C GLU A 288 -14.53 42.39 -11.83
N ARG A 289 -13.89 43.15 -12.72
CA ARG A 289 -12.85 44.07 -12.29
C ARG A 289 -13.39 45.08 -11.27
N ILE A 290 -14.60 45.59 -11.49
CA ILE A 290 -15.15 46.57 -10.57
C ILE A 290 -15.39 45.95 -9.20
N LEU A 291 -16.08 44.80 -9.18
CA LEU A 291 -16.41 44.14 -7.91
C LEU A 291 -15.15 43.80 -7.13
N ASP A 292 -14.07 43.44 -7.82
CA ASP A 292 -12.85 43.03 -7.13
C ASP A 292 -12.14 44.22 -6.49
N GLU A 293 -11.98 45.32 -7.24
CA GLU A 293 -11.23 46.44 -6.72
C GLU A 293 -11.96 47.17 -5.59
N ARG A 294 -13.30 47.20 -5.62
CA ARG A 294 -14.05 47.66 -4.47
C ARG A 294 -14.17 46.59 -3.38
N GLY A 295 -13.76 45.35 -3.68
CA GLY A 295 -13.84 44.26 -2.73
C GLY A 295 -15.25 43.96 -2.29
N ILE A 296 -16.23 44.12 -3.17
CA ILE A 296 -17.62 43.89 -2.80
C ILE A 296 -17.83 42.43 -2.38
N GLU A 297 -18.74 42.25 -1.40
CA GLU A 297 -19.16 40.93 -0.95
C GLU A 297 -19.71 40.10 -2.10
N ARG A 298 -19.48 38.80 -2.05
CA ARG A 298 -19.91 37.86 -3.07
C ARG A 298 -20.39 36.59 -2.37
N PRO A 299 -21.24 35.80 -3.04
CA PRO A 299 -21.63 34.50 -2.47
C PRO A 299 -20.43 33.69 -1.98
N GLY A 300 -20.42 33.37 -0.68
CA GLY A 300 -19.35 32.60 -0.09
C GLY A 300 -18.04 33.34 0.12
N ARG A 301 -18.01 34.65 -0.14
CA ARG A 301 -16.81 35.45 0.07
C ARG A 301 -17.28 36.75 0.69
N PRO A 302 -17.23 36.88 2.02
CA PRO A 302 -17.72 38.09 2.65
C PRO A 302 -16.83 39.26 2.26
N GLY A 303 -17.32 40.46 2.54
CA GLY A 303 -16.58 41.62 2.09
C GLY A 303 -17.36 42.88 2.36
N VAL A 304 -17.12 43.88 1.51
CA VAL A 304 -17.77 45.18 1.67
C VAL A 304 -19.25 45.06 1.31
N ASP A 305 -20.11 45.63 2.15
CA ASP A 305 -21.49 45.82 1.79
C ASP A 305 -21.67 47.21 1.24
N PRO A 306 -22.09 47.36 -0.01
CA PRO A 306 -22.22 48.71 -0.59
C PRO A 306 -23.46 49.48 -0.13
N CYS A 307 -24.04 49.11 1.01
CA CYS A 307 -25.27 49.75 1.41
C CYS A 307 -25.12 50.62 2.64
N ASP B 7 -71.64 -13.16 29.37
CA ASP B 7 -70.79 -12.28 30.14
C ASP B 7 -69.89 -11.44 29.21
N ASN B 8 -69.43 -10.29 29.72
CA ASN B 8 -68.63 -9.31 28.99
C ASN B 8 -67.31 -9.91 28.55
N PRO B 9 -67.08 -10.12 27.25
CA PRO B 9 -65.85 -10.78 26.81
C PRO B 9 -64.62 -9.89 26.86
N TRP B 10 -64.75 -8.61 27.22
CA TRP B 10 -63.57 -7.77 27.30
C TRP B 10 -62.70 -8.11 28.51
N LEU B 11 -63.28 -8.72 29.55
CA LEU B 11 -62.50 -9.20 30.69
C LEU B 11 -61.60 -10.38 30.35
N ASP B 12 -61.77 -10.97 29.17
CA ASP B 12 -60.91 -12.05 28.69
C ASP B 12 -60.06 -11.63 27.49
N ALA B 13 -60.08 -10.36 27.11
CA ALA B 13 -59.17 -9.83 26.11
C ALA B 13 -58.07 -9.06 26.87
N ARG B 14 -57.05 -9.79 27.30
CA ARG B 14 -55.97 -9.22 28.09
C ARG B 14 -54.73 -10.09 27.92
N VAL B 15 -53.54 -9.48 27.96
CA VAL B 15 -53.32 -8.03 28.09
C VAL B 15 -53.23 -7.40 26.73
N LEU B 16 -53.94 -6.30 26.52
CA LEU B 16 -53.95 -5.67 25.20
C LEU B 16 -52.84 -4.64 25.09
N ASN B 17 -52.17 -4.64 23.94
CA ASN B 17 -51.26 -3.59 23.51
C ASN B 17 -52.04 -2.75 22.52
N MET B 18 -52.57 -1.62 23.00
CA MET B 18 -53.46 -0.74 22.24
C MET B 18 -52.69 0.51 21.81
N ALA B 19 -52.12 0.49 20.61
CA ALA B 19 -51.24 1.54 20.11
C ALA B 19 -51.91 2.91 20.11
N HIS B 20 -51.46 3.80 21.00
CA HIS B 20 -52.03 5.13 21.18
C HIS B 20 -51.76 5.97 19.93
N ALA B 21 -52.81 6.25 19.15
CA ALA B 21 -52.67 6.96 17.87
C ALA B 21 -51.66 6.26 16.95
N GLY B 22 -51.60 4.93 17.03
CA GLY B 22 -50.55 4.18 16.37
C GLY B 22 -49.22 4.14 17.11
N GLY B 23 -49.05 4.93 18.17
CA GLY B 23 -47.79 5.02 18.89
C GLY B 23 -47.04 6.31 18.59
N GLU B 24 -47.48 7.42 19.20
CA GLU B 24 -47.07 8.73 18.73
C GLU B 24 -45.60 9.03 18.96
N ASN B 25 -44.93 8.30 19.83
CA ASN B 25 -43.51 8.55 20.02
C ASN B 25 -42.64 7.68 19.13
N GLU B 26 -43.22 6.69 18.45
CA GLU B 26 -42.48 5.84 17.54
C GLU B 26 -42.71 6.17 16.07
N ALA B 27 -43.78 6.89 15.76
CA ALA B 27 -44.24 7.11 14.38
C ALA B 27 -45.18 8.31 14.40
N PRO B 28 -45.44 8.93 13.24
CA PRO B 28 -46.35 10.10 13.23
C PRO B 28 -47.78 9.72 13.58
N ALA B 29 -48.30 10.37 14.65
CA ALA B 29 -49.60 10.05 15.20
C ALA B 29 -50.71 10.10 14.15
N ASN B 30 -51.61 9.11 14.20
CA ASN B 30 -52.87 9.11 13.45
C ASN B 30 -52.62 9.22 11.94
N THR B 31 -51.64 8.46 11.47
CA THR B 31 -51.36 8.28 10.05
C THR B 31 -51.43 6.80 9.74
N LEU B 32 -51.83 6.47 8.51
CA LEU B 32 -51.85 5.06 8.11
C LEU B 32 -50.48 4.40 8.29
N TYR B 33 -49.39 5.15 8.11
CA TYR B 33 -48.07 4.60 8.40
C TYR B 33 -47.98 4.05 9.82
N ALA B 34 -48.33 4.86 10.82
CA ALA B 34 -48.25 4.40 12.20
C ALA B 34 -49.12 3.16 12.44
N PHE B 35 -50.33 3.13 11.87
CA PHE B 35 -51.26 2.05 12.18
C PHE B 35 -50.82 0.74 11.53
N LYS B 36 -50.44 0.80 10.27
CA LYS B 36 -49.89 -0.36 9.59
C LYS B 36 -48.67 -0.87 10.32
N ARG B 37 -47.73 0.03 10.62
CA ARG B 37 -46.58 -0.34 11.43
C ARG B 37 -47.00 -0.98 12.74
N ALA B 38 -47.94 -0.36 13.47
CA ALA B 38 -48.28 -0.85 14.80
C ALA B 38 -48.83 -2.26 14.75
N VAL B 39 -49.72 -2.55 13.79
CA VAL B 39 -50.27 -3.88 13.66
C VAL B 39 -49.17 -4.87 13.27
N LYS B 40 -48.28 -4.45 12.35
CA LYS B 40 -47.15 -5.26 11.96
C LYS B 40 -46.33 -5.70 13.18
N LEU B 41 -46.09 -4.80 14.13
CA LEU B 41 -45.30 -5.17 15.29
C LEU B 41 -46.10 -5.92 16.34
N GLY B 42 -47.40 -6.08 16.15
CA GLY B 42 -48.19 -6.91 17.02
C GLY B 42 -49.13 -6.21 18.01
N ALA B 43 -49.51 -4.95 17.77
CA ALA B 43 -50.57 -4.33 18.54
C ALA B 43 -51.87 -5.10 18.38
N ASN B 44 -52.54 -5.35 19.50
CA ASN B 44 -53.82 -6.04 19.45
C ASN B 44 -54.92 -5.15 18.93
N MET B 45 -54.74 -3.84 19.00
CA MET B 45 -55.82 -2.90 18.86
C MET B 45 -55.23 -1.53 18.52
N LEU B 46 -55.95 -0.76 17.72
CA LEU B 46 -55.60 0.63 17.43
C LEU B 46 -56.47 1.56 18.27
N GLU B 47 -55.85 2.56 18.88
CA GLU B 47 -56.56 3.67 19.50
C GLU B 47 -56.42 4.91 18.62
N LEU B 48 -57.54 5.60 18.34
CA LEU B 48 -57.48 6.80 17.52
C LEU B 48 -58.58 7.80 17.89
N ASP B 49 -58.45 9.00 17.32
CA ASP B 49 -59.32 10.15 17.58
C ASP B 49 -59.90 10.66 16.27
N VAL B 50 -61.15 11.13 16.31
CA VAL B 50 -61.83 11.60 15.11
C VAL B 50 -62.33 13.03 15.30
N GLN B 51 -62.17 13.84 14.25
CA GLN B 51 -62.79 15.17 14.10
C GLN B 51 -63.50 15.18 12.75
N SER B 52 -64.31 16.21 12.52
CA SER B 52 -65.02 16.34 11.24
C SER B 52 -64.61 17.63 10.52
N THR B 53 -64.41 17.50 9.21
CA THR B 53 -64.09 18.58 8.30
C THR B 53 -65.31 19.46 8.05
N LYS B 54 -65.05 20.56 7.34
CA LYS B 54 -66.10 21.48 6.95
C LYS B 54 -67.18 20.78 6.14
N ASP B 55 -66.79 19.81 5.31
CA ASP B 55 -67.72 19.05 4.48
C ASP B 55 -68.09 17.72 5.12
N ASP B 56 -68.04 17.66 6.46
CA ASP B 56 -68.57 16.55 7.26
C ASP B 56 -67.97 15.18 6.89
N GLN B 57 -66.66 15.15 6.64
CA GLN B 57 -65.94 13.88 6.60
C GLN B 57 -65.26 13.65 7.93
N LEU B 58 -65.34 12.42 8.44
CA LEU B 58 -64.63 12.04 9.65
C LEU B 58 -63.16 11.74 9.32
N VAL B 59 -62.25 12.51 9.91
CA VAL B 59 -60.81 12.36 9.74
C VAL B 59 -60.18 12.06 11.09
N VAL B 60 -59.00 11.45 11.04
CA VAL B 60 -58.34 10.88 12.21
C VAL B 60 -57.21 11.82 12.60
N ILE B 61 -57.39 12.51 13.72
CA ILE B 61 -56.52 13.60 14.17
C ILE B 61 -57.00 14.01 15.57
N HIS B 62 -56.06 14.37 16.44
CA HIS B 62 -56.30 14.58 17.85
C HIS B 62 -56.72 16.01 18.14
N ASN B 63 -55.96 17.01 17.71
CA ASN B 63 -56.32 18.38 18.06
C ASN B 63 -57.52 18.87 17.25
N ALA B 64 -58.12 19.97 17.73
CA ALA B 64 -59.11 20.67 16.92
C ALA B 64 -58.47 21.39 15.73
N THR B 65 -57.19 21.67 15.79
CA THR B 65 -56.50 22.33 14.69
C THR B 65 -55.39 21.44 14.16
N VAL B 66 -54.99 21.72 12.92
CA VAL B 66 -53.95 20.95 12.24
C VAL B 66 -52.55 21.47 12.54
N ASP B 67 -52.42 22.51 13.38
CA ASP B 67 -51.16 23.24 13.49
C ASP B 67 -50.04 22.36 14.02
N GLN B 68 -50.29 21.60 15.08
CA GLN B 68 -49.21 20.90 15.75
C GLN B 68 -48.57 19.85 14.86
N THR B 69 -49.37 19.17 14.04
CA THR B 69 -48.91 17.93 13.42
C THR B 69 -48.72 18.05 11.91
N THR B 70 -48.92 19.22 11.31
CA THR B 70 -48.81 19.34 9.86
C THR B 70 -48.05 20.60 9.46
N ASP B 71 -48.02 20.83 8.15
CA ASP B 71 -47.49 22.04 7.54
C ASP B 71 -48.56 23.09 7.28
N GLY B 72 -49.66 23.08 8.04
CA GLY B 72 -50.79 23.98 7.80
C GLY B 72 -51.31 24.69 9.04
N THR B 73 -52.42 25.43 8.89
CA THR B 73 -52.99 26.21 9.99
C THR B 73 -54.51 26.17 9.92
N GLY B 74 -55.16 26.15 11.09
CA GLY B 74 -56.60 26.31 11.12
C GLY B 74 -57.39 25.14 11.69
N LYS B 75 -58.65 25.39 12.03
CA LYS B 75 -59.51 24.36 12.59
C LYS B 75 -59.87 23.33 11.52
N VAL B 76 -59.87 22.06 11.92
CA VAL B 76 -60.31 21.01 10.99
C VAL B 76 -61.71 21.29 10.49
N ARG B 77 -62.59 21.78 11.39
CA ARG B 77 -63.96 22.08 11.01
C ARG B 77 -64.05 23.21 9.99
N ASP B 78 -63.01 24.05 9.90
CA ASP B 78 -63.02 25.14 8.93
C ASP B 78 -62.45 24.74 7.57
N LEU B 79 -61.95 23.52 7.43
CA LEU B 79 -61.28 23.09 6.20
C LEU B 79 -62.03 21.93 5.57
N THR B 80 -61.98 21.86 4.26
CA THR B 80 -62.53 20.69 3.59
C THR B 80 -61.56 19.53 3.70
N PHE B 81 -62.05 18.33 3.36
CA PHE B 81 -61.18 17.18 3.43
C PHE B 81 -60.07 17.26 2.39
N GLU B 82 -60.40 17.72 1.19
CA GLU B 82 -59.37 17.89 0.16
C GLU B 82 -58.22 18.75 0.69
N GLN B 83 -58.56 19.88 1.34
CA GLN B 83 -57.53 20.72 1.95
C GLN B 83 -56.72 19.93 2.97
N VAL B 84 -57.41 19.25 3.89
CA VAL B 84 -56.78 18.58 5.02
C VAL B 84 -55.88 17.44 4.55
N HIS B 85 -56.34 16.68 3.56
CA HIS B 85 -55.62 15.50 3.13
C HIS B 85 -54.31 15.84 2.41
N GLU B 86 -54.22 17.01 1.78
CA GLU B 86 -52.98 17.30 1.08
C GLU B 86 -51.88 17.75 2.04
N LEU B 87 -52.18 17.96 3.32
CA LEU B 87 -51.18 18.39 4.28
C LEU B 87 -50.21 17.24 4.62
N ASP B 88 -49.07 17.61 5.17
CA ASP B 88 -48.03 16.65 5.54
C ASP B 88 -48.16 16.37 7.03
N ALA B 89 -48.67 15.18 7.38
CA ALA B 89 -48.97 14.87 8.78
C ALA B 89 -47.80 14.25 9.54
N ALA B 90 -46.60 14.27 8.95
CA ALA B 90 -45.38 13.99 9.70
C ALA B 90 -44.46 15.21 9.72
N TYR B 91 -45.00 16.38 9.37
CA TYR B 91 -44.18 17.59 9.20
C TYR B 91 -43.45 17.98 10.48
N ASN B 92 -44.01 17.68 11.64
CA ASN B 92 -43.38 18.06 12.91
C ASN B 92 -42.99 16.85 13.77
N PHE B 93 -42.99 15.64 13.20
CA PHE B 93 -42.79 14.44 14.00
C PHE B 93 -41.31 14.23 14.34
N ILE B 94 -41.01 14.05 15.61
CA ILE B 94 -39.66 13.72 16.07
C ILE B 94 -39.73 12.45 16.91
N PRO B 95 -39.06 11.36 16.50
CA PRO B 95 -39.10 10.12 17.31
C PRO B 95 -38.72 10.41 18.75
N GLY B 96 -39.54 9.90 19.66
CA GLY B 96 -39.35 10.15 21.07
C GLY B 96 -39.99 11.41 21.60
N ARG B 97 -40.52 12.26 20.73
CA ARG B 97 -41.00 13.56 21.16
C ARG B 97 -42.37 13.91 20.58
N HIS B 98 -42.99 13.00 19.83
CA HIS B 98 -44.32 13.23 19.24
C HIS B 98 -44.17 14.40 18.27
N ALA B 99 -45.02 15.42 18.29
CA ALA B 99 -45.00 16.51 17.32
C ALA B 99 -44.57 17.80 18.01
N VAL B 100 -43.52 18.43 17.49
CA VAL B 100 -42.95 19.65 18.08
C VAL B 100 -42.61 20.64 16.98
N PRO B 101 -43.41 21.69 16.80
CA PRO B 101 -43.13 22.65 15.73
C PRO B 101 -41.98 23.59 16.08
N GLY B 102 -41.41 24.17 15.02
CA GLY B 102 -40.46 25.26 15.16
C GLY B 102 -39.04 24.89 15.52
N GLU B 103 -38.61 23.68 15.29
CA GLU B 103 -37.24 23.31 15.58
C GLU B 103 -36.48 23.08 14.28
N PRO B 104 -35.15 22.87 14.34
CA PRO B 104 -34.37 22.71 13.09
C PRO B 104 -34.93 21.62 12.19
N PRO B 105 -34.98 21.89 10.88
CA PRO B 105 -35.51 20.92 9.90
C PRO B 105 -34.90 19.52 9.99
N GLU B 106 -33.65 19.38 10.42
CA GLU B 106 -33.08 18.03 10.51
C GLU B 106 -33.68 17.23 11.66
N SER B 107 -34.42 17.88 12.56
CA SER B 107 -35.05 17.15 13.64
C SER B 107 -36.11 16.17 13.15
N TYR B 108 -36.60 16.34 11.92
CA TYR B 108 -37.82 15.68 11.45
C TYR B 108 -37.52 14.65 10.37
N PRO B 109 -37.42 13.36 10.69
CA PRO B 109 -36.92 12.39 9.70
C PRO B 109 -37.89 12.09 8.58
N LEU B 110 -39.16 12.37 8.76
CA LEU B 110 -40.17 12.00 7.77
C LEU B 110 -40.82 13.22 7.14
N ARG B 111 -40.39 14.42 7.49
CA ARG B 111 -40.95 15.64 6.88
C ARG B 111 -40.64 15.63 5.40
N GLY B 112 -41.67 15.79 4.58
CA GLY B 112 -41.50 15.78 3.14
C GLY B 112 -41.83 14.47 2.43
N VAL B 113 -42.03 13.37 3.15
CA VAL B 113 -42.45 12.14 2.47
C VAL B 113 -43.84 12.33 1.86
N ARG B 114 -44.77 12.91 2.63
CA ARG B 114 -46.15 13.08 2.15
C ARG B 114 -46.15 13.83 0.83
N THR B 115 -45.44 14.95 0.78
CA THR B 115 -45.40 15.87 -0.34
C THR B 115 -44.40 15.47 -1.44
N GLY B 116 -43.64 14.39 -1.27
CA GLY B 116 -42.74 13.92 -2.32
C GLY B 116 -41.33 14.48 -2.32
N GLU B 117 -40.95 15.29 -1.32
CA GLU B 117 -39.57 15.74 -1.19
C GLU B 117 -38.65 14.60 -0.80
N LYS B 118 -39.14 13.66 -0.02
CA LYS B 118 -38.34 12.52 0.42
C LYS B 118 -38.99 11.26 -0.08
N LYS B 119 -38.15 10.28 -0.36
CA LYS B 119 -38.63 8.94 -0.60
C LYS B 119 -39.26 8.38 0.66
N PRO B 120 -40.33 7.62 0.54
CA PRO B 120 -40.97 7.03 1.72
C PRO B 120 -40.16 5.86 2.24
N PRO B 121 -40.30 5.53 3.52
CA PRO B 121 -39.73 4.29 4.03
C PRO B 121 -40.22 3.09 3.21
N PRO B 122 -39.41 2.05 3.10
CA PRO B 122 -39.78 0.90 2.25
C PRO B 122 -41.12 0.31 2.64
N GLY B 123 -41.99 0.15 1.65
CA GLY B 123 -43.30 -0.43 1.86
C GLY B 123 -44.45 0.54 1.95
N TYR B 124 -44.23 1.84 1.78
CA TYR B 124 -45.27 2.83 1.97
C TYR B 124 -45.29 3.83 0.81
N GLN B 125 -46.44 4.49 0.67
CA GLN B 125 -46.73 5.55 -0.28
C GLN B 125 -46.85 6.88 0.44
N PRO B 126 -46.69 8.01 -0.26
CA PRO B 126 -46.84 9.31 0.40
C PRO B 126 -48.18 9.45 1.12
N SER B 127 -49.23 8.78 0.65
CA SER B 127 -50.54 8.94 1.27
C SER B 127 -50.60 8.31 2.66
N ASP B 128 -49.63 7.47 3.02
CA ASP B 128 -49.58 6.91 4.36
C ASP B 128 -49.07 7.89 5.39
N PHE B 129 -48.67 9.10 4.97
CA PHE B 129 -48.14 10.11 5.87
C PHE B 129 -49.01 11.37 5.86
N ALA B 130 -50.29 11.24 5.49
CA ALA B 130 -51.27 12.31 5.58
C ALA B 130 -52.31 11.99 6.66
N ILE B 131 -53.18 12.95 6.91
CA ILE B 131 -54.40 12.75 7.70
C ILE B 131 -55.39 11.89 6.91
N PRO B 132 -55.79 10.70 7.41
CA PRO B 132 -56.73 9.86 6.66
C PRO B 132 -58.18 10.02 7.09
N LYS B 133 -59.11 9.77 6.16
CA LYS B 133 -60.51 9.57 6.52
C LYS B 133 -60.64 8.38 7.46
N LEU B 134 -61.58 8.46 8.42
CA LEU B 134 -61.82 7.27 9.25
C LEU B 134 -62.26 6.08 8.40
N ALA B 135 -62.97 6.35 7.30
CA ALA B 135 -63.48 5.30 6.43
C ALA B 135 -62.34 4.53 5.79
N ASP B 136 -61.20 5.17 5.58
CA ASP B 136 -60.05 4.54 4.97
C ASP B 136 -59.25 3.71 5.96
N VAL B 137 -59.25 4.11 7.24
CA VAL B 137 -58.58 3.30 8.24
C VAL B 137 -59.34 2.00 8.46
N LEU B 138 -60.66 2.11 8.66
CA LEU B 138 -61.49 0.92 8.83
C LEU B 138 -61.36 -0.02 7.63
N GLU B 139 -61.22 0.56 6.44
CA GLU B 139 -61.05 -0.23 5.22
C GLU B 139 -59.71 -0.95 5.21
N ALA B 140 -58.68 -0.32 5.77
CA ALA B 140 -57.36 -0.93 5.82
C ALA B 140 -57.22 -1.92 6.96
N PHE B 141 -58.09 -1.90 7.96
CA PHE B 141 -58.00 -2.85 9.07
C PHE B 141 -59.36 -3.52 9.26
N PRO B 142 -59.77 -4.36 8.30
CA PRO B 142 -61.11 -4.97 8.39
C PRO B 142 -61.29 -5.88 9.60
N ARG B 143 -60.21 -6.40 10.19
CA ARG B 143 -60.36 -7.40 11.24
C ARG B 143 -59.60 -7.04 12.51
N THR B 144 -59.20 -5.78 12.66
CA THR B 144 -58.50 -5.33 13.85
C THR B 144 -59.41 -4.44 14.66
N PRO B 145 -59.59 -4.72 15.95
CA PRO B 145 -60.48 -3.88 16.76
C PRO B 145 -59.91 -2.48 16.97
N ILE B 146 -60.79 -1.49 17.00
CA ILE B 146 -60.36 -0.09 17.04
C ILE B 146 -61.04 0.64 18.19
N ASN B 147 -60.23 1.31 18.99
CA ASN B 147 -60.68 2.23 20.02
C ASN B 147 -60.82 3.63 19.42
N ILE B 148 -62.03 4.18 19.38
CA ILE B 148 -62.26 5.48 18.75
C ILE B 148 -62.77 6.48 19.78
N GLU B 149 -62.10 7.62 19.85
CA GLU B 149 -62.44 8.68 20.78
C GLU B 149 -62.98 9.90 20.04
N ILE B 150 -64.16 10.36 20.46
CA ILE B 150 -64.85 11.49 19.85
C ILE B 150 -64.28 12.78 20.42
N LYS B 151 -63.73 13.62 19.56
CA LYS B 151 -63.19 14.90 19.96
C LYS B 151 -64.08 16.01 19.42
N GLY B 152 -63.85 17.22 19.93
CA GLY B 152 -64.57 18.38 19.44
C GLY B 152 -63.66 19.58 19.22
N THR B 153 -64.28 20.73 18.93
CA THR B 153 -63.56 21.95 18.55
C THR B 153 -62.92 22.64 19.74
N SER B 154 -63.48 22.47 20.94
CA SER B 154 -62.94 23.02 22.16
C SER B 154 -63.76 22.45 23.29
N ASP B 155 -63.22 22.51 24.51
CA ASP B 155 -63.89 21.82 25.61
C ASP B 155 -65.24 22.44 25.93
N ALA B 156 -65.48 23.68 25.54
CA ALA B 156 -66.71 24.41 25.80
C ALA B 156 -67.69 24.34 24.64
N ASP B 157 -67.41 23.55 23.61
CA ASP B 157 -68.21 23.51 22.40
C ASP B 157 -68.96 22.18 22.36
N ILE B 158 -70.01 22.10 23.17
CA ILE B 158 -70.82 20.86 23.24
C ILE B 158 -71.40 20.48 21.88
N PRO B 159 -71.99 21.40 21.10
CA PRO B 159 -72.46 20.99 19.75
C PRO B 159 -71.42 20.35 18.86
N SER B 160 -70.13 20.72 18.94
CA SER B 160 -69.15 20.05 18.09
C SER B 160 -69.04 18.58 18.44
N PHE B 161 -68.98 18.26 19.74
CA PHE B 161 -68.92 16.86 20.18
C PHE B 161 -70.15 16.08 19.69
N LEU B 162 -71.33 16.70 19.78
CA LEU B 162 -72.58 16.03 19.40
C LEU B 162 -72.65 15.83 17.90
N HIS B 163 -72.25 16.86 17.14
CA HIS B 163 -72.10 16.69 15.70
C HIS B 163 -71.14 15.55 15.36
N ASN B 164 -70.03 15.43 16.09
CA ASN B 164 -69.05 14.41 15.73
C ASN B 164 -69.53 13.02 16.13
N ALA B 165 -70.24 12.93 17.24
CA ALA B 165 -70.79 11.63 17.64
C ALA B 165 -71.85 11.14 16.64
N LYS B 166 -72.72 12.04 16.16
CA LYS B 166 -73.74 11.67 15.19
C LYS B 166 -73.11 11.15 13.89
N LEU B 167 -72.08 11.82 13.39
CA LEU B 167 -71.45 11.35 12.16
C LEU B 167 -70.81 9.97 12.37
N LEU B 168 -70.26 9.75 13.56
CA LEU B 168 -69.58 8.50 13.86
C LEU B 168 -70.56 7.34 13.97
N ALA B 169 -71.74 7.58 14.55
CA ALA B 169 -72.71 6.50 14.63
C ALA B 169 -73.17 6.08 13.23
N ARG B 170 -73.49 7.05 12.38
CA ARG B 170 -73.85 6.74 11.00
C ARG B 170 -72.76 5.92 10.30
N LEU B 171 -71.50 6.32 10.45
CA LEU B 171 -70.43 5.64 9.74
C LEU B 171 -70.24 4.20 10.26
N LEU B 172 -70.16 4.01 11.59
CA LEU B 172 -69.91 2.68 12.13
C LEU B 172 -71.11 1.74 11.96
N LYS B 173 -72.33 2.26 12.09
CA LYS B 173 -73.50 1.41 11.93
C LYS B 173 -73.55 0.80 10.54
N LYS B 174 -73.23 1.60 9.53
CA LYS B 174 -73.19 1.13 8.15
C LYS B 174 -72.15 0.02 7.97
N THR B 175 -71.09 -0.02 8.78
CA THR B 175 -70.07 -1.07 8.60
C THR B 175 -70.58 -2.42 9.06
N GLY B 176 -71.51 -2.44 10.02
CA GLY B 176 -71.93 -3.67 10.62
C GLY B 176 -70.98 -4.23 11.66
N ARG B 177 -69.82 -3.62 11.85
CA ARG B 177 -68.85 -4.14 12.80
C ARG B 177 -69.18 -3.70 14.23
N THR B 178 -68.85 -4.55 15.17
CA THR B 178 -69.00 -4.21 16.57
C THR B 178 -67.71 -4.51 17.35
N ASP B 179 -66.60 -4.71 16.65
CA ASP B 179 -65.30 -4.85 17.30
C ASP B 179 -64.65 -3.50 17.54
N PHE B 180 -65.42 -2.60 18.18
CA PHE B 180 -65.00 -1.26 18.54
C PHE B 180 -65.22 -1.02 20.02
N ILE B 181 -64.58 0.04 20.52
CA ILE B 181 -64.98 0.71 21.75
C ILE B 181 -64.98 2.20 21.44
N VAL B 182 -66.08 2.87 21.77
CA VAL B 182 -66.23 4.27 21.45
C VAL B 182 -66.35 5.04 22.76
N THR B 183 -65.75 6.21 22.81
CA THR B 183 -65.71 6.94 24.06
C THR B 183 -65.39 8.38 23.75
N SER B 184 -65.30 9.17 24.80
CA SER B 184 -65.10 10.61 24.67
C SER B 184 -64.83 11.14 26.05
N LEU B 185 -64.00 12.17 26.14
CA LEU B 185 -63.92 12.85 27.43
C LEU B 185 -65.23 13.53 27.77
N ASN B 186 -66.04 13.78 26.76
CA ASN B 186 -67.31 14.48 26.91
C ASN B 186 -68.43 13.44 27.09
N ASP B 187 -69.12 13.51 28.23
CA ASP B 187 -70.13 12.51 28.56
C ASP B 187 -71.36 12.59 27.66
N LEU B 188 -71.75 13.80 27.24
CA LEU B 188 -72.83 13.91 26.28
C LEU B 188 -72.51 13.19 24.98
N ALA B 189 -71.27 13.36 24.50
CA ALA B 189 -70.85 12.71 23.26
C ALA B 189 -71.06 11.22 23.33
N VAL B 190 -70.60 10.60 24.41
CA VAL B 190 -70.86 9.18 24.65
C VAL B 190 -72.36 8.88 24.61
N ALA B 191 -73.16 9.68 25.36
CA ALA B 191 -74.60 9.43 25.42
C ALA B 191 -75.24 9.58 24.05
N LYS B 192 -74.88 10.62 23.31
CA LYS B 192 -75.45 10.81 21.98
C LYS B 192 -75.11 9.63 21.07
N PHE B 193 -73.89 9.12 21.16
CA PHE B 193 -73.49 8.03 20.28
C PHE B 193 -74.23 6.75 20.63
N HIS B 194 -74.27 6.41 21.92
CA HIS B 194 -74.95 5.19 22.35
C HIS B 194 -76.42 5.21 21.94
N LEU B 195 -77.06 6.39 22.03
CA LEU B 195 -78.43 6.55 21.57
C LEU B 195 -78.59 6.06 20.14
N LEU B 196 -77.61 6.38 19.28
CA LEU B 196 -77.73 6.13 17.85
C LEU B 196 -77.17 4.78 17.42
N ALA B 197 -76.13 4.27 18.09
CA ALA B 197 -75.51 3.00 17.73
C ALA B 197 -75.45 2.12 18.96
N PRO B 198 -76.60 1.61 19.41
CA PRO B 198 -76.62 0.96 20.73
C PRO B 198 -75.89 -0.37 20.78
N ASP B 199 -75.55 -0.98 19.65
CA ASP B 199 -74.87 -2.26 19.70
C ASP B 199 -73.35 -2.16 19.72
N ILE B 200 -72.79 -0.96 19.79
CA ILE B 200 -71.34 -0.78 19.74
C ILE B 200 -70.85 -0.47 21.15
N PRO B 201 -69.89 -1.23 21.67
CA PRO B 201 -69.43 -1.00 23.04
C PRO B 201 -68.93 0.43 23.26
N ILE B 202 -68.96 0.87 24.51
CA ILE B 202 -68.46 2.18 24.90
C ILE B 202 -67.65 2.07 26.18
N ALA B 203 -67.08 3.21 26.59
CA ALA B 203 -66.48 3.43 27.89
C ALA B 203 -66.93 4.83 28.27
N PRO B 204 -67.20 5.09 29.55
CA PRO B 204 -67.84 6.36 29.95
C PRO B 204 -66.93 7.56 29.78
N GLY B 205 -67.52 8.75 29.91
CA GLY B 205 -66.79 9.99 29.87
C GLY B 205 -66.19 10.36 31.21
N MET B 206 -65.64 11.58 31.27
CA MET B 206 -65.00 12.08 32.49
C MET B 206 -65.93 12.03 33.71
N ALA B 207 -67.12 12.62 33.59
CA ALA B 207 -68.02 12.65 34.74
C ALA B 207 -68.44 11.23 35.14
N GLY B 208 -68.80 10.40 34.17
CA GLY B 208 -69.10 9.01 34.47
C GLY B 208 -67.96 8.32 35.20
N LEU B 209 -66.72 8.64 34.81
CA LEU B 209 -65.57 8.03 35.45
C LEU B 209 -65.35 8.61 36.84
N ALA B 210 -65.52 9.93 36.98
CA ALA B 210 -65.43 10.56 38.29
C ALA B 210 -66.45 10.00 39.27
N ALA B 211 -67.71 9.84 38.83
CA ALA B 211 -68.76 9.31 39.69
C ALA B 211 -68.46 7.89 40.17
N TYR B 212 -67.99 7.01 39.28
CA TYR B 212 -67.76 5.62 39.67
C TYR B 212 -66.53 5.48 40.54
N PHE B 213 -65.53 6.33 40.34
CA PHE B 213 -64.30 6.20 41.11
C PHE B 213 -64.49 6.72 42.52
N LEU B 214 -65.18 7.85 42.66
CA LEU B 214 -65.33 8.47 43.97
C LEU B 214 -66.51 7.88 44.74
N LEU B 215 -67.66 7.64 44.07
CA LEU B 215 -68.90 7.25 44.74
C LEU B 215 -69.41 5.87 44.40
N GLY B 216 -68.75 5.13 43.51
CA GLY B 216 -69.32 3.85 43.10
C GLY B 216 -70.59 3.93 42.27
N VAL B 217 -71.01 5.12 41.85
CA VAL B 217 -72.12 5.23 40.89
C VAL B 217 -71.75 4.50 39.60
N LYS B 218 -72.64 3.61 39.15
CA LYS B 218 -72.17 2.80 38.04
C LYS B 218 -72.42 3.49 36.68
N PRO B 219 -71.48 3.36 35.74
CA PRO B 219 -71.56 4.14 34.50
C PRO B 219 -72.65 3.63 33.56
N MET B 220 -72.96 4.47 32.57
CA MET B 220 -74.05 4.24 31.60
C MET B 220 -74.06 2.82 31.03
N HIS B 221 -75.25 2.25 30.93
CA HIS B 221 -75.40 0.93 30.34
C HIS B 221 -74.79 0.89 28.94
N GLY B 222 -74.09 -0.20 28.63
CA GLY B 222 -73.26 -0.32 27.44
C GLY B 222 -71.77 -0.35 27.74
N THR B 223 -71.36 0.16 28.90
CA THR B 223 -69.96 0.22 29.25
C THR B 223 -69.38 -1.17 29.37
N VAL B 224 -68.35 -1.45 28.58
CA VAL B 224 -67.62 -2.71 28.68
C VAL B 224 -66.26 -2.53 29.32
N ALA B 225 -65.77 -1.29 29.44
CA ALA B 225 -64.44 -1.04 29.99
C ALA B 225 -64.38 0.35 30.62
N LEU B 226 -63.53 0.48 31.61
CA LEU B 226 -63.13 1.78 32.14
C LEU B 226 -61.78 2.13 31.51
N GLN B 227 -61.73 3.26 30.81
CA GLN B 227 -60.51 3.71 30.14
C GLN B 227 -60.03 4.97 30.85
N ILE B 228 -58.96 4.81 31.62
CA ILE B 228 -58.56 5.77 32.64
C ILE B 228 -57.14 6.25 32.38
N PRO B 229 -56.77 7.44 32.84
CA PRO B 229 -55.36 7.81 32.90
C PRO B 229 -54.70 7.14 34.10
N VAL B 230 -53.37 7.25 34.15
CA VAL B 230 -52.67 6.72 35.33
C VAL B 230 -53.04 7.53 36.55
N ARG B 231 -53.16 8.84 36.38
CA ARG B 231 -53.27 9.75 37.50
C ARG B 231 -54.02 10.98 37.01
N TYR B 232 -54.88 11.54 37.87
CA TYR B 232 -55.63 12.73 37.53
C TYR B 232 -55.44 13.75 38.63
N GLN B 233 -54.83 14.88 38.29
CA GLN B 233 -54.65 15.97 39.25
C GLN B 233 -53.86 15.50 40.47
N GLY B 234 -52.73 14.83 40.21
CA GLY B 234 -51.92 14.30 41.27
C GLY B 234 -52.50 13.13 42.04
N LEU B 235 -53.74 12.70 41.77
CA LEU B 235 -54.35 11.56 42.44
C LEU B 235 -54.24 10.30 41.59
N GLU B 236 -53.70 9.23 42.18
CA GLU B 236 -53.50 7.96 41.50
C GLU B 236 -54.84 7.26 41.24
N ILE B 237 -55.12 6.94 39.98
CA ILE B 237 -56.35 6.25 39.58
C ILE B 237 -56.08 4.79 39.22
N ALA B 238 -55.02 4.53 38.45
CA ALA B 238 -54.69 3.18 38.01
C ALA B 238 -54.05 2.38 39.15
N THR B 239 -54.82 2.27 40.26
CA THR B 239 -54.48 1.56 41.48
C THR B 239 -54.87 0.09 41.38
N PRO B 240 -54.16 -0.81 42.06
CA PRO B 240 -54.61 -2.20 42.10
C PRO B 240 -55.99 -2.39 42.75
N GLU B 241 -56.33 -1.55 43.73
CA GLU B 241 -57.64 -1.64 44.39
C GLU B 241 -58.77 -1.20 43.47
N PHE B 242 -58.59 -0.07 42.78
CA PHE B 242 -59.66 0.39 41.89
C PHE B 242 -59.89 -0.59 40.75
N ILE B 243 -58.84 -1.27 40.32
CA ILE B 243 -58.98 -2.18 39.18
C ILE B 243 -59.65 -3.49 39.59
N ARG B 244 -59.35 -3.97 40.80
CA ARG B 244 -60.01 -5.18 41.29
C ARG B 244 -61.48 -4.91 41.59
N ARG B 245 -61.80 -3.70 42.05
CA ARG B 245 -63.21 -3.31 42.20
C ARG B 245 -63.90 -3.26 40.84
N ALA B 246 -63.22 -2.71 39.83
CA ALA B 246 -63.84 -2.61 38.51
C ALA B 246 -64.04 -3.98 37.89
N HIS B 247 -63.06 -4.87 38.10
CA HIS B 247 -63.19 -6.25 37.63
C HIS B 247 -64.33 -6.96 38.34
N ALA B 248 -64.54 -6.65 39.63
CA ALA B 248 -65.64 -7.23 40.37
C ALA B 248 -66.99 -6.76 39.87
N ASP B 249 -67.04 -5.60 39.21
CA ASP B 249 -68.30 -5.06 38.72
C ASP B 249 -68.52 -5.37 37.25
N GLY B 250 -67.68 -6.21 36.66
CA GLY B 250 -67.85 -6.62 35.28
C GLY B 250 -67.26 -5.70 34.24
N TYR B 251 -66.37 -4.78 34.63
CA TYR B 251 -65.75 -3.82 33.72
C TYR B 251 -64.28 -4.14 33.51
N ALA B 252 -63.85 -4.22 32.24
CA ALA B 252 -62.42 -4.27 32.01
C ALA B 252 -61.83 -2.89 32.22
N VAL B 253 -60.52 -2.83 32.42
CA VAL B 253 -59.84 -1.55 32.60
C VAL B 253 -58.73 -1.42 31.57
N HIS B 254 -58.65 -0.25 30.93
CA HIS B 254 -57.66 0.14 29.94
C HIS B 254 -57.04 1.46 30.37
N VAL B 255 -55.70 1.52 30.40
CA VAL B 255 -54.98 2.66 30.98
C VAL B 255 -54.22 3.39 29.89
N TRP B 256 -54.29 4.71 29.92
CA TRP B 256 -53.52 5.55 29.03
C TRP B 256 -52.61 6.45 29.86
N PHE B 257 -51.68 7.11 29.18
CA PHE B 257 -50.57 7.80 29.84
C PHE B 257 -50.59 9.28 29.52
N SER B 258 -50.01 9.67 28.38
CA SER B 258 -50.27 10.97 27.78
C SER B 258 -50.00 12.11 28.75
N GLY B 259 -48.89 12.01 29.48
CA GLY B 259 -48.48 13.05 30.38
C GLY B 259 -48.95 12.90 31.81
N THR B 260 -49.95 12.09 32.08
CA THR B 260 -50.32 11.85 33.47
C THR B 260 -49.26 11.01 34.17
N ALA B 261 -48.47 10.27 33.41
CA ALA B 261 -47.36 9.46 33.90
C ALA B 261 -46.40 9.26 32.74
N PRO B 262 -45.12 9.00 33.00
CA PRO B 262 -44.18 8.81 31.89
C PRO B 262 -44.54 7.57 31.07
N ASP B 263 -44.21 7.63 29.77
CA ASP B 263 -44.30 6.46 28.90
C ASP B 263 -42.94 5.80 28.98
N ASP B 264 -42.76 4.86 29.93
CA ASP B 264 -41.48 4.15 30.01
C ASP B 264 -41.66 2.76 30.61
N GLU B 265 -40.54 2.06 30.76
CA GLU B 265 -40.57 0.65 31.13
C GLU B 265 -40.93 0.48 32.60
N ALA B 266 -40.45 1.37 33.46
CA ALA B 266 -40.86 1.35 34.85
C ALA B 266 -42.39 1.48 34.99
N THR B 267 -42.97 2.48 34.30
CA THR B 267 -44.40 2.74 34.43
C THR B 267 -45.24 1.64 33.75
N TYR B 268 -44.82 1.17 32.57
CA TYR B 268 -45.55 0.10 31.89
C TYR B 268 -45.66 -1.15 32.77
N ASN B 269 -44.55 -1.59 33.34
CA ASN B 269 -44.55 -2.82 34.15
C ASN B 269 -45.48 -2.68 35.35
N ARG B 270 -45.50 -1.52 35.99
CA ARG B 270 -46.36 -1.33 37.15
C ARG B 270 -47.83 -1.47 36.77
N ILE B 271 -48.24 -0.81 35.69
CA ILE B 271 -49.63 -0.90 35.24
C ILE B 271 -49.98 -2.33 34.87
N ILE B 272 -49.03 -3.07 34.28
CA ILE B 272 -49.24 -4.50 34.03
C ILE B 272 -49.47 -5.24 35.34
N ASP B 273 -48.69 -4.91 36.37
CA ASP B 273 -48.80 -5.63 37.63
C ASP B 273 -50.08 -5.29 38.36
N SER B 274 -50.60 -4.08 38.17
CA SER B 274 -51.85 -3.66 38.79
C SER B 274 -53.07 -4.26 38.10
N CYS B 275 -52.86 -5.25 37.23
CA CYS B 275 -53.90 -6.10 36.66
C CYS B 275 -54.74 -5.40 35.59
N ALA B 276 -54.26 -4.28 35.03
CA ALA B 276 -54.96 -3.67 33.91
C ALA B 276 -55.11 -4.66 32.75
N ASP B 277 -56.23 -4.54 32.03
CA ASP B 277 -56.49 -5.42 30.90
C ASP B 277 -55.85 -4.92 29.61
N GLY B 278 -55.57 -3.63 29.52
CA GLY B 278 -54.99 -3.06 28.32
C GLY B 278 -54.18 -1.83 28.64
N LEU B 279 -53.14 -1.62 27.84
CA LEU B 279 -52.30 -0.44 27.90
C LEU B 279 -52.37 0.30 26.57
N MET B 280 -52.34 1.62 26.63
CA MET B 280 -52.34 2.49 25.46
C MET B 280 -51.00 3.21 25.32
N PRO B 281 -49.94 2.50 24.91
CA PRO B 281 -48.60 3.06 25.00
C PRO B 281 -48.25 3.98 23.84
N ALA B 282 -47.49 5.03 24.16
CA ALA B 282 -46.96 5.89 23.12
C ALA B 282 -45.86 5.19 22.32
N TYR B 283 -45.26 4.13 22.90
CA TYR B 283 -44.20 3.31 22.32
C TYR B 283 -44.66 1.87 22.21
N PRO B 284 -45.52 1.55 21.23
CA PRO B 284 -46.07 0.19 21.18
C PRO B 284 -45.03 -0.89 20.91
N ALA B 285 -43.92 -0.58 20.20
CA ALA B 285 -42.87 -1.57 20.07
C ALA B 285 -42.21 -1.84 21.42
N LEU B 286 -42.10 -0.84 22.28
CA LEU B 286 -41.48 -1.07 23.57
C LEU B 286 -42.34 -1.99 24.42
N LEU B 287 -43.64 -1.72 24.47
CA LEU B 287 -44.56 -2.54 25.26
C LEU B 287 -44.56 -3.98 24.76
N GLU B 288 -44.44 -4.17 23.46
CA GLU B 288 -44.46 -5.52 22.92
C GLU B 288 -43.23 -6.30 23.36
N ARG B 289 -42.06 -5.68 23.32
CA ARG B 289 -40.86 -6.32 23.84
C ARG B 289 -41.04 -6.71 25.30
N ILE B 290 -41.70 -5.85 26.09
CA ILE B 290 -41.91 -6.14 27.50
C ILE B 290 -42.84 -7.34 27.66
N LEU B 291 -43.94 -7.37 26.90
CA LEU B 291 -44.90 -8.45 27.07
C LEU B 291 -44.32 -9.78 26.58
N ASP B 292 -43.64 -9.79 25.43
CA ASP B 292 -42.94 -10.98 24.98
C ASP B 292 -41.94 -11.46 26.02
N GLU B 293 -41.12 -10.53 26.53
CA GLU B 293 -40.04 -10.89 27.44
C GLU B 293 -40.57 -11.43 28.77
N ARG B 294 -41.65 -10.87 29.28
CA ARG B 294 -42.21 -11.39 30.53
C ARG B 294 -43.14 -12.59 30.32
N GLY B 295 -43.40 -12.99 29.08
CA GLY B 295 -44.34 -14.08 28.83
C GLY B 295 -45.76 -13.78 29.28
N ILE B 296 -46.15 -12.52 29.33
CA ILE B 296 -47.48 -12.18 29.81
C ILE B 296 -48.52 -12.73 28.84
N GLU B 297 -49.68 -13.10 29.40
CA GLU B 297 -50.80 -13.62 28.64
C GLU B 297 -51.32 -12.57 27.64
N ARG B 298 -51.71 -13.03 26.46
CA ARG B 298 -52.32 -12.21 25.44
C ARG B 298 -53.56 -12.93 24.93
N PRO B 299 -54.51 -12.21 24.32
CA PRO B 299 -55.68 -12.90 23.77
C PRO B 299 -55.27 -13.94 22.72
N GLY B 300 -55.76 -15.17 22.89
CA GLY B 300 -55.44 -16.28 22.02
C GLY B 300 -54.08 -16.92 22.27
N ARG B 301 -53.35 -16.48 23.28
CA ARG B 301 -52.02 -17.00 23.59
C ARG B 301 -51.83 -17.01 25.10
N PRO B 302 -51.99 -18.17 25.74
CA PRO B 302 -51.93 -18.23 27.20
C PRO B 302 -50.52 -17.99 27.72
N GLY B 303 -50.44 -17.45 28.92
CA GLY B 303 -49.14 -17.11 29.47
C GLY B 303 -49.21 -16.80 30.94
N VAL B 304 -48.24 -16.00 31.40
CA VAL B 304 -48.18 -15.58 32.80
C VAL B 304 -49.27 -14.56 33.09
N ASP B 305 -49.95 -14.73 34.22
CA ASP B 305 -50.91 -13.72 34.68
C ASP B 305 -50.23 -12.87 35.74
N PRO B 306 -50.04 -11.57 35.49
CA PRO B 306 -49.15 -10.78 36.34
C PRO B 306 -49.72 -10.43 37.70
N CYS B 307 -50.96 -10.78 38.00
CA CYS B 307 -51.59 -10.27 39.20
C CYS B 307 -51.49 -11.24 40.36
N ASP C 7 -18.11 -20.83 25.01
CA ASP C 7 -17.41 -20.04 24.01
C ASP C 7 -17.63 -18.54 24.24
N ASN C 8 -17.94 -17.79 23.17
CA ASN C 8 -18.08 -16.34 23.23
C ASN C 8 -19.54 -15.92 23.07
N PRO C 9 -20.21 -15.51 24.14
CA PRO C 9 -21.65 -15.18 24.01
C PRO C 9 -21.95 -14.06 23.02
N TRP C 10 -21.08 -13.05 22.92
CA TRP C 10 -21.32 -11.90 22.06
C TRP C 10 -21.46 -12.29 20.59
N LEU C 11 -20.96 -13.47 20.21
CA LEU C 11 -21.16 -13.95 18.85
C LEU C 11 -22.62 -14.19 18.53
N ASP C 12 -23.45 -14.40 19.53
CA ASP C 12 -24.88 -14.56 19.30
C ASP C 12 -25.67 -13.30 19.65
N ALA C 13 -25.01 -12.25 20.14
CA ALA C 13 -25.65 -10.95 20.43
C ALA C 13 -25.58 -10.12 19.18
N ARG C 14 -26.59 -10.26 18.32
CA ARG C 14 -26.57 -9.61 17.01
C ARG C 14 -27.99 -9.63 16.48
N VAL C 15 -28.31 -8.70 15.58
CA VAL C 15 -27.56 -7.48 15.31
C VAL C 15 -27.88 -6.38 16.35
N LEU C 16 -26.84 -5.85 16.99
CA LEU C 16 -27.01 -4.83 18.02
C LEU C 16 -27.14 -3.45 17.41
N ASN C 17 -28.12 -2.69 17.91
CA ASN C 17 -28.20 -1.25 17.73
C ASN C 17 -27.57 -0.65 18.98
N MET C 18 -26.38 -0.09 18.84
CA MET C 18 -25.61 0.42 19.97
C MET C 18 -25.55 1.95 19.88
N ALA C 19 -26.47 2.61 20.58
CA ALA C 19 -26.58 4.05 20.48
C ALA C 19 -25.26 4.75 20.82
N HIS C 20 -24.63 5.37 19.81
CA HIS C 20 -23.33 6.03 19.96
C HIS C 20 -23.48 7.26 20.84
N ALA C 21 -22.99 7.19 22.08
CA ALA C 21 -23.18 8.28 23.05
C ALA C 21 -24.67 8.65 23.15
N GLY C 22 -25.54 7.66 22.96
CA GLY C 22 -26.97 7.90 22.96
C GLY C 22 -27.58 8.27 21.61
N GLY C 23 -26.75 8.60 20.62
CA GLY C 23 -27.19 9.01 19.30
C GLY C 23 -26.90 10.50 19.12
N GLU C 24 -25.64 10.86 18.86
CA GLU C 24 -25.26 12.26 18.97
C GLU C 24 -25.94 13.15 17.95
N ASN C 25 -26.58 12.59 16.91
CA ASN C 25 -27.29 13.44 15.96
C ASN C 25 -28.80 13.53 16.20
N GLU C 26 -29.41 12.68 17.04
CA GLU C 26 -30.82 12.82 17.40
C GLU C 26 -31.03 13.39 18.80
N ALA C 27 -29.99 13.50 19.62
CA ALA C 27 -30.15 13.89 21.02
C ALA C 27 -28.80 14.34 21.56
N PRO C 28 -28.78 15.14 22.63
CA PRO C 28 -27.49 15.60 23.20
C PRO C 28 -26.65 14.44 23.69
N ALA C 29 -25.43 14.36 23.17
CA ALA C 29 -24.52 13.24 23.45
C ALA C 29 -24.25 13.06 24.94
N ASN C 30 -24.29 11.81 25.39
CA ASN C 30 -23.83 11.45 26.72
C ASN C 30 -24.65 12.09 27.86
N THR C 31 -25.98 12.11 27.72
CA THR C 31 -26.90 12.54 28.77
C THR C 31 -27.91 11.43 29.06
N LEU C 32 -28.44 11.42 30.28
CA LEU C 32 -29.47 10.44 30.60
C LEU C 32 -30.66 10.53 29.65
N TYR C 33 -30.97 11.72 29.13
CA TYR C 33 -32.07 11.83 28.18
C TYR C 33 -31.77 11.02 26.93
N ALA C 34 -30.57 11.22 26.35
CA ALA C 34 -30.23 10.52 25.12
C ALA C 34 -30.22 9.01 25.32
N PHE C 35 -29.74 8.56 26.48
CA PHE C 35 -29.66 7.12 26.72
C PHE C 35 -31.03 6.51 26.90
N LYS C 36 -31.87 7.16 27.74
CA LYS C 36 -33.22 6.64 27.97
C LYS C 36 -34.03 6.65 26.69
N ARG C 37 -33.96 7.75 25.94
CA ARG C 37 -34.67 7.82 24.67
C ARG C 37 -34.20 6.74 23.71
N ALA C 38 -32.89 6.52 23.64
CA ALA C 38 -32.40 5.53 22.69
C ALA C 38 -32.95 4.15 23.05
N VAL C 39 -32.88 3.78 24.33
CA VAL C 39 -33.31 2.44 24.71
C VAL C 39 -34.80 2.28 24.47
N LYS C 40 -35.58 3.33 24.75
CA LYS C 40 -37.00 3.24 24.48
C LYS C 40 -37.28 3.11 22.98
N LEU C 41 -36.43 3.68 22.12
CA LEU C 41 -36.63 3.53 20.69
C LEU C 41 -35.97 2.28 20.12
N GLY C 42 -35.45 1.39 20.97
CA GLY C 42 -35.08 0.06 20.51
C GLY C 42 -33.61 -0.25 20.54
N ALA C 43 -32.76 0.68 20.95
CA ALA C 43 -31.34 0.38 21.12
C ALA C 43 -31.17 -0.83 22.03
N ASN C 44 -30.33 -1.76 21.59
CA ASN C 44 -30.00 -2.95 22.39
C ASN C 44 -28.92 -2.67 23.41
N MET C 45 -28.14 -1.60 23.24
CA MET C 45 -26.96 -1.35 24.05
C MET C 45 -26.62 0.13 23.95
N LEU C 46 -26.05 0.67 25.02
CA LEU C 46 -25.52 2.02 25.05
C LEU C 46 -24.00 2.01 24.83
N GLU C 47 -23.49 2.95 24.06
CA GLU C 47 -22.05 3.25 24.02
C GLU C 47 -21.83 4.60 24.69
N LEU C 48 -20.82 4.69 25.53
CA LEU C 48 -20.55 5.94 26.22
C LEU C 48 -19.08 6.07 26.54
N ASP C 49 -18.70 7.30 26.93
CA ASP C 49 -17.32 7.71 27.21
C ASP C 49 -17.21 8.18 28.66
N VAL C 50 -16.08 7.89 29.32
CA VAL C 50 -15.90 8.29 30.71
C VAL C 50 -14.62 9.10 30.88
N GLN C 51 -14.72 10.17 31.68
CA GLN C 51 -13.62 10.94 32.26
C GLN C 51 -13.80 10.98 33.77
N SER C 52 -12.83 11.56 34.48
CA SER C 52 -12.89 11.72 35.93
C SER C 52 -12.72 13.18 36.33
N THR C 53 -13.42 13.55 37.41
CA THR C 53 -13.39 14.91 37.97
C THR C 53 -12.27 15.07 38.97
N LYS C 54 -12.06 16.32 39.39
CA LYS C 54 -11.08 16.64 40.42
C LYS C 54 -11.29 15.81 41.68
N ASP C 55 -12.56 15.57 42.08
CA ASP C 55 -12.82 14.70 43.22
C ASP C 55 -13.02 13.23 42.81
N ASP C 56 -12.44 12.81 41.67
CA ASP C 56 -12.30 11.40 41.35
C ASP C 56 -13.63 10.70 41.17
N GLN C 57 -14.58 11.36 40.54
CA GLN C 57 -15.83 10.74 40.15
C GLN C 57 -15.83 10.55 38.64
N LEU C 58 -16.21 9.34 38.19
CA LEU C 58 -16.36 9.07 36.76
C LEU C 58 -17.63 9.72 36.22
N VAL C 59 -17.48 10.52 35.18
CA VAL C 59 -18.61 11.20 34.58
C VAL C 59 -18.63 10.86 33.10
N VAL C 60 -19.82 10.86 32.51
CA VAL C 60 -19.96 10.46 31.11
C VAL C 60 -19.82 11.71 30.24
N ILE C 61 -18.75 11.74 29.47
CA ILE C 61 -18.46 12.87 28.58
C ILE C 61 -17.28 12.50 27.68
N HIS C 62 -17.33 12.92 26.41
CA HIS C 62 -16.34 12.52 25.42
C HIS C 62 -15.05 13.30 25.58
N ASN C 63 -15.13 14.63 25.43
CA ASN C 63 -13.95 15.48 25.39
C ASN C 63 -13.33 15.62 26.78
N ALA C 64 -12.05 16.01 26.77
CA ALA C 64 -11.33 16.33 28.00
C ALA C 64 -11.79 17.64 28.61
N THR C 65 -12.45 18.49 27.84
CA THR C 65 -13.00 19.76 28.30
C THR C 65 -14.50 19.80 28.08
N VAL C 66 -15.17 20.67 28.86
CA VAL C 66 -16.62 20.81 28.78
C VAL C 66 -17.06 21.84 27.73
N ASP C 67 -16.10 22.41 26.96
CA ASP C 67 -16.39 23.56 26.09
C ASP C 67 -17.36 23.23 24.95
N GLN C 68 -17.19 22.07 24.29
CA GLN C 68 -17.96 21.85 23.07
C GLN C 68 -19.41 21.53 23.38
N THR C 69 -19.67 20.74 24.42
CA THR C 69 -21.01 20.21 24.66
C THR C 69 -21.77 20.90 25.80
N THR C 70 -21.23 21.95 26.42
CA THR C 70 -21.92 22.59 27.54
C THR C 70 -21.76 24.10 27.46
N ASP C 71 -22.28 24.80 28.45
CA ASP C 71 -22.13 26.25 28.51
C ASP C 71 -20.83 26.69 29.19
N GLY C 72 -20.11 25.80 29.86
CA GLY C 72 -18.93 26.19 30.62
C GLY C 72 -17.62 26.07 29.84
N THR C 73 -16.52 26.12 30.62
CA THR C 73 -15.15 26.06 30.10
C THR C 73 -14.30 25.25 31.07
N GLY C 74 -13.27 24.61 30.54
CA GLY C 74 -12.26 24.01 31.40
C GLY C 74 -12.22 22.49 31.27
N LYS C 75 -11.10 21.92 31.72
CA LYS C 75 -10.90 20.49 31.75
C LYS C 75 -11.76 19.86 32.83
N VAL C 76 -12.30 18.67 32.51
CA VAL C 76 -13.09 17.90 33.48
C VAL C 76 -12.24 17.54 34.71
N ARG C 77 -10.96 17.18 34.51
CA ARG C 77 -10.14 16.85 35.68
C ARG C 77 -9.88 18.04 36.60
N ASP C 78 -10.16 19.28 36.17
CA ASP C 78 -10.01 20.49 37.02
C ASP C 78 -11.30 20.91 37.70
N LEU C 79 -12.39 20.20 37.53
CA LEU C 79 -13.66 20.61 38.09
C LEU C 79 -14.17 19.52 39.03
N THR C 80 -14.78 19.93 40.14
CA THR C 80 -15.50 18.98 40.97
C THR C 80 -16.72 18.47 40.22
N PHE C 81 -17.27 17.36 40.69
CA PHE C 81 -18.53 16.91 40.12
C PHE C 81 -19.65 17.92 40.31
N GLU C 82 -19.67 18.63 41.44
CA GLU C 82 -20.69 19.65 41.67
C GLU C 82 -20.59 20.77 40.64
N GLN C 83 -19.37 21.21 40.30
CA GLN C 83 -19.25 22.19 39.22
C GLN C 83 -19.62 21.57 37.88
N VAL C 84 -19.28 20.31 37.66
CA VAL C 84 -19.55 19.71 36.36
C VAL C 84 -21.05 19.47 36.18
N HIS C 85 -21.72 19.04 37.26
CA HIS C 85 -23.13 18.65 37.19
C HIS C 85 -24.05 19.84 37.01
N GLU C 86 -23.56 21.06 37.29
CA GLU C 86 -24.38 22.25 37.16
C GLU C 86 -24.57 22.65 35.69
N LEU C 87 -23.66 22.26 34.81
CA LEU C 87 -23.64 22.76 33.44
C LEU C 87 -24.80 22.19 32.63
N ASP C 88 -25.12 22.86 31.51
CA ASP C 88 -26.20 22.46 30.62
C ASP C 88 -25.61 21.58 29.52
N ALA C 89 -25.84 20.27 29.58
CA ALA C 89 -25.17 19.40 28.62
C ALA C 89 -25.92 19.26 27.31
N ALA C 90 -26.91 20.12 27.07
CA ALA C 90 -27.58 20.19 25.79
C ALA C 90 -27.38 21.55 25.16
N TYR C 91 -26.51 22.37 25.76
CA TYR C 91 -26.43 23.79 25.43
C TYR C 91 -26.09 24.03 23.98
N ASN C 92 -25.32 23.14 23.37
CA ASN C 92 -24.83 23.33 22.01
C ASN C 92 -25.31 22.22 21.08
N PHE C 93 -26.29 21.43 21.52
CA PHE C 93 -26.80 20.37 20.66
C PHE C 93 -27.58 20.96 19.49
N ILE C 94 -27.21 20.55 18.27
CA ILE C 94 -27.89 20.95 17.06
C ILE C 94 -28.23 19.67 16.29
N PRO C 95 -29.51 19.35 16.09
CA PRO C 95 -29.89 18.11 15.43
C PRO C 95 -29.16 17.92 14.10
N GLY C 96 -28.68 16.72 13.86
CA GLY C 96 -27.92 16.45 12.67
C GLY C 96 -26.47 16.89 12.69
N ARG C 97 -26.05 17.67 13.71
CA ARG C 97 -24.68 18.21 13.72
C ARG C 97 -23.98 18.06 15.07
N HIS C 98 -24.51 17.23 15.96
CA HIS C 98 -23.93 16.99 17.28
C HIS C 98 -23.83 18.34 17.99
N ALA C 99 -22.64 18.82 18.38
CA ALA C 99 -22.52 19.98 19.26
C ALA C 99 -21.61 21.03 18.66
N VAL C 100 -22.13 22.24 18.46
CA VAL C 100 -21.41 23.30 17.76
C VAL C 100 -21.66 24.64 18.44
N PRO C 101 -20.72 25.15 19.25
CA PRO C 101 -20.99 26.40 19.97
C PRO C 101 -20.96 27.63 19.07
N GLY C 102 -21.63 28.68 19.53
CA GLY C 102 -21.46 29.99 18.95
C GLY C 102 -22.48 30.42 17.91
N GLU C 103 -23.42 29.57 17.55
CA GLU C 103 -24.39 29.89 16.50
C GLU C 103 -25.57 30.66 17.09
N PRO C 104 -26.47 31.17 16.24
CA PRO C 104 -27.66 31.88 16.75
C PRO C 104 -28.47 31.01 17.70
N PRO C 105 -29.07 31.62 18.73
CA PRO C 105 -29.72 30.82 19.78
C PRO C 105 -30.84 29.91 19.30
N GLU C 106 -31.53 30.24 18.20
CA GLU C 106 -32.62 29.36 17.78
C GLU C 106 -32.13 28.07 17.13
N SER C 107 -30.82 27.88 16.96
CA SER C 107 -30.35 26.62 16.43
C SER C 107 -30.38 25.50 17.45
N TYR C 108 -30.65 25.81 18.73
CA TYR C 108 -30.46 24.88 19.84
C TYR C 108 -31.79 24.53 20.48
N PRO C 109 -32.41 23.43 20.10
CA PRO C 109 -33.80 23.19 20.54
C PRO C 109 -33.89 22.75 21.98
N LEU C 110 -32.82 22.23 22.59
CA LEU C 110 -32.91 21.74 23.95
C LEU C 110 -32.12 22.58 24.93
N ARG C 111 -31.47 23.65 24.47
CA ARG C 111 -30.79 24.56 25.37
C ARG C 111 -31.79 25.16 26.38
N GLY C 112 -31.41 25.15 27.66
CA GLY C 112 -32.20 25.76 28.70
C GLY C 112 -33.07 24.81 29.48
N VAL C 113 -33.30 23.59 28.99
CA VAL C 113 -34.03 22.60 29.77
C VAL C 113 -33.31 22.30 31.08
N ARG C 114 -31.99 22.14 31.01
CA ARG C 114 -31.26 21.72 32.21
C ARG C 114 -31.36 22.76 33.32
N THR C 115 -31.38 24.05 32.97
CA THR C 115 -31.31 25.14 33.93
C THR C 115 -32.69 25.75 34.23
N GLY C 116 -33.75 25.07 33.83
CA GLY C 116 -35.09 25.54 34.10
C GLY C 116 -35.62 26.64 33.21
N GLU C 117 -34.89 27.04 32.17
CA GLU C 117 -35.40 28.10 31.29
C GLU C 117 -36.40 27.60 30.28
N LYS C 118 -36.41 26.30 30.01
CA LYS C 118 -37.29 25.70 29.03
C LYS C 118 -37.85 24.43 29.65
N LYS C 119 -39.08 24.10 29.29
CA LYS C 119 -39.73 22.93 29.85
C LYS C 119 -39.07 21.67 29.28
N PRO C 120 -38.90 20.63 30.08
CA PRO C 120 -38.33 19.39 29.56
C PRO C 120 -39.32 18.71 28.63
N PRO C 121 -38.86 17.80 27.78
CA PRO C 121 -39.79 16.92 27.10
C PRO C 121 -40.56 16.12 28.12
N PRO C 122 -41.83 15.81 27.85
CA PRO C 122 -42.61 15.05 28.83
C PRO C 122 -41.97 13.70 29.14
N GLY C 123 -41.95 13.38 30.44
CA GLY C 123 -41.30 12.21 30.97
C GLY C 123 -40.00 12.51 31.71
N TYR C 124 -39.30 13.58 31.33
CA TYR C 124 -37.92 13.76 31.73
C TYR C 124 -37.80 14.93 32.71
N GLN C 125 -36.67 14.97 33.38
CA GLN C 125 -36.38 16.00 34.37
C GLN C 125 -35.17 16.81 33.93
N PRO C 126 -34.98 18.01 34.49
CA PRO C 126 -33.81 18.82 34.10
C PRO C 126 -32.49 18.07 34.22
N SER C 127 -32.35 17.23 35.25
CA SER C 127 -31.10 16.53 35.50
C SER C 127 -30.75 15.55 34.39
N ASP C 128 -31.73 15.11 33.60
CA ASP C 128 -31.48 14.27 32.44
C ASP C 128 -30.69 14.98 31.35
N PHE C 129 -30.51 16.30 31.48
CA PHE C 129 -29.76 17.06 30.49
C PHE C 129 -28.45 17.59 31.05
N ALA C 130 -27.95 16.96 32.10
CA ALA C 130 -26.66 17.26 32.70
C ALA C 130 -25.64 16.18 32.34
N ILE C 131 -24.36 16.50 32.55
CA ILE C 131 -23.32 15.49 32.57
C ILE C 131 -23.58 14.55 33.73
N PRO C 132 -23.91 13.28 33.51
CA PRO C 132 -24.25 12.38 34.61
C PRO C 132 -23.03 11.66 35.16
N LYS C 133 -23.18 11.16 36.39
CA LYS C 133 -22.26 10.16 36.91
C LYS C 133 -22.46 8.85 36.17
N LEU C 134 -21.34 8.18 35.88
CA LEU C 134 -21.44 6.82 35.38
C LEU C 134 -22.23 5.96 36.36
N ALA C 135 -22.04 6.17 37.66
CA ALA C 135 -22.82 5.44 38.67
C ALA C 135 -24.33 5.58 38.43
N ASP C 136 -24.77 6.79 38.04
CA ASP C 136 -26.19 7.01 37.86
C ASP C 136 -26.69 6.36 36.57
N VAL C 137 -25.86 6.31 35.53
CA VAL C 137 -26.27 5.62 34.31
C VAL C 137 -26.46 4.14 34.60
N LEU C 138 -25.57 3.57 35.41
CA LEU C 138 -25.62 2.15 35.72
C LEU C 138 -26.89 1.80 36.49
N GLU C 139 -27.19 2.60 37.51
CA GLU C 139 -28.41 2.45 38.30
C GLU C 139 -29.67 2.69 37.47
N ALA C 140 -29.59 3.55 36.44
CA ALA C 140 -30.73 3.79 35.56
C ALA C 140 -30.91 2.70 34.51
N PHE C 141 -29.88 1.90 34.22
CA PHE C 141 -29.95 0.85 33.20
C PHE C 141 -29.43 -0.45 33.80
N PRO C 142 -30.22 -1.08 34.68
CA PRO C 142 -29.71 -2.27 35.39
C PRO C 142 -29.64 -3.50 34.52
N ARG C 143 -30.45 -3.57 33.45
CA ARG C 143 -30.59 -4.74 32.61
C ARG C 143 -30.22 -4.44 31.17
N THR C 144 -29.49 -3.36 30.92
CA THR C 144 -29.07 -3.02 29.57
C THR C 144 -27.54 -3.07 29.47
N PRO C 145 -27.00 -3.84 28.53
CA PRO C 145 -25.54 -3.91 28.39
C PRO C 145 -25.00 -2.55 27.98
N ILE C 146 -23.82 -2.21 28.52
CA ILE C 146 -23.21 -0.91 28.27
C ILE C 146 -21.78 -1.09 27.75
N ASN C 147 -21.47 -0.37 26.66
CA ASN C 147 -20.13 -0.26 26.09
C ASN C 147 -19.46 0.98 26.64
N ILE C 148 -18.31 0.83 27.29
CA ILE C 148 -17.67 1.94 27.99
C ILE C 148 -16.27 2.13 27.45
N GLU C 149 -15.95 3.38 27.09
CA GLU C 149 -14.64 3.71 26.56
C GLU C 149 -13.94 4.68 27.50
N ILE C 150 -12.77 4.27 27.99
CA ILE C 150 -11.95 5.06 28.90
C ILE C 150 -11.28 6.18 28.10
N LYS C 151 -11.58 7.43 28.45
CA LYS C 151 -10.96 8.57 27.80
C LYS C 151 -9.83 9.12 28.68
N GLY C 152 -9.10 10.08 28.13
CA GLY C 152 -8.00 10.69 28.86
C GLY C 152 -8.00 12.20 28.67
N THR C 153 -7.02 12.85 29.30
CA THR C 153 -6.93 14.31 29.30
C THR C 153 -6.31 14.82 28.00
N SER C 154 -5.37 14.07 27.43
CA SER C 154 -4.76 14.39 26.14
C SER C 154 -4.03 13.14 25.67
N ASP C 155 -3.64 13.14 24.39
CA ASP C 155 -3.08 11.94 23.78
C ASP C 155 -1.78 11.52 24.45
N ALA C 156 -0.99 12.51 24.87
CA ALA C 156 0.31 12.30 25.49
C ALA C 156 0.25 12.07 27.01
N ASP C 157 -0.92 12.12 27.63
CA ASP C 157 -1.04 12.07 29.09
C ASP C 157 -1.58 10.69 29.49
N ILE C 158 -0.70 9.69 29.38
CA ILE C 158 -1.09 8.32 29.72
C ILE C 158 -1.54 8.19 31.16
N PRO C 159 -0.87 8.77 32.16
CA PRO C 159 -1.35 8.57 33.55
C PRO C 159 -2.81 8.92 33.75
N SER C 160 -3.37 9.88 32.99
CA SER C 160 -4.79 10.19 33.17
C SER C 160 -5.65 9.04 32.67
N PHE C 161 -5.27 8.41 31.54
CA PHE C 161 -5.97 7.21 31.09
C PHE C 161 -5.94 6.13 32.17
N LEU C 162 -4.77 5.92 32.78
CA LEU C 162 -4.63 4.84 33.76
C LEU C 162 -5.41 5.17 35.04
N HIS C 163 -5.40 6.44 35.45
CA HIS C 163 -6.27 6.85 36.55
C HIS C 163 -7.73 6.45 36.29
N ASN C 164 -8.24 6.67 35.07
CA ASN C 164 -9.65 6.39 34.78
C ASN C 164 -9.93 4.89 34.77
N ALA C 165 -8.98 4.09 34.30
CA ALA C 165 -9.16 2.65 34.35
C ALA C 165 -9.24 2.15 35.78
N LYS C 166 -8.41 2.70 36.67
CA LYS C 166 -8.49 2.31 38.07
C LYS C 166 -9.88 2.58 38.63
N LEU C 167 -10.37 3.81 38.43
CA LEU C 167 -11.69 4.17 38.92
C LEU C 167 -12.78 3.29 38.32
N LEU C 168 -12.67 3.01 37.02
CA LEU C 168 -13.71 2.21 36.35
C LEU C 168 -13.75 0.77 36.87
N ALA C 169 -12.56 0.16 37.02
CA ALA C 169 -12.48 -1.21 37.55
C ALA C 169 -13.15 -1.31 38.92
N ARG C 170 -12.85 -0.37 39.82
CA ARG C 170 -13.53 -0.38 41.11
C ARG C 170 -15.04 -0.23 40.93
N LEU C 171 -15.47 0.61 39.98
CA LEU C 171 -16.89 0.88 39.86
C LEU C 171 -17.64 -0.32 39.29
N LEU C 172 -17.10 -0.95 38.24
CA LEU C 172 -17.85 -2.04 37.65
C LEU C 172 -17.85 -3.27 38.55
N LYS C 173 -16.76 -3.49 39.31
CA LYS C 173 -16.71 -4.64 40.22
C LYS C 173 -17.81 -4.57 41.26
N LYS C 174 -18.12 -3.34 41.72
CA LYS C 174 -19.14 -3.17 42.75
C LYS C 174 -20.53 -3.56 42.25
N THR C 175 -20.83 -3.40 40.96
CA THR C 175 -22.15 -3.75 40.42
C THR C 175 -22.40 -5.26 40.35
N GLY C 176 -21.36 -6.07 40.36
CA GLY C 176 -21.54 -7.49 40.15
C GLY C 176 -21.77 -7.93 38.72
N ARG C 177 -22.04 -6.99 37.79
CA ARG C 177 -22.43 -7.38 36.45
C ARG C 177 -21.23 -7.70 35.54
N THR C 178 -21.52 -8.42 34.46
CA THR C 178 -20.53 -8.69 33.42
C THR C 178 -21.04 -8.38 32.02
N ASP C 179 -22.18 -7.71 31.89
CA ASP C 179 -22.72 -7.36 30.57
C ASP C 179 -22.19 -6.01 30.11
N PHE C 180 -20.87 -5.89 30.14
CA PHE C 180 -20.16 -4.70 29.73
C PHE C 180 -19.10 -5.12 28.71
N ILE C 181 -18.66 -4.13 27.94
CA ILE C 181 -17.45 -4.22 27.12
C ILE C 181 -16.65 -2.95 27.36
N VAL C 182 -15.47 -3.08 27.95
CA VAL C 182 -14.63 -1.93 28.23
C VAL C 182 -13.52 -1.87 27.19
N THR C 183 -13.25 -0.67 26.70
CA THR C 183 -12.16 -0.45 25.77
C THR C 183 -11.62 0.95 25.98
N SER C 184 -10.65 1.29 25.13
CA SER C 184 -9.92 2.55 25.13
C SER C 184 -9.05 2.53 23.89
N LEU C 185 -8.71 3.73 23.40
CA LEU C 185 -7.66 3.85 22.38
C LEU C 185 -6.28 3.58 22.95
N ASN C 186 -6.13 3.72 24.26
CA ASN C 186 -4.85 3.51 24.94
C ASN C 186 -4.77 2.06 25.37
N ASP C 187 -3.81 1.32 24.81
CA ASP C 187 -3.68 -0.11 25.10
C ASP C 187 -3.31 -0.36 26.55
N LEU C 188 -2.46 0.50 27.12
CA LEU C 188 -2.12 0.38 28.54
C LEU C 188 -3.37 0.48 29.43
N ALA C 189 -4.25 1.43 29.14
CA ALA C 189 -5.47 1.56 29.94
C ALA C 189 -6.30 0.30 29.85
N VAL C 190 -6.34 -0.33 28.66
CA VAL C 190 -7.03 -1.61 28.53
C VAL C 190 -6.35 -2.68 29.39
N ALA C 191 -5.02 -2.71 29.38
CA ALA C 191 -4.32 -3.76 30.12
C ALA C 191 -4.50 -3.57 31.62
N LYS C 192 -4.40 -2.32 32.08
CA LYS C 192 -4.58 -2.03 33.50
C LYS C 192 -5.99 -2.39 33.95
N PHE C 193 -6.99 -2.03 33.16
CA PHE C 193 -8.35 -2.36 33.55
C PHE C 193 -8.53 -3.87 33.65
N HIS C 194 -8.06 -4.62 32.64
CA HIS C 194 -8.22 -6.07 32.65
C HIS C 194 -7.53 -6.68 33.87
N LEU C 195 -6.36 -6.15 34.23
CA LEU C 195 -5.70 -6.59 35.44
C LEU C 195 -6.62 -6.42 36.65
N LEU C 196 -7.26 -5.26 36.78
CA LEU C 196 -7.98 -4.97 38.01
C LEU C 196 -9.36 -5.60 38.04
N ALA C 197 -9.95 -5.93 36.88
CA ALA C 197 -11.32 -6.45 36.83
C ALA C 197 -11.42 -7.58 35.82
N PRO C 198 -10.75 -8.71 36.08
CA PRO C 198 -10.55 -9.73 35.03
C PRO C 198 -11.82 -10.30 34.44
N ASP C 199 -12.95 -10.22 35.14
CA ASP C 199 -14.17 -10.85 34.62
C ASP C 199 -14.97 -9.94 33.68
N ILE C 200 -14.48 -8.75 33.37
CA ILE C 200 -15.22 -7.80 32.54
C ILE C 200 -14.71 -7.92 31.11
N PRO C 201 -15.58 -8.23 30.14
CA PRO C 201 -15.12 -8.35 28.75
C PRO C 201 -14.52 -7.04 28.25
N ILE C 202 -13.54 -7.16 27.37
CA ILE C 202 -12.84 -6.01 26.79
C ILE C 202 -12.78 -6.16 25.28
N ALA C 203 -12.45 -5.05 24.62
CA ALA C 203 -12.08 -4.89 23.22
C ALA C 203 -10.79 -4.10 23.14
N PRO C 204 -9.94 -4.39 22.17
CA PRO C 204 -8.56 -3.88 22.22
C PRO C 204 -8.46 -2.42 21.81
N GLY C 205 -7.38 -1.80 22.29
CA GLY C 205 -6.97 -0.49 21.84
C GLY C 205 -6.34 -0.47 20.46
N MET C 206 -5.57 0.58 20.21
CA MET C 206 -5.13 0.89 18.85
C MET C 206 -4.01 -0.04 18.40
N ALA C 207 -3.00 -0.23 19.25
CA ALA C 207 -1.94 -1.18 18.91
C ALA C 207 -2.50 -2.59 18.73
N GLY C 208 -3.41 -2.98 19.63
CA GLY C 208 -3.99 -4.31 19.53
C GLY C 208 -4.80 -4.48 18.26
N LEU C 209 -5.57 -3.46 17.90
CA LEU C 209 -6.32 -3.50 16.65
C LEU C 209 -5.38 -3.47 15.45
N ALA C 210 -4.37 -2.58 15.49
CA ALA C 210 -3.45 -2.51 14.36
C ALA C 210 -2.75 -3.85 14.15
N ALA C 211 -2.31 -4.49 15.24
CA ALA C 211 -1.60 -5.75 15.13
C ALA C 211 -2.50 -6.84 14.60
N TYR C 212 -3.75 -6.88 15.05
CA TYR C 212 -4.63 -7.92 14.54
C TYR C 212 -4.98 -7.67 13.07
N PHE C 213 -5.17 -6.42 12.69
CA PHE C 213 -5.62 -6.14 11.34
C PHE C 213 -4.52 -6.31 10.33
N LEU C 214 -3.30 -5.85 10.64
CA LEU C 214 -2.17 -5.84 9.70
C LEU C 214 -1.33 -7.11 9.73
N LEU C 215 -1.19 -7.76 10.89
CA LEU C 215 -0.22 -8.84 11.09
C LEU C 215 -0.83 -10.18 11.52
N GLY C 216 -2.13 -10.20 11.92
CA GLY C 216 -2.78 -11.41 12.36
C GLY C 216 -2.62 -11.76 13.82
N VAL C 217 -1.91 -10.93 14.59
CA VAL C 217 -1.68 -11.18 16.01
C VAL C 217 -2.97 -11.02 16.78
N LYS C 218 -3.34 -12.05 17.54
CA LYS C 218 -4.62 -12.04 18.22
C LYS C 218 -4.59 -11.08 19.43
N PRO C 219 -5.68 -10.38 19.71
CA PRO C 219 -5.70 -9.40 20.82
C PRO C 219 -5.60 -10.06 22.20
N MET C 220 -5.29 -9.22 23.18
CA MET C 220 -5.07 -9.64 24.55
C MET C 220 -6.20 -10.54 25.03
N HIS C 221 -5.88 -11.44 25.97
CA HIS C 221 -6.89 -12.33 26.53
C HIS C 221 -7.94 -11.55 27.31
N GLY C 222 -9.19 -11.94 27.13
CA GLY C 222 -10.33 -11.17 27.60
C GLY C 222 -11.12 -10.53 26.49
N THR C 223 -10.56 -10.46 25.28
CA THR C 223 -11.23 -9.82 24.17
C THR C 223 -12.45 -10.63 23.73
N VAL C 224 -13.61 -9.97 23.69
CA VAL C 224 -14.81 -10.57 23.15
C VAL C 224 -15.19 -9.97 21.80
N ALA C 225 -14.67 -8.79 21.45
CA ALA C 225 -15.09 -8.15 20.22
C ALA C 225 -13.99 -7.23 19.74
N LEU C 226 -13.97 -6.99 18.44
CA LEU C 226 -13.19 -5.90 17.86
C LEU C 226 -14.15 -4.79 17.48
N GLN C 227 -13.88 -3.59 17.98
CA GLN C 227 -14.71 -2.42 17.75
C GLN C 227 -13.92 -1.49 16.84
N ILE C 228 -14.43 -1.27 15.63
CA ILE C 228 -13.61 -0.71 14.56
C ILE C 228 -14.34 0.44 13.86
N PRO C 229 -13.63 1.38 13.25
CA PRO C 229 -14.27 2.32 12.34
C PRO C 229 -14.60 1.63 11.02
N VAL C 230 -15.48 2.28 10.25
CA VAL C 230 -15.69 1.83 8.88
C VAL C 230 -14.38 1.94 8.11
N ARG C 231 -13.65 3.04 8.33
CA ARG C 231 -12.49 3.43 7.55
C ARG C 231 -11.41 3.98 8.47
N TYR C 232 -10.16 3.63 8.18
CA TYR C 232 -9.00 4.11 8.90
C TYR C 232 -7.88 4.43 7.93
N GLN C 233 -7.36 5.66 8.01
CA GLN C 233 -6.18 6.07 7.24
C GLN C 233 -6.31 5.71 5.76
N GLY C 234 -7.49 5.95 5.20
CA GLY C 234 -7.75 5.66 3.80
C GLY C 234 -7.99 4.21 3.45
N LEU C 235 -7.96 3.32 4.44
CA LEU C 235 -8.13 1.88 4.24
C LEU C 235 -9.45 1.42 4.85
N GLU C 236 -10.26 0.74 4.07
CA GLU C 236 -11.56 0.29 4.56
C GLU C 236 -11.37 -0.87 5.55
N ILE C 237 -11.82 -0.68 6.79
CA ILE C 237 -11.58 -1.69 7.82
C ILE C 237 -12.74 -2.66 7.93
N ALA C 238 -13.96 -2.11 8.01
CA ALA C 238 -15.16 -2.91 8.21
C ALA C 238 -15.61 -3.49 6.85
N THR C 239 -14.80 -4.53 6.35
CA THR C 239 -15.06 -5.28 5.12
C THR C 239 -15.70 -6.63 5.45
N PRO C 240 -16.52 -7.19 4.56
CA PRO C 240 -16.95 -8.58 4.77
C PRO C 240 -15.76 -9.52 4.90
N GLU C 241 -14.64 -9.21 4.26
CA GLU C 241 -13.44 -10.03 4.41
C GLU C 241 -12.96 -10.03 5.86
N PHE C 242 -12.66 -8.84 6.39
CA PHE C 242 -12.08 -8.78 7.74
C PHE C 242 -13.04 -9.33 8.78
N ILE C 243 -14.34 -9.05 8.62
CA ILE C 243 -15.30 -9.50 9.60
C ILE C 243 -15.41 -11.02 9.61
N ARG C 244 -15.35 -11.65 8.43
CA ARG C 244 -15.37 -13.11 8.39
C ARG C 244 -14.17 -13.69 9.14
N ARG C 245 -13.00 -13.05 9.02
CA ARG C 245 -11.82 -13.53 9.73
C ARG C 245 -11.96 -13.37 11.23
N ALA C 246 -12.46 -12.22 11.68
CA ALA C 246 -12.72 -12.06 13.11
C ALA C 246 -13.66 -13.13 13.62
N HIS C 247 -14.71 -13.43 12.86
CA HIS C 247 -15.67 -14.44 13.29
C HIS C 247 -15.01 -15.82 13.40
N ALA C 248 -14.17 -16.18 12.43
CA ALA C 248 -13.41 -17.43 12.53
C ALA C 248 -12.51 -17.44 13.76
N ASP C 249 -11.95 -16.30 14.13
CA ASP C 249 -11.13 -16.21 15.34
C ASP C 249 -11.94 -16.10 16.63
N GLY C 250 -13.27 -16.09 16.54
CA GLY C 250 -14.12 -16.10 17.72
C GLY C 250 -14.43 -14.75 18.32
N TYR C 251 -14.29 -13.66 17.55
CA TYR C 251 -14.59 -12.32 18.01
C TYR C 251 -15.82 -11.75 17.32
N ALA C 252 -16.63 -11.04 18.09
CA ALA C 252 -17.64 -10.16 17.52
C ALA C 252 -16.98 -8.92 16.92
N VAL C 253 -17.65 -8.32 15.94
CA VAL C 253 -17.25 -7.04 15.37
C VAL C 253 -18.37 -6.02 15.55
N HIS C 254 -18.04 -4.88 16.15
CA HIS C 254 -18.94 -3.75 16.30
C HIS C 254 -18.33 -2.56 15.57
N VAL C 255 -19.12 -1.89 14.74
CA VAL C 255 -18.63 -0.87 13.83
C VAL C 255 -19.20 0.48 14.23
N TRP C 256 -18.34 1.49 14.30
CA TRP C 256 -18.76 2.88 14.50
C TRP C 256 -18.38 3.73 13.30
N PHE C 257 -18.87 4.96 13.33
CA PHE C 257 -18.81 5.82 12.17
C PHE C 257 -18.06 7.10 12.49
N SER C 258 -18.70 8.03 13.22
CA SER C 258 -18.02 9.19 13.78
C SER C 258 -17.17 9.93 12.74
N GLY C 259 -17.70 10.07 11.51
CA GLY C 259 -17.01 10.77 10.43
C GLY C 259 -16.15 9.89 9.51
N THR C 260 -15.88 8.64 9.89
CA THR C 260 -15.06 7.81 9.01
C THR C 260 -15.86 7.34 7.80
N ALA C 261 -17.17 7.29 7.93
CA ALA C 261 -18.11 7.06 6.85
C ALA C 261 -19.43 7.71 7.26
N PRO C 262 -20.32 7.99 6.30
CA PRO C 262 -21.53 8.74 6.65
C PRO C 262 -22.43 7.96 7.61
N ASP C 263 -23.10 8.72 8.49
CA ASP C 263 -24.21 8.22 9.31
C ASP C 263 -25.51 8.34 8.50
N ASP C 264 -25.71 7.44 7.53
CA ASP C 264 -26.92 7.47 6.70
C ASP C 264 -27.40 6.05 6.36
N GLU C 265 -28.56 5.99 5.70
CA GLU C 265 -29.25 4.71 5.48
C GLU C 265 -28.41 3.76 4.65
N ALA C 266 -27.76 4.27 3.60
CA ALA C 266 -27.04 3.40 2.68
C ALA C 266 -25.85 2.75 3.37
N THR C 267 -25.16 3.53 4.21
CA THR C 267 -23.98 3.01 4.90
C THR C 267 -24.36 2.05 6.02
N TYR C 268 -25.40 2.39 6.80
CA TYR C 268 -25.93 1.44 7.79
C TYR C 268 -26.26 0.11 7.13
N ASN C 269 -26.91 0.15 5.96
CA ASN C 269 -27.32 -1.08 5.29
C ASN C 269 -26.12 -1.86 4.78
N ARG C 270 -25.06 -1.18 4.32
CA ARG C 270 -23.84 -1.87 3.88
C ARG C 270 -23.19 -2.61 5.03
N ILE C 271 -22.99 -1.92 6.15
CA ILE C 271 -22.37 -2.56 7.31
C ILE C 271 -23.22 -3.73 7.80
N ILE C 272 -24.55 -3.60 7.72
CA ILE C 272 -25.39 -4.74 8.10
C ILE C 272 -25.12 -5.90 7.15
N ASP C 273 -24.96 -5.61 5.86
CA ASP C 273 -24.69 -6.63 4.86
C ASP C 273 -23.30 -7.24 5.01
N SER C 274 -22.37 -6.50 5.60
CA SER C 274 -21.01 -6.99 5.84
C SER C 274 -20.93 -7.95 7.01
N CYS C 275 -22.03 -8.20 7.73
CA CYS C 275 -22.16 -9.18 8.82
C CYS C 275 -21.71 -8.65 10.17
N ALA C 276 -21.41 -7.38 10.32
CA ALA C 276 -21.09 -6.85 11.65
C ALA C 276 -22.20 -7.23 12.63
N ASP C 277 -21.78 -7.69 13.81
CA ASP C 277 -22.72 -8.04 14.87
C ASP C 277 -23.36 -6.82 15.48
N GLY C 278 -22.81 -5.63 15.25
CA GLY C 278 -23.48 -4.45 15.72
C GLY C 278 -22.93 -3.17 15.11
N LEU C 279 -23.78 -2.14 15.17
CA LEU C 279 -23.51 -0.81 14.68
C LEU C 279 -23.63 0.19 15.83
N MET C 280 -22.85 1.26 15.76
CA MET C 280 -22.88 2.35 16.73
C MET C 280 -23.35 3.64 16.05
N PRO C 281 -24.66 3.78 15.79
CA PRO C 281 -25.14 4.88 14.95
C PRO C 281 -25.26 6.20 15.69
N ALA C 282 -24.97 7.27 14.96
CA ALA C 282 -25.41 8.58 15.40
C ALA C 282 -26.92 8.75 15.24
N TYR C 283 -27.59 7.85 14.53
CA TYR C 283 -29.04 7.92 14.36
C TYR C 283 -29.67 6.60 14.78
N PRO C 284 -29.83 6.37 16.08
CA PRO C 284 -30.36 5.08 16.54
C PRO C 284 -31.80 4.83 16.14
N ALA C 285 -32.65 5.87 16.08
CA ALA C 285 -34.02 5.66 15.63
C ALA C 285 -34.07 5.35 14.14
N LEU C 286 -33.19 5.96 13.35
CA LEU C 286 -33.08 5.59 11.94
C LEU C 286 -32.58 4.16 11.77
N LEU C 287 -31.58 3.75 12.56
CA LEU C 287 -31.11 2.37 12.48
C LEU C 287 -32.21 1.39 12.86
N GLU C 288 -33.00 1.72 13.88
CA GLU C 288 -34.04 0.81 14.32
C GLU C 288 -35.12 0.62 13.25
N ARG C 289 -35.54 1.72 12.62
CA ARG C 289 -36.48 1.59 11.51
C ARG C 289 -35.93 0.69 10.41
N ILE C 290 -34.62 0.74 10.15
CA ILE C 290 -34.02 -0.10 9.11
C ILE C 290 -34.03 -1.56 9.52
N LEU C 291 -33.58 -1.83 10.75
CA LEU C 291 -33.56 -3.21 11.22
C LEU C 291 -34.95 -3.83 11.17
N ASP C 292 -35.97 -3.10 11.63
CA ASP C 292 -37.33 -3.63 11.66
C ASP C 292 -37.86 -3.89 10.24
N GLU C 293 -37.67 -2.94 9.32
CA GLU C 293 -38.28 -3.08 8.00
C GLU C 293 -37.59 -4.16 7.17
N ARG C 294 -36.36 -4.51 7.49
CA ARG C 294 -35.70 -5.64 6.86
C ARG C 294 -35.88 -6.93 7.66
N GLY C 295 -36.58 -6.89 8.79
CA GLY C 295 -36.78 -8.09 9.59
C GLY C 295 -35.50 -8.74 10.09
N ILE C 296 -34.50 -7.94 10.44
CA ILE C 296 -33.18 -8.46 10.78
C ILE C 296 -33.18 -9.06 12.19
N GLU C 297 -32.42 -10.15 12.37
CA GLU C 297 -32.35 -10.81 13.67
C GLU C 297 -31.79 -9.88 14.73
N ARG C 298 -32.22 -10.10 15.97
CA ARG C 298 -31.88 -9.31 17.14
C ARG C 298 -31.67 -10.26 18.32
N PRO C 299 -31.03 -9.79 19.39
CA PRO C 299 -30.85 -10.65 20.56
C PRO C 299 -32.18 -11.21 21.03
N GLY C 300 -32.29 -12.53 21.00
CA GLY C 300 -33.51 -13.20 21.40
C GLY C 300 -34.72 -12.97 20.54
N ARG C 301 -34.62 -12.21 19.46
CA ARG C 301 -35.71 -12.03 18.50
C ARG C 301 -35.23 -12.62 17.19
N PRO C 302 -35.38 -13.93 17.00
CA PRO C 302 -34.90 -14.54 15.76
C PRO C 302 -35.56 -13.92 14.54
N GLY C 303 -34.76 -13.80 13.48
CA GLY C 303 -35.24 -13.21 12.25
C GLY C 303 -34.23 -13.44 11.15
N VAL C 304 -34.28 -12.56 10.16
CA VAL C 304 -33.44 -12.73 8.99
C VAL C 304 -31.96 -12.54 9.34
N ASP C 305 -31.12 -13.46 8.87
CA ASP C 305 -29.68 -13.22 8.82
C ASP C 305 -29.34 -12.48 7.54
N PRO C 306 -28.62 -11.37 7.60
CA PRO C 306 -28.25 -10.65 6.36
C PRO C 306 -26.99 -11.17 5.69
N CYS C 307 -26.58 -12.41 6.00
CA CYS C 307 -25.38 -12.97 5.38
C CYS C 307 -25.60 -14.38 4.85
N ASP D 7 16.73 19.24 4.66
CA ASP D 7 15.45 18.94 4.01
C ASP D 7 15.16 19.98 2.96
N ASN D 8 14.16 19.71 2.10
CA ASN D 8 13.77 20.65 1.07
C ASN D 8 12.48 21.35 1.50
N PRO D 9 12.53 22.63 1.89
CA PRO D 9 11.30 23.30 2.38
C PRO D 9 10.22 23.44 1.32
N TRP D 10 10.57 23.36 0.03
CA TRP D 10 9.55 23.43 -1.01
C TRP D 10 8.61 22.22 -0.98
N LEU D 11 9.04 21.09 -0.40
CA LEU D 11 8.13 19.97 -0.24
C LEU D 11 6.94 20.30 0.65
N ASP D 12 7.08 21.31 1.53
CA ASP D 12 6.01 21.76 2.40
C ASP D 12 5.24 22.95 1.86
N ALA D 13 5.75 23.60 0.80
CA ALA D 13 5.12 24.81 0.25
C ALA D 13 4.07 24.40 -0.76
N ARG D 14 2.88 24.07 -0.24
CA ARG D 14 1.82 23.50 -1.04
C ARG D 14 0.50 23.77 -0.35
N VAL D 15 -0.58 23.93 -1.12
CA VAL D 15 -0.59 23.96 -2.58
C VAL D 15 -0.52 25.41 -3.06
N LEU D 16 0.44 25.71 -3.95
CA LEU D 16 0.76 27.07 -4.34
C LEU D 16 -0.06 27.55 -5.54
N ASN D 17 -0.65 28.73 -5.41
CA ASN D 17 -1.22 29.49 -6.54
C ASN D 17 -0.13 30.41 -7.08
N MET D 18 0.47 30.04 -8.22
CA MET D 18 1.61 30.74 -8.81
C MET D 18 1.18 31.43 -10.10
N ALA D 19 0.76 32.69 -10.01
CA ALA D 19 0.12 33.36 -11.14
C ALA D 19 1.04 33.42 -12.35
N HIS D 20 0.63 32.80 -13.47
CA HIS D 20 1.44 32.70 -14.68
C HIS D 20 1.55 34.05 -15.41
N ALA D 21 2.75 34.63 -15.45
CA ALA D 21 2.96 36.01 -15.91
C ALA D 21 2.07 36.99 -15.15
N GLY D 22 1.72 36.65 -13.91
CA GLY D 22 0.69 37.37 -13.20
C GLY D 22 -0.73 36.99 -13.56
N GLY D 23 -0.93 36.08 -14.51
CA GLY D 23 -2.27 35.62 -14.87
C GLY D 23 -2.73 36.13 -16.22
N GLU D 24 -2.18 35.56 -17.30
CA GLU D 24 -2.19 36.21 -18.61
C GLU D 24 -3.58 36.37 -19.19
N ASN D 25 -4.54 35.50 -18.81
CA ASN D 25 -5.89 35.57 -19.35
C ASN D 25 -6.83 36.45 -18.55
N GLU D 26 -6.47 36.82 -17.32
CA GLU D 26 -7.26 37.75 -16.52
C GLU D 26 -6.64 39.15 -16.48
N ALA D 27 -5.45 39.32 -17.02
CA ALA D 27 -4.75 40.60 -16.92
C ALA D 27 -3.60 40.65 -17.93
N PRO D 28 -3.17 41.84 -18.38
CA PRO D 28 -2.08 41.90 -19.36
C PRO D 28 -0.80 41.34 -18.78
N ALA D 29 -0.25 40.34 -19.46
CA ALA D 29 0.85 39.55 -18.92
C ALA D 29 2.07 40.40 -18.64
N ASN D 30 2.77 40.07 -17.55
CA ASN D 30 4.08 40.63 -17.23
C ASN D 30 4.02 42.16 -17.11
N THR D 31 2.95 42.67 -16.50
CA THR D 31 2.84 44.06 -16.10
C THR D 31 2.81 44.13 -14.58
N LEU D 32 3.18 45.29 -14.04
CA LEU D 32 3.07 45.48 -12.61
C LEU D 32 1.62 45.44 -12.18
N TYR D 33 0.71 45.83 -13.07
CA TYR D 33 -0.71 45.71 -12.78
C TYR D 33 -1.09 44.26 -12.52
N ALA D 34 -0.75 43.36 -13.44
CA ALA D 34 -1.16 41.96 -13.26
C ALA D 34 -0.53 41.35 -12.01
N PHE D 35 0.76 41.67 -11.74
CA PHE D 35 1.41 41.12 -10.56
C PHE D 35 0.76 41.64 -9.27
N LYS D 36 0.49 42.95 -9.21
CA LYS D 36 -0.15 43.49 -8.00
C LYS D 36 -1.56 42.95 -7.85
N ARG D 37 -2.29 42.85 -8.95
CA ARG D 37 -3.63 42.26 -8.89
C ARG D 37 -3.56 40.84 -8.35
N ALA D 38 -2.65 40.03 -8.88
CA ALA D 38 -2.57 38.63 -8.47
C ALA D 38 -2.32 38.50 -6.97
N VAL D 39 -1.38 39.29 -6.44
CA VAL D 39 -1.03 39.16 -5.03
C VAL D 39 -2.16 39.65 -4.13
N LYS D 40 -2.89 40.69 -4.56
CA LYS D 40 -4.08 41.10 -3.83
C LYS D 40 -5.16 40.02 -3.84
N LEU D 41 -5.26 39.24 -4.91
CA LEU D 41 -6.30 38.23 -4.98
C LEU D 41 -5.85 36.89 -4.43
N GLY D 42 -4.68 36.82 -3.82
CA GLY D 42 -4.27 35.69 -3.03
C GLY D 42 -3.23 34.76 -3.62
N ALA D 43 -2.50 35.16 -4.65
CA ALA D 43 -1.46 34.30 -5.20
C ALA D 43 -0.29 34.17 -4.24
N ASN D 44 0.20 32.95 -4.09
CA ASN D 44 1.32 32.72 -3.19
C ASN D 44 2.64 33.10 -3.80
N MET D 45 2.73 33.10 -5.13
CA MET D 45 3.98 33.25 -5.86
C MET D 45 3.69 33.88 -7.21
N LEU D 46 4.67 34.58 -7.75
CA LEU D 46 4.58 35.19 -9.08
C LEU D 46 5.51 34.45 -10.02
N GLU D 47 5.01 34.13 -11.22
CA GLU D 47 5.87 33.62 -12.28
C GLU D 47 6.05 34.66 -13.37
N LEU D 48 7.30 34.95 -13.71
CA LEU D 48 7.58 35.93 -14.75
C LEU D 48 8.80 35.50 -15.56
N ASP D 49 8.92 36.04 -16.78
CA ASP D 49 10.07 35.81 -17.65
C ASP D 49 10.89 37.08 -17.79
N VAL D 50 12.18 36.91 -18.09
CA VAL D 50 13.11 38.03 -18.29
C VAL D 50 13.80 37.95 -19.65
N GLN D 51 14.00 39.13 -20.26
CA GLN D 51 14.88 39.38 -21.38
C GLN D 51 15.73 40.57 -20.97
N SER D 52 16.69 40.94 -21.81
CA SER D 52 17.46 42.14 -21.55
C SER D 52 17.43 43.04 -22.77
N THR D 53 17.49 44.35 -22.51
CA THR D 53 17.44 45.39 -23.52
C THR D 53 18.81 45.56 -24.16
N LYS D 54 18.88 46.47 -25.14
CA LYS D 54 20.16 46.80 -25.77
C LYS D 54 21.17 47.34 -24.77
N ASP D 55 20.71 48.06 -23.72
CA ASP D 55 21.63 48.61 -22.73
C ASP D 55 21.67 47.77 -21.45
N ASP D 56 21.41 46.46 -21.57
CA ASP D 56 21.69 45.44 -20.55
C ASP D 56 20.82 45.61 -19.30
N GLN D 57 19.59 46.08 -19.47
CA GLN D 57 18.62 46.11 -18.40
C GLN D 57 17.73 44.89 -18.53
N LEU D 58 17.50 44.20 -17.42
CA LEU D 58 16.59 43.05 -17.38
C LEU D 58 15.15 43.54 -17.30
N VAL D 59 14.37 43.27 -18.34
CA VAL D 59 12.98 43.67 -18.41
C VAL D 59 12.12 42.41 -18.43
N VAL D 60 10.87 42.56 -18.01
CA VAL D 60 9.97 41.45 -17.73
C VAL D 60 9.02 41.32 -18.92
N ILE D 61 9.33 40.37 -19.80
CA ILE D 61 8.59 40.11 -21.02
C ILE D 61 8.95 38.70 -21.48
N HIS D 62 7.99 38.03 -22.11
CA HIS D 62 8.07 36.63 -22.51
C HIS D 62 8.77 36.46 -23.86
N ASN D 63 8.26 37.12 -24.89
CA ASN D 63 8.76 36.97 -26.24
C ASN D 63 10.04 37.76 -26.43
N ALA D 64 10.78 37.39 -27.47
CA ALA D 64 11.97 38.15 -27.83
C ALA D 64 11.65 39.46 -28.53
N THR D 65 10.43 39.60 -29.05
CA THR D 65 10.00 40.82 -29.70
C THR D 65 8.85 41.46 -28.93
N VAL D 66 8.69 42.77 -29.10
CA VAL D 66 7.64 43.49 -28.38
C VAL D 66 6.30 43.44 -29.09
N ASP D 67 6.23 42.76 -30.25
CA ASP D 67 5.12 42.96 -31.18
C ASP D 67 3.80 42.41 -30.65
N GLN D 68 3.82 41.22 -30.03
CA GLN D 68 2.54 40.60 -29.69
C GLN D 68 1.81 41.35 -28.58
N THR D 69 2.55 41.96 -27.64
CA THR D 69 1.95 42.47 -26.43
C THR D 69 1.94 43.97 -26.33
N THR D 70 2.54 44.68 -27.29
CA THR D 70 2.65 46.13 -27.24
C THR D 70 2.21 46.77 -28.55
N ASP D 71 2.24 48.10 -28.56
CA ASP D 71 2.00 48.89 -29.75
C ASP D 71 3.24 49.03 -30.64
N GLY D 72 4.43 48.68 -30.15
CA GLY D 72 5.65 48.79 -30.92
C GLY D 72 6.01 47.54 -31.71
N THR D 73 7.25 47.54 -32.20
CA THR D 73 7.77 46.40 -32.95
C THR D 73 9.29 46.35 -32.83
N GLY D 74 9.84 45.13 -32.92
CA GLY D 74 11.28 44.95 -32.86
C GLY D 74 11.74 44.04 -31.73
N LYS D 75 12.97 43.50 -31.86
CA LYS D 75 13.54 42.65 -30.83
C LYS D 75 13.84 43.44 -29.57
N VAL D 76 13.59 42.83 -28.41
CA VAL D 76 13.85 43.51 -27.14
C VAL D 76 15.32 43.90 -27.04
N ARG D 77 16.23 42.98 -27.41
CA ARG D 77 17.67 43.22 -27.31
C ARG D 77 18.17 44.30 -28.24
N ASP D 78 17.35 44.74 -29.21
CA ASP D 78 17.70 45.87 -30.06
C ASP D 78 17.29 47.24 -29.51
N LEU D 79 16.49 47.29 -28.44
CA LEU D 79 15.88 48.53 -27.99
C LEU D 79 16.39 48.92 -26.60
N THR D 80 16.68 50.21 -26.41
CA THR D 80 16.99 50.68 -25.07
C THR D 80 15.78 50.52 -24.16
N PHE D 81 16.05 50.36 -22.86
CA PHE D 81 14.96 50.34 -21.89
C PHE D 81 14.06 51.56 -22.02
N GLU D 82 14.65 52.73 -22.30
CA GLU D 82 13.85 53.94 -22.50
C GLU D 82 12.87 53.76 -23.65
N GLN D 83 13.31 53.11 -24.74
CA GLN D 83 12.36 52.83 -25.82
C GLN D 83 11.35 51.75 -25.42
N VAL D 84 11.82 50.72 -24.72
CA VAL D 84 10.94 49.62 -24.34
C VAL D 84 9.88 50.10 -23.36
N HIS D 85 10.27 50.91 -22.38
CA HIS D 85 9.40 51.25 -21.27
C HIS D 85 8.23 52.13 -21.67
N GLU D 86 8.34 52.89 -22.74
CA GLU D 86 7.28 53.79 -23.13
C GLU D 86 6.24 53.12 -24.02
N LEU D 87 6.43 51.88 -24.40
CA LEU D 87 5.41 51.15 -25.13
C LEU D 87 4.25 50.77 -24.22
N ASP D 88 3.08 50.59 -24.81
CA ASP D 88 1.86 50.15 -24.11
C ASP D 88 1.80 48.61 -24.09
N ALA D 89 2.04 48.01 -22.91
CA ALA D 89 2.07 46.56 -22.78
C ALA D 89 0.70 45.94 -22.44
N ALA D 90 -0.39 46.68 -22.61
CA ALA D 90 -1.72 46.08 -22.61
C ALA D 90 -2.44 46.37 -23.91
N TYR D 91 -1.66 46.68 -24.96
CA TYR D 91 -2.22 47.19 -26.20
C TYR D 91 -3.05 46.13 -26.91
N ASN D 92 -2.71 44.86 -26.75
CA ASN D 92 -3.41 43.79 -27.44
C ASN D 92 -4.05 42.81 -26.46
N PHE D 93 -4.18 43.17 -25.20
CA PHE D 93 -4.76 42.28 -24.20
C PHE D 93 -6.28 42.21 -24.31
N ILE D 94 -6.79 41.00 -24.40
CA ILE D 94 -8.22 40.71 -24.30
C ILE D 94 -8.45 39.72 -23.17
N PRO D 95 -9.18 40.10 -22.12
CA PRO D 95 -9.52 39.14 -21.05
C PRO D 95 -10.05 37.83 -21.61
N GLY D 96 -9.49 36.73 -21.13
CA GLY D 96 -9.83 35.43 -21.62
C GLY D 96 -9.02 34.96 -22.82
N ARG D 97 -8.23 35.84 -23.46
CA ARG D 97 -7.51 35.47 -24.66
C ARG D 97 -6.06 35.92 -24.68
N HIS D 98 -5.48 36.34 -23.56
CA HIS D 98 -4.05 36.79 -23.49
C HIS D 98 -3.91 37.96 -24.48
N ALA D 99 -2.85 38.01 -25.30
CA ALA D 99 -2.62 39.14 -26.21
C ALA D 99 -2.86 38.71 -27.65
N VAL D 100 -3.81 39.36 -28.32
CA VAL D 100 -4.14 39.04 -29.72
C VAL D 100 -4.12 40.30 -30.57
N PRO D 101 -3.14 40.51 -31.43
CA PRO D 101 -3.12 41.71 -32.28
C PRO D 101 -4.08 41.59 -33.46
N GLY D 102 -4.48 42.75 -33.97
CA GLY D 102 -5.15 42.77 -35.25
C GLY D 102 -6.66 42.74 -35.24
N GLU D 103 -7.30 42.90 -34.09
CA GLU D 103 -8.74 42.81 -33.93
C GLU D 103 -9.34 44.20 -33.74
N PRO D 104 -10.67 44.32 -33.81
CA PRO D 104 -11.30 45.65 -33.66
C PRO D 104 -10.87 46.33 -32.37
N PRO D 105 -10.64 47.66 -32.41
CA PRO D 105 -10.04 48.34 -31.24
C PRO D 105 -10.83 48.20 -29.95
N GLU D 106 -12.16 48.07 -30.01
CA GLU D 106 -12.89 47.97 -28.75
C GLU D 106 -12.73 46.62 -28.05
N SER D 107 -12.00 45.67 -28.64
CA SER D 107 -11.70 44.40 -27.98
C SER D 107 -10.86 44.57 -26.74
N TYR D 108 -10.13 45.68 -26.64
CA TYR D 108 -8.98 45.80 -25.75
C TYR D 108 -9.29 46.80 -24.65
N PRO D 109 -9.72 46.36 -23.47
CA PRO D 109 -10.22 47.32 -22.48
C PRO D 109 -9.13 48.12 -21.81
N LEU D 110 -7.89 47.64 -21.73
CA LEU D 110 -6.87 48.45 -21.10
C LEU D 110 -5.96 49.16 -22.10
N ARG D 111 -6.22 49.06 -23.39
CA ARG D 111 -5.38 49.76 -24.37
C ARG D 111 -5.52 51.27 -24.17
N GLY D 112 -4.39 51.99 -24.15
CA GLY D 112 -4.40 53.42 -23.97
C GLY D 112 -4.24 53.90 -22.56
N VAL D 113 -4.29 53.00 -21.57
CA VAL D 113 -3.98 53.42 -20.21
C VAL D 113 -2.52 53.86 -20.11
N ARG D 114 -1.59 53.01 -20.59
CA ARG D 114 -0.17 53.31 -20.42
C ARG D 114 0.19 54.69 -20.97
N THR D 115 -0.48 55.10 -22.05
CA THR D 115 -0.13 56.29 -22.81
C THR D 115 -1.10 57.45 -22.59
N GLY D 116 -2.02 57.33 -21.65
CA GLY D 116 -2.86 58.43 -21.25
C GLY D 116 -4.06 58.70 -22.12
N GLU D 117 -4.42 57.81 -23.05
CA GLU D 117 -5.66 58.02 -23.78
C GLU D 117 -6.89 57.71 -22.94
N LYS D 118 -6.72 56.87 -21.92
CA LYS D 118 -7.75 56.28 -21.08
C LYS D 118 -7.26 56.37 -19.64
N LYS D 119 -8.17 56.64 -18.70
CA LYS D 119 -7.82 56.62 -17.29
C LYS D 119 -7.50 55.19 -16.83
N PRO D 120 -6.59 55.05 -15.87
CA PRO D 120 -6.30 53.73 -15.32
C PRO D 120 -7.38 53.29 -14.34
N PRO D 121 -7.56 51.98 -14.17
CA PRO D 121 -8.51 51.51 -13.17
C PRO D 121 -8.08 51.94 -11.77
N PRO D 122 -9.03 52.05 -10.84
CA PRO D 122 -8.68 52.57 -9.50
C PRO D 122 -7.56 51.77 -8.86
N GLY D 123 -6.57 52.48 -8.34
CA GLY D 123 -5.45 51.92 -7.62
C GLY D 123 -4.12 51.95 -8.37
N TYR D 124 -4.10 52.32 -9.65
CA TYR D 124 -2.94 52.12 -10.49
C TYR D 124 -2.62 53.37 -11.30
N GLN D 125 -1.41 53.41 -11.83
CA GLN D 125 -0.92 54.49 -12.65
C GLN D 125 -0.47 53.95 -14.01
N PRO D 126 -0.30 54.82 -15.02
CA PRO D 126 0.04 54.34 -16.38
C PRO D 126 1.24 53.39 -16.47
N SER D 127 2.31 53.64 -15.70
CA SER D 127 3.47 52.77 -15.74
C SER D 127 3.20 51.36 -15.24
N ASP D 128 2.10 51.14 -14.51
CA ASP D 128 1.74 49.77 -14.18
C ASP D 128 1.30 48.97 -15.39
N PHE D 129 1.20 49.58 -16.56
CA PHE D 129 0.74 48.91 -17.78
C PHE D 129 1.83 48.86 -18.84
N ALA D 130 3.08 49.06 -18.44
CA ALA D 130 4.26 49.05 -19.30
C ALA D 130 5.06 47.79 -19.03
N ILE D 131 6.04 47.52 -19.90
CA ILE D 131 7.05 46.47 -19.65
C ILE D 131 7.93 46.95 -18.52
N PRO D 132 8.01 46.23 -17.39
CA PRO D 132 8.79 46.73 -16.25
C PRO D 132 10.21 46.19 -16.17
N LYS D 133 11.08 46.95 -15.51
CA LYS D 133 12.35 46.42 -15.07
C LYS D 133 12.11 45.35 -14.00
N LEU D 134 12.92 44.29 -14.06
CA LEU D 134 12.83 43.26 -13.02
C LEU D 134 13.11 43.85 -11.65
N ALA D 135 14.11 44.74 -11.57
CA ALA D 135 14.42 45.44 -10.33
C ALA D 135 13.17 46.05 -9.71
N ASP D 136 12.28 46.62 -10.54
CA ASP D 136 11.06 47.27 -10.06
C ASP D 136 10.04 46.26 -9.56
N VAL D 137 9.98 45.08 -10.19
CA VAL D 137 9.12 44.03 -9.65
C VAL D 137 9.66 43.57 -8.31
N LEU D 138 10.97 43.36 -8.22
CA LEU D 138 11.56 42.93 -6.96
C LEU D 138 11.35 43.96 -5.87
N GLU D 139 11.45 45.25 -6.23
CA GLU D 139 11.29 46.32 -5.26
C GLU D 139 9.84 46.49 -4.85
N ALA D 140 8.90 46.12 -5.74
CA ALA D 140 7.48 46.17 -5.36
C ALA D 140 7.06 44.97 -4.53
N PHE D 141 7.74 43.84 -4.65
CA PHE D 141 7.36 42.60 -3.98
C PHE D 141 8.51 42.10 -3.12
N PRO D 142 8.87 42.85 -2.06
CA PRO D 142 10.03 42.46 -1.25
C PRO D 142 9.79 41.23 -0.39
N ARG D 143 8.56 40.71 -0.33
CA ARG D 143 8.25 39.57 0.54
C ARG D 143 7.44 38.50 -0.19
N THR D 144 7.23 38.65 -1.49
CA THR D 144 6.61 37.55 -2.20
C THR D 144 7.68 36.71 -2.88
N PRO D 145 7.57 35.39 -2.80
CA PRO D 145 8.48 34.53 -3.58
C PRO D 145 8.14 34.59 -5.07
N ILE D 146 9.19 34.45 -5.89
CA ILE D 146 9.12 34.73 -7.33
C ILE D 146 9.79 33.62 -8.11
N ASN D 147 9.09 33.12 -9.14
CA ASN D 147 9.60 32.19 -10.15
C ASN D 147 10.02 33.00 -11.37
N ILE D 148 11.27 32.84 -11.80
CA ILE D 148 11.87 33.66 -12.86
C ILE D 148 12.38 32.73 -13.95
N GLU D 149 11.92 32.92 -15.18
CA GLU D 149 12.32 32.10 -16.30
C GLU D 149 13.23 32.88 -17.25
N ILE D 150 14.44 32.36 -17.48
CA ILE D 150 15.40 33.01 -18.38
C ILE D 150 15.03 32.68 -19.83
N LYS D 151 14.82 33.72 -20.64
CA LYS D 151 14.46 33.62 -22.05
C LYS D 151 15.60 34.12 -22.93
N GLY D 152 15.40 34.00 -24.24
CA GLY D 152 16.44 34.39 -25.18
C GLY D 152 15.88 34.95 -26.47
N THR D 153 16.80 35.31 -27.38
CA THR D 153 16.40 35.96 -28.63
C THR D 153 15.84 34.96 -29.64
N SER D 154 16.31 33.72 -29.61
CA SER D 154 15.75 32.63 -30.41
C SER D 154 16.32 31.34 -29.86
N ASP D 155 15.66 30.23 -30.20
CA ASP D 155 16.19 28.92 -29.81
C ASP D 155 17.60 28.70 -30.35
N ALA D 156 17.89 29.23 -31.53
CA ALA D 156 19.19 29.06 -32.18
C ALA D 156 20.31 29.88 -31.55
N ASP D 157 20.03 30.74 -30.57
CA ASP D 157 21.00 31.74 -30.10
C ASP D 157 21.33 31.44 -28.64
N ILE D 158 22.18 30.43 -28.44
CA ILE D 158 22.61 30.09 -27.08
C ILE D 158 23.26 31.25 -26.34
N PRO D 159 24.17 32.02 -26.94
CA PRO D 159 24.77 33.13 -26.19
C PRO D 159 23.74 34.11 -25.59
N SER D 160 22.60 34.31 -26.22
CA SER D 160 21.62 35.24 -25.65
C SER D 160 21.06 34.73 -24.32
N PHE D 161 20.89 33.40 -24.19
CA PHE D 161 20.46 32.82 -22.93
C PHE D 161 21.53 32.99 -21.86
N LEU D 162 22.79 32.77 -22.24
CA LEU D 162 23.87 32.89 -21.28
C LEU D 162 24.02 34.34 -20.79
N HIS D 163 23.95 35.30 -21.73
CA HIS D 163 23.98 36.71 -21.37
C HIS D 163 22.91 37.03 -20.32
N ASN D 164 21.67 36.60 -20.56
CA ASN D 164 20.59 36.94 -19.64
C ASN D 164 20.77 36.27 -18.28
N ALA D 165 21.27 35.03 -18.27
CA ALA D 165 21.54 34.37 -17.00
C ALA D 165 22.65 35.09 -16.24
N LYS D 166 23.64 35.64 -16.95
CA LYS D 166 24.70 36.38 -16.30
C LYS D 166 24.17 37.65 -15.66
N LEU D 167 23.32 38.39 -16.38
CA LEU D 167 22.70 39.58 -15.80
C LEU D 167 21.82 39.22 -14.62
N LEU D 168 21.02 38.16 -14.74
CA LEU D 168 20.10 37.81 -13.67
C LEU D 168 20.83 37.40 -12.39
N ALA D 169 22.03 36.82 -12.51
CA ALA D 169 22.75 36.38 -11.32
C ALA D 169 23.33 37.58 -10.57
N ARG D 170 23.89 38.56 -11.29
CA ARG D 170 24.29 39.82 -10.66
C ARG D 170 23.16 40.44 -9.85
N LEU D 171 22.03 40.67 -10.50
CA LEU D 171 20.95 41.40 -9.87
C LEU D 171 20.41 40.65 -8.66
N LEU D 172 20.26 39.34 -8.78
CA LEU D 172 19.64 38.60 -7.70
C LEU D 172 20.56 38.47 -6.50
N LYS D 173 21.87 38.43 -6.73
CA LYS D 173 22.80 38.41 -5.61
C LYS D 173 22.68 39.71 -4.80
N LYS D 174 22.72 40.86 -5.49
CA LYS D 174 22.59 42.16 -4.84
C LYS D 174 21.37 42.27 -3.95
N THR D 175 20.32 41.49 -4.21
CA THR D 175 19.09 41.60 -3.42
C THR D 175 19.22 40.95 -2.04
N GLY D 176 20.12 39.99 -1.89
CA GLY D 176 20.23 39.29 -0.63
C GLY D 176 19.15 38.27 -0.33
N ARG D 177 18.16 38.10 -1.21
CA ARG D 177 17.09 37.15 -0.98
C ARG D 177 17.38 35.81 -1.68
N THR D 178 16.73 34.76 -1.17
CA THR D 178 16.84 33.44 -1.77
C THR D 178 15.47 32.76 -1.91
N ASP D 179 14.37 33.50 -1.70
CA ASP D 179 13.01 32.98 -1.95
C ASP D 179 12.61 33.17 -3.41
N PHE D 180 13.50 32.74 -4.30
CA PHE D 180 13.25 32.60 -5.72
C PHE D 180 13.38 31.13 -6.13
N ILE D 181 12.82 30.82 -7.29
CA ILE D 181 13.15 29.61 -8.05
C ILE D 181 13.51 30.08 -9.45
N VAL D 182 14.74 29.86 -9.86
CA VAL D 182 15.19 30.35 -11.16
C VAL D 182 15.26 29.18 -12.12
N THR D 183 14.79 29.39 -13.35
CA THR D 183 14.80 28.30 -14.31
C THR D 183 14.90 28.87 -15.71
N SER D 184 14.82 27.97 -16.68
CA SER D 184 14.84 28.30 -18.10
C SER D 184 14.51 27.03 -18.86
N LEU D 185 13.92 27.19 -20.04
CA LEU D 185 13.81 26.03 -20.93
C LEU D 185 15.18 25.56 -21.37
N ASN D 186 16.13 26.48 -21.47
CA ASN D 186 17.46 26.16 -21.94
C ASN D 186 18.32 25.65 -20.79
N ASP D 187 18.81 24.41 -20.93
CA ASP D 187 19.55 23.78 -19.84
C ASP D 187 20.84 24.51 -19.52
N LEU D 188 21.48 25.08 -20.54
CA LEU D 188 22.75 25.78 -20.33
C LEU D 188 22.54 27.02 -19.47
N ALA D 189 21.47 27.76 -19.75
CA ALA D 189 21.16 28.97 -18.99
C ALA D 189 20.99 28.66 -17.51
N VAL D 190 20.40 27.52 -17.19
CA VAL D 190 20.29 27.13 -15.78
C VAL D 190 21.69 26.88 -15.20
N ALA D 191 22.56 26.21 -15.95
CA ALA D 191 23.89 25.88 -15.46
C ALA D 191 24.74 27.14 -15.30
N LYS D 192 24.71 28.03 -16.31
CA LYS D 192 25.41 29.29 -16.20
C LYS D 192 24.94 30.08 -14.97
N PHE D 193 23.63 30.06 -14.69
CA PHE D 193 23.11 30.78 -13.54
C PHE D 193 23.48 30.08 -12.23
N HIS D 194 23.38 28.75 -12.18
CA HIS D 194 23.70 28.06 -10.94
C HIS D 194 25.17 28.28 -10.57
N LEU D 195 26.04 28.23 -11.57
CA LEU D 195 27.46 28.47 -11.37
C LEU D 195 27.71 29.86 -10.77
N LEU D 196 26.87 30.84 -11.12
CA LEU D 196 27.10 32.24 -10.73
C LEU D 196 26.35 32.65 -9.46
N ALA D 197 25.25 31.99 -9.11
CA ALA D 197 24.50 32.31 -7.88
C ALA D 197 24.11 31.01 -7.20
N PRO D 198 25.11 30.23 -6.74
CA PRO D 198 24.85 28.87 -6.28
C PRO D 198 23.85 28.76 -5.13
N ASP D 199 23.57 29.84 -4.38
CA ASP D 199 22.72 29.71 -3.21
C ASP D 199 21.25 29.89 -3.50
N ILE D 200 20.86 30.04 -4.76
CA ILE D 200 19.48 30.38 -5.13
C ILE D 200 18.82 29.17 -5.76
N PRO D 201 17.67 28.71 -5.25
CA PRO D 201 17.04 27.48 -5.78
C PRO D 201 16.72 27.55 -7.27
N ILE D 202 16.85 26.40 -7.95
CA ILE D 202 16.63 26.30 -9.40
C ILE D 202 15.67 25.15 -9.73
N ALA D 203 15.28 25.11 -11.00
CA ALA D 203 14.56 24.01 -11.61
C ALA D 203 15.21 23.76 -12.96
N PRO D 204 15.32 22.51 -13.38
CA PRO D 204 16.14 22.17 -14.55
C PRO D 204 15.47 22.52 -15.87
N GLY D 205 16.29 22.60 -16.91
CA GLY D 205 15.83 22.82 -18.26
C GLY D 205 15.07 21.62 -18.85
N MET D 206 14.81 21.74 -20.16
CA MET D 206 14.07 20.70 -20.89
C MET D 206 14.84 19.37 -20.92
N ALA D 207 16.13 19.40 -21.28
CA ALA D 207 16.89 18.16 -21.38
C ALA D 207 16.96 17.46 -20.03
N GLY D 208 17.25 18.21 -18.97
CA GLY D 208 17.34 17.60 -17.65
C GLY D 208 16.04 16.98 -17.18
N LEU D 209 14.91 17.62 -17.52
CA LEU D 209 13.62 17.06 -17.11
C LEU D 209 13.22 15.87 -17.97
N ALA D 210 13.44 15.94 -19.28
CA ALA D 210 13.31 14.75 -20.13
C ALA D 210 14.10 13.57 -19.56
N ALA D 211 15.39 13.76 -19.27
CA ALA D 211 16.21 12.66 -18.77
C ALA D 211 15.71 12.15 -17.44
N TYR D 212 15.17 13.03 -16.60
CA TYR D 212 14.62 12.52 -15.34
C TYR D 212 13.32 11.78 -15.59
N PHE D 213 12.49 12.28 -16.50
CA PHE D 213 11.20 11.64 -16.76
C PHE D 213 11.40 10.27 -17.42
N LEU D 214 12.21 10.22 -18.48
CA LEU D 214 12.42 8.99 -19.24
C LEU D 214 13.33 8.02 -18.51
N LEU D 215 14.48 8.49 -18.03
CA LEU D 215 15.54 7.57 -17.59
C LEU D 215 15.77 7.55 -16.09
N GLY D 216 15.25 8.51 -15.34
CA GLY D 216 15.55 8.59 -13.93
C GLY D 216 16.86 9.26 -13.60
N VAL D 217 17.57 9.79 -14.60
CA VAL D 217 18.74 10.60 -14.31
C VAL D 217 18.33 11.78 -13.44
N LYS D 218 19.00 11.95 -12.34
CA LYS D 218 18.53 12.99 -11.43
C LYS D 218 19.09 14.35 -11.84
N PRO D 219 18.26 15.40 -11.83
CA PRO D 219 18.66 16.69 -12.39
C PRO D 219 19.82 17.37 -11.68
N MET D 220 20.17 18.55 -12.18
CA MET D 220 21.28 19.34 -11.66
C MET D 220 21.18 19.56 -10.15
N HIS D 221 22.33 19.46 -9.47
CA HIS D 221 22.36 19.70 -8.04
C HIS D 221 21.94 21.15 -7.76
N GLY D 222 21.04 21.30 -6.78
CA GLY D 222 20.41 22.56 -6.47
C GLY D 222 18.94 22.59 -6.81
N THR D 223 18.47 21.65 -7.63
CA THR D 223 17.06 21.52 -7.92
C THR D 223 16.27 21.38 -6.63
N VAL D 224 15.26 22.23 -6.48
CA VAL D 224 14.27 22.08 -5.42
C VAL D 224 12.92 21.64 -5.95
N ALA D 225 12.69 21.75 -7.26
CA ALA D 225 11.38 21.46 -7.84
C ALA D 225 11.54 21.12 -9.31
N LEU D 226 10.66 20.24 -9.80
CA LEU D 226 10.49 19.99 -11.22
C LEU D 226 9.29 20.77 -11.72
N GLN D 227 9.50 21.61 -12.72
CA GLN D 227 8.43 22.44 -13.28
C GLN D 227 8.13 21.95 -14.68
N ILE D 228 6.91 21.47 -14.88
CA ILE D 228 6.58 20.61 -16.01
C ILE D 228 5.31 21.14 -16.67
N PRO D 229 5.13 20.85 -17.96
CA PRO D 229 3.80 21.00 -18.56
C PRO D 229 2.95 19.78 -18.21
N VAL D 230 1.63 19.93 -18.44
CA VAL D 230 0.71 18.85 -18.18
C VAL D 230 0.94 17.70 -19.14
N ARG D 231 1.54 17.98 -20.28
CA ARG D 231 1.62 17.06 -21.38
C ARG D 231 2.64 17.62 -22.33
N TYR D 232 3.40 16.76 -22.98
CA TYR D 232 4.38 17.22 -23.95
C TYR D 232 4.34 16.26 -25.13
N GLN D 233 3.94 16.76 -26.30
CA GLN D 233 3.89 15.98 -27.54
C GLN D 233 3.10 14.69 -27.31
N GLY D 234 1.83 14.84 -26.92
CA GLY D 234 0.94 13.72 -26.71
C GLY D 234 1.17 12.91 -25.44
N LEU D 235 2.36 12.93 -24.86
CA LEU D 235 2.70 12.09 -23.72
C LEU D 235 2.39 12.82 -22.40
N GLU D 236 1.57 12.20 -21.56
CA GLU D 236 1.14 12.80 -20.30
C GLU D 236 2.31 12.89 -19.32
N ILE D 237 2.65 14.10 -18.89
CA ILE D 237 3.79 14.29 -17.98
C ILE D 237 3.35 14.44 -16.54
N ALA D 238 2.30 15.23 -16.27
CA ALA D 238 1.87 15.45 -14.88
C ALA D 238 0.88 14.36 -14.47
N THR D 239 1.42 13.10 -14.34
CA THR D 239 0.66 11.95 -13.87
C THR D 239 0.86 11.78 -12.36
N PRO D 240 -0.09 11.15 -11.66
CA PRO D 240 0.17 10.85 -10.24
C PRO D 240 1.43 10.00 -10.03
N GLU D 241 1.70 9.04 -10.92
CA GLU D 241 2.90 8.21 -10.77
C GLU D 241 4.17 9.05 -10.84
N PHE D 242 4.24 9.99 -11.78
CA PHE D 242 5.45 10.81 -11.90
C PHE D 242 5.65 11.69 -10.67
N ILE D 243 4.62 12.42 -10.25
CA ILE D 243 4.73 13.29 -9.08
C ILE D 243 5.02 12.46 -7.82
N ARG D 244 4.50 11.23 -7.75
CA ARG D 244 4.84 10.35 -6.64
C ARG D 244 6.32 10.00 -6.63
N ARG D 245 6.88 9.71 -7.80
CA ARG D 245 8.31 9.45 -7.87
C ARG D 245 9.11 10.70 -7.53
N ALA D 246 8.79 11.84 -8.15
CA ALA D 246 9.51 13.09 -7.86
C ALA D 246 9.49 13.40 -6.38
N HIS D 247 8.36 13.17 -5.72
CA HIS D 247 8.29 13.42 -4.29
C HIS D 247 9.21 12.48 -3.50
N ALA D 248 9.19 11.19 -3.84
CA ALA D 248 10.10 10.25 -3.18
C ALA D 248 11.56 10.65 -3.35
N ASP D 249 11.90 11.37 -4.41
CA ASP D 249 13.26 11.85 -4.61
C ASP D 249 13.51 13.22 -3.98
N GLY D 250 12.57 13.73 -3.19
CA GLY D 250 12.80 14.99 -2.50
C GLY D 250 12.52 16.24 -3.30
N TYR D 251 11.94 16.14 -4.49
CA TYR D 251 11.61 17.28 -5.32
C TYR D 251 10.15 17.69 -5.14
N ALA D 252 9.89 18.99 -5.17
CA ALA D 252 8.51 19.46 -5.32
C ALA D 252 8.12 19.46 -6.80
N VAL D 253 6.81 19.45 -7.06
CA VAL D 253 6.30 19.48 -8.43
C VAL D 253 5.39 20.69 -8.63
N HIS D 254 5.71 21.52 -9.63
CA HIS D 254 4.91 22.65 -10.08
C HIS D 254 4.56 22.47 -11.55
N VAL D 255 3.29 22.66 -11.89
CA VAL D 255 2.71 22.29 -13.17
C VAL D 255 2.26 23.56 -13.90
N TRP D 256 2.64 23.69 -15.17
CA TRP D 256 2.11 24.77 -16.00
C TRP D 256 1.38 24.20 -17.20
N PHE D 257 0.69 25.10 -17.91
CA PHE D 257 -0.29 24.74 -18.93
C PHE D 257 0.12 25.28 -20.29
N SER D 258 -0.13 26.56 -20.57
CA SER D 258 0.42 27.21 -21.76
C SER D 258 0.08 26.45 -23.03
N GLY D 259 -1.18 26.03 -23.15
CA GLY D 259 -1.60 25.30 -24.33
C GLY D 259 -1.22 23.83 -24.39
N THR D 260 -0.44 23.32 -23.43
CA THR D 260 -0.29 21.87 -23.37
C THR D 260 -1.56 21.22 -22.82
N ALA D 261 -2.38 21.96 -22.10
CA ALA D 261 -3.68 21.50 -21.63
C ALA D 261 -4.56 22.73 -21.43
N PRO D 262 -5.88 22.57 -21.44
CA PRO D 262 -6.77 23.72 -21.21
C PRO D 262 -6.48 24.39 -19.87
N ASP D 263 -6.63 25.72 -19.84
CA ASP D 263 -6.72 26.51 -18.61
C ASP D 263 -8.19 26.53 -18.21
N ASP D 264 -8.68 25.46 -17.59
CA ASP D 264 -10.07 25.46 -17.15
C ASP D 264 -10.20 24.75 -15.82
N GLU D 265 -11.43 24.76 -15.30
CA GLU D 265 -11.70 24.20 -13.98
C GLU D 265 -11.33 22.73 -13.89
N ALA D 266 -11.77 21.93 -14.87
CA ALA D 266 -11.56 20.49 -14.77
C ALA D 266 -10.08 20.14 -14.79
N THR D 267 -9.30 20.84 -15.60
CA THR D 267 -7.88 20.55 -15.65
C THR D 267 -7.18 20.98 -14.36
N TYR D 268 -7.58 22.11 -13.77
CA TYR D 268 -6.97 22.55 -12.51
C TYR D 268 -7.24 21.55 -11.39
N ASN D 269 -8.47 21.06 -11.31
CA ASN D 269 -8.84 20.11 -10.27
C ASN D 269 -8.11 18.79 -10.44
N ARG D 270 -7.79 18.42 -11.69
CA ARG D 270 -7.06 17.18 -11.91
C ARG D 270 -5.63 17.31 -11.43
N ILE D 271 -4.99 18.45 -11.70
CA ILE D 271 -3.62 18.64 -11.30
C ILE D 271 -3.52 18.75 -9.78
N ILE D 272 -4.51 19.37 -9.15
CA ILE D 272 -4.54 19.38 -7.70
C ILE D 272 -4.64 17.95 -7.16
N ASP D 273 -5.60 17.19 -7.70
CA ASP D 273 -5.81 15.79 -7.31
C ASP D 273 -4.56 14.94 -7.53
N SER D 274 -3.85 15.18 -8.63
CA SER D 274 -2.61 14.45 -8.91
C SER D 274 -1.47 14.77 -7.92
N CYS D 275 -1.70 15.58 -6.88
CA CYS D 275 -0.78 15.87 -5.76
C CYS D 275 0.28 16.90 -6.09
N ALA D 276 0.18 17.64 -7.19
CA ALA D 276 1.16 18.70 -7.44
C ALA D 276 1.23 19.66 -6.27
N ASP D 277 2.43 20.20 -6.03
CA ASP D 277 2.66 21.17 -4.96
C ASP D 277 2.25 22.58 -5.37
N GLY D 278 2.33 22.88 -6.66
CA GLY D 278 1.89 24.18 -7.15
C GLY D 278 1.45 24.13 -8.59
N LEU D 279 0.59 25.09 -8.95
CA LEU D 279 0.11 25.28 -10.31
C LEU D 279 0.40 26.71 -10.79
N MET D 280 0.55 26.84 -12.11
CA MET D 280 0.81 28.13 -12.77
C MET D 280 -0.36 28.50 -13.68
N PRO D 281 -1.46 29.01 -13.11
CA PRO D 281 -2.66 29.22 -13.92
C PRO D 281 -2.66 30.54 -14.70
N ALA D 282 -3.16 30.51 -15.93
CA ALA D 282 -3.46 31.75 -16.64
C ALA D 282 -4.61 32.51 -15.99
N TYR D 283 -5.44 31.83 -15.19
CA TYR D 283 -6.54 32.44 -14.44
C TYR D 283 -6.30 32.26 -12.94
N PRO D 284 -5.48 33.11 -12.34
CA PRO D 284 -5.18 32.92 -10.91
C PRO D 284 -6.37 33.15 -10.00
N ALA D 285 -7.29 34.07 -10.33
CA ALA D 285 -8.46 34.23 -9.47
C ALA D 285 -9.40 33.04 -9.56
N LEU D 286 -9.44 32.38 -10.71
CA LEU D 286 -10.19 31.14 -10.82
C LEU D 286 -9.61 30.02 -9.94
N LEU D 287 -8.29 29.87 -9.93
CA LEU D 287 -7.66 28.86 -9.09
C LEU D 287 -7.97 29.11 -7.62
N GLU D 288 -7.85 30.36 -7.20
CA GLU D 288 -8.11 30.73 -5.81
C GLU D 288 -9.54 30.38 -5.40
N ARG D 289 -10.50 30.68 -6.27
CA ARG D 289 -11.88 30.27 -5.99
C ARG D 289 -11.96 28.75 -5.82
N ILE D 290 -11.30 27.99 -6.69
CA ILE D 290 -11.37 26.54 -6.60
C ILE D 290 -10.72 26.05 -5.31
N LEU D 291 -9.47 26.45 -5.05
CA LEU D 291 -8.77 26.02 -3.84
C LEU D 291 -9.56 26.34 -2.58
N ASP D 292 -10.12 27.57 -2.51
CA ASP D 292 -10.83 28.01 -1.33
C ASP D 292 -12.11 27.21 -1.13
N GLU D 293 -12.86 27.04 -2.20
CA GLU D 293 -14.10 26.27 -2.10
C GLU D 293 -13.85 24.82 -1.73
N ARG D 294 -12.72 24.23 -2.12
CA ARG D 294 -12.39 22.88 -1.69
C ARG D 294 -11.60 22.85 -0.38
N GLY D 295 -11.25 24.00 0.17
CA GLY D 295 -10.52 24.03 1.43
C GLY D 295 -9.17 23.34 1.38
N ILE D 296 -8.43 23.52 0.29
CA ILE D 296 -7.14 22.86 0.12
C ILE D 296 -6.10 23.47 1.05
N GLU D 297 -5.27 22.63 1.65
CA GLU D 297 -4.14 23.14 2.42
C GLU D 297 -3.32 24.13 1.60
N ARG D 298 -2.98 25.24 2.22
CA ARG D 298 -2.16 26.29 1.63
C ARG D 298 -0.99 26.54 2.56
N PRO D 299 0.08 27.16 2.07
CA PRO D 299 1.21 27.47 2.96
C PRO D 299 0.74 28.24 4.19
N GLY D 300 1.10 27.72 5.37
CA GLY D 300 0.72 28.35 6.62
C GLY D 300 -0.77 28.38 6.91
N ARG D 301 -1.56 27.52 6.27
CA ARG D 301 -3.01 27.48 6.47
C ARG D 301 -3.45 26.05 6.22
N PRO D 302 -3.39 25.19 7.24
CA PRO D 302 -3.68 23.78 7.02
C PRO D 302 -5.13 23.58 6.59
N GLY D 303 -5.35 22.49 5.86
CA GLY D 303 -6.65 22.21 5.31
C GLY D 303 -6.66 20.84 4.67
N VAL D 304 -7.51 20.64 3.67
CA VAL D 304 -7.60 19.35 3.00
C VAL D 304 -6.30 19.09 2.25
N ASP D 305 -5.75 17.89 2.43
CA ASP D 305 -4.76 17.35 1.52
C ASP D 305 -5.51 16.61 0.42
N PRO D 306 -5.40 17.05 -0.84
CA PRO D 306 -6.23 16.44 -1.90
C PRO D 306 -5.84 15.03 -2.25
N CYS D 307 -4.69 14.56 -1.78
CA CYS D 307 -4.19 13.23 -2.11
C CYS D 307 -4.88 12.14 -1.30
N ASP E 7 19.07 17.86 14.99
CA ASP E 7 18.18 16.84 15.55
C ASP E 7 18.87 15.45 15.63
N ASN E 8 18.16 14.37 15.25
CA ASN E 8 18.50 12.97 15.54
C ASN E 8 19.95 12.58 15.27
N PRO E 9 20.77 12.46 16.33
CA PRO E 9 22.17 12.08 16.12
C PRO E 9 22.34 10.67 15.59
N TRP E 10 21.35 9.80 15.77
CA TRP E 10 21.45 8.43 15.29
C TRP E 10 21.48 8.35 13.76
N LEU E 11 21.17 9.45 13.07
CA LEU E 11 21.29 9.47 11.62
C LEU E 11 22.72 9.67 11.16
N ASP E 12 23.61 10.13 12.05
CA ASP E 12 25.04 10.21 11.79
C ASP E 12 25.81 9.03 12.39
N ALA E 13 25.13 8.14 13.11
CA ALA E 13 25.78 7.01 13.76
C ALA E 13 25.71 5.82 12.82
N ARG E 14 26.58 5.84 11.80
CA ARG E 14 26.57 4.85 10.73
C ARG E 14 28.00 4.70 10.19
N VAL E 15 28.31 3.53 9.60
CA VAL E 15 27.52 2.30 9.62
C VAL E 15 27.86 1.52 10.89
N LEU E 16 26.86 0.96 11.58
CA LEU E 16 27.04 0.33 12.87
C LEU E 16 27.09 -1.19 12.74
N ASN E 17 28.08 -1.79 13.41
CA ASN E 17 28.15 -3.22 13.66
C ASN E 17 27.62 -3.44 15.09
N MET E 18 26.43 -4.03 15.17
CA MET E 18 25.70 -4.20 16.44
C MET E 18 25.60 -5.71 16.73
N ALA E 19 26.57 -6.23 17.48
CA ALA E 19 26.70 -7.67 17.75
C ALA E 19 25.43 -8.30 18.30
N HIS E 20 24.75 -9.10 17.49
CA HIS E 20 23.47 -9.70 17.90
C HIS E 20 23.70 -10.73 19.00
N ALA E 21 23.26 -10.40 20.21
CA ALA E 21 23.50 -11.22 21.40
C ALA E 21 25.00 -11.44 21.63
N GLY E 22 25.83 -10.51 21.15
CA GLY E 22 27.27 -10.69 21.13
C GLY E 22 27.81 -11.39 19.90
N GLY E 23 26.95 -11.99 19.07
CA GLY E 23 27.41 -12.74 17.91
C GLY E 23 27.16 -14.22 18.10
N GLU E 24 25.88 -14.60 18.14
CA GLU E 24 25.49 -15.93 18.62
C GLU E 24 26.13 -17.06 17.82
N ASN E 25 26.57 -16.79 16.59
CA ASN E 25 27.18 -17.84 15.77
C ASN E 25 28.70 -17.84 15.86
N GLU E 26 29.29 -16.82 16.50
CA GLU E 26 30.72 -16.80 16.80
C GLU E 26 31.03 -17.04 18.27
N ALA E 27 30.06 -16.94 19.16
CA ALA E 27 30.32 -17.07 20.59
C ALA E 27 28.98 -17.36 21.28
N PRO E 28 29.02 -17.94 22.48
CA PRO E 28 27.75 -18.22 23.19
C PRO E 28 26.98 -16.93 23.40
N ALA E 29 25.74 -16.92 22.91
CA ALA E 29 24.88 -15.74 23.00
C ALA E 29 24.74 -15.25 24.45
N ASN E 30 24.79 -13.93 24.61
CA ASN E 30 24.40 -13.24 25.83
C ASN E 30 25.24 -13.69 27.03
N THR E 31 26.56 -13.58 26.86
CA THR E 31 27.53 -13.85 27.90
C THR E 31 28.56 -12.74 27.86
N LEU E 32 29.17 -12.45 29.02
CA LEU E 32 30.22 -11.45 29.08
C LEU E 32 31.35 -11.78 28.11
N TYR E 33 31.64 -13.07 27.94
CA TYR E 33 32.67 -13.46 26.99
C TYR E 33 32.30 -13.00 25.58
N ALA E 34 31.05 -13.27 25.17
CA ALA E 34 30.60 -12.84 23.85
C ALA E 34 30.68 -11.33 23.69
N PHE E 35 30.18 -10.58 24.68
CA PHE E 35 30.20 -9.12 24.58
C PHE E 35 31.65 -8.60 24.60
N LYS E 36 32.45 -9.08 25.55
CA LYS E 36 33.84 -8.62 25.63
C LYS E 36 34.57 -8.87 24.32
N ARG E 37 34.50 -10.11 23.83
CA ARG E 37 35.04 -10.45 22.52
C ARG E 37 34.53 -9.49 21.44
N ALA E 38 33.19 -9.28 21.39
CA ALA E 38 32.60 -8.45 20.35
C ALA E 38 33.18 -7.04 20.38
N VAL E 39 33.24 -6.41 21.55
CA VAL E 39 33.74 -5.04 21.61
C VAL E 39 35.20 -5.00 21.18
N LYS E 40 35.97 -6.05 21.51
CA LYS E 40 37.40 -6.06 21.22
C LYS E 40 37.65 -6.19 19.72
N LEU E 41 36.84 -6.97 19.03
CA LEU E 41 37.02 -7.09 17.58
C LEU E 41 36.44 -5.90 16.82
N GLY E 42 35.81 -4.93 17.48
CA GLY E 42 35.44 -3.68 16.83
C GLY E 42 33.97 -3.32 16.70
N ALA E 43 33.09 -4.06 17.37
CA ALA E 43 31.67 -3.79 17.28
C ALA E 43 31.34 -2.46 17.96
N ASN E 44 30.56 -1.61 17.28
CA ASN E 44 30.24 -0.30 17.83
C ASN E 44 29.15 -0.34 18.88
N MET E 45 28.44 -1.45 19.02
CA MET E 45 27.22 -1.49 19.82
C MET E 45 26.87 -2.94 20.14
N LEU E 46 26.43 -3.19 21.37
CA LEU E 46 25.95 -4.51 21.79
C LEU E 46 24.43 -4.56 21.74
N GLU E 47 23.90 -5.62 21.16
CA GLU E 47 22.46 -5.92 21.21
C GLU E 47 22.21 -7.11 22.14
N LEU E 48 21.33 -6.94 23.14
CA LEU E 48 21.01 -8.02 24.05
C LEU E 48 19.52 -7.99 24.40
N ASP E 49 19.05 -9.08 25.03
CA ASP E 49 17.65 -9.25 25.45
C ASP E 49 17.59 -9.54 26.95
N VAL E 50 16.46 -9.19 27.58
CA VAL E 50 16.35 -9.29 29.03
C VAL E 50 15.04 -9.96 29.46
N GLN E 51 15.15 -10.80 30.48
CA GLN E 51 14.09 -11.37 31.27
C GLN E 51 14.38 -11.00 32.71
N SER E 52 13.48 -11.38 33.62
CA SER E 52 13.73 -11.19 35.05
C SER E 52 13.53 -12.50 35.81
N THR E 53 14.28 -12.65 36.91
CA THR E 53 14.27 -13.85 37.72
C THR E 53 13.07 -13.88 38.66
N LYS E 54 13.02 -14.93 39.49
CA LYS E 54 11.97 -15.01 40.50
C LYS E 54 12.11 -13.90 41.53
N ASP E 55 13.34 -13.47 41.81
CA ASP E 55 13.66 -12.40 42.74
C ASP E 55 13.97 -11.10 42.03
N ASP E 56 13.27 -10.82 40.93
CA ASP E 56 13.21 -9.48 40.33
C ASP E 56 14.57 -8.94 39.89
N GLN E 57 15.46 -9.81 39.48
CA GLN E 57 16.73 -9.35 38.93
C GLN E 57 16.69 -9.50 37.42
N LEU E 58 17.20 -8.49 36.71
CA LEU E 58 17.25 -8.56 35.26
C LEU E 58 18.49 -9.32 34.81
N VAL E 59 18.29 -10.32 33.94
CA VAL E 59 19.37 -11.15 33.43
C VAL E 59 19.39 -11.09 31.91
N VAL E 60 20.58 -11.24 31.34
CA VAL E 60 20.76 -11.13 29.89
C VAL E 60 20.53 -12.52 29.28
N ILE E 61 19.35 -12.71 28.67
CA ILE E 61 19.01 -13.97 28.04
C ILE E 61 17.79 -13.77 27.14
N HIS E 62 17.75 -14.52 26.03
CA HIS E 62 16.74 -14.34 24.99
C HIS E 62 15.45 -15.08 25.33
N ASN E 63 15.53 -16.41 25.47
CA ASN E 63 14.38 -17.26 25.68
C ASN E 63 13.71 -17.03 27.03
N ALA E 64 12.43 -17.42 27.13
CA ALA E 64 11.75 -17.47 28.42
C ALA E 64 12.32 -18.54 29.36
N THR E 65 12.76 -19.67 28.81
CA THR E 65 13.32 -20.79 29.57
C THR E 65 14.82 -20.94 29.31
N VAL E 66 15.52 -21.56 30.26
CA VAL E 66 16.98 -21.75 30.16
C VAL E 66 17.41 -22.98 29.35
N ASP E 67 16.48 -23.84 28.92
CA ASP E 67 16.83 -25.15 28.36
C ASP E 67 17.72 -25.03 27.12
N GLN E 68 17.43 -24.11 26.21
CA GLN E 68 18.13 -24.14 24.93
C GLN E 68 19.62 -23.80 25.08
N THR E 69 20.00 -22.95 26.04
CA THR E 69 21.35 -22.41 26.09
C THR E 69 22.14 -22.85 27.31
N THR E 70 21.54 -23.61 28.23
CA THR E 70 22.19 -24.02 29.46
C THR E 70 22.02 -25.51 29.68
N ASP E 71 22.67 -25.99 30.75
CA ASP E 71 22.49 -27.34 31.25
C ASP E 71 21.27 -27.48 32.15
N GLY E 72 20.59 -26.37 32.47
CA GLY E 72 19.43 -26.41 33.33
C GLY E 72 18.13 -26.50 32.55
N THR E 73 17.03 -26.28 33.27
CA THR E 73 15.70 -26.35 32.70
C THR E 73 14.77 -25.50 33.57
N GLY E 74 13.67 -25.03 32.99
CA GLY E 74 12.67 -24.24 33.70
C GLY E 74 12.66 -22.77 33.24
N LYS E 75 11.54 -22.10 33.53
CA LYS E 75 11.39 -20.68 33.19
C LYS E 75 12.33 -19.81 34.02
N VAL E 76 12.92 -18.79 33.38
CA VAL E 76 13.81 -17.87 34.10
C VAL E 76 13.09 -17.25 35.30
N ARG E 77 11.82 -16.88 35.13
CA ARG E 77 11.10 -16.19 36.19
C ARG E 77 10.74 -17.08 37.38
N ASP E 78 10.94 -18.39 37.27
CA ASP E 78 10.71 -19.30 38.39
C ASP E 78 11.97 -19.60 39.17
N LEU E 79 13.09 -18.98 38.82
CA LEU E 79 14.40 -19.28 39.40
C LEU E 79 15.03 -18.03 40.01
N THR E 80 15.66 -18.20 41.18
CA THR E 80 16.44 -17.11 41.74
C THR E 80 17.65 -16.80 40.85
N PHE E 81 18.17 -15.58 40.97
CA PHE E 81 19.36 -15.24 40.20
C PHE E 81 20.52 -16.17 40.52
N GLU E 82 20.62 -16.57 41.79
CA GLU E 82 21.67 -17.51 42.21
C GLU E 82 21.57 -18.81 41.43
N GLN E 83 20.35 -19.35 41.27
CA GLN E 83 20.16 -20.57 40.49
C GLN E 83 20.59 -20.35 39.04
N VAL E 84 20.03 -19.32 38.41
CA VAL E 84 20.34 -18.99 37.02
C VAL E 84 21.84 -18.83 36.83
N HIS E 85 22.47 -18.03 37.70
CA HIS E 85 23.86 -17.64 37.47
C HIS E 85 24.85 -18.80 37.58
N GLU E 86 24.47 -19.90 38.22
CA GLU E 86 25.41 -21.02 38.27
C GLU E 86 25.28 -21.97 37.08
N LEU E 87 24.31 -21.74 36.19
CA LEU E 87 24.16 -22.56 35.00
C LEU E 87 25.33 -22.32 34.04
N ASP E 88 25.47 -23.21 33.05
CA ASP E 88 26.52 -23.10 32.02
C ASP E 88 25.88 -22.55 30.75
N ALA E 89 26.11 -21.26 30.47
CA ALA E 89 25.45 -20.61 29.35
C ALA E 89 26.09 -20.89 28.00
N ALA E 90 27.13 -21.75 27.95
CA ALA E 90 27.72 -22.19 26.70
C ALA E 90 27.60 -23.71 26.56
N TYR E 91 26.73 -24.32 27.36
CA TYR E 91 26.57 -25.77 27.38
C TYR E 91 26.17 -26.35 26.03
N ASN E 92 25.48 -25.55 25.20
CA ASN E 92 24.96 -26.06 23.93
C ASN E 92 25.47 -25.27 22.74
N PHE E 93 26.51 -24.44 22.95
CA PHE E 93 26.97 -23.53 21.91
C PHE E 93 27.84 -24.28 20.89
N ILE E 94 27.47 -24.18 19.61
CA ILE E 94 28.25 -24.75 18.52
C ILE E 94 28.62 -23.62 17.57
N PRO E 95 29.91 -23.33 17.37
CA PRO E 95 30.33 -22.30 16.41
C PRO E 95 29.67 -22.51 15.06
N GLY E 96 29.02 -21.47 14.56
CA GLY E 96 28.28 -21.53 13.32
C GLY E 96 26.84 -21.98 13.45
N ARG E 97 26.39 -22.43 14.64
CA ARG E 97 25.02 -22.90 14.76
C ARG E 97 24.29 -22.42 16.01
N HIS E 98 24.76 -21.35 16.66
CA HIS E 98 24.14 -20.82 17.88
C HIS E 98 24.05 -21.97 18.91
N ALA E 99 22.88 -22.23 19.49
CA ALA E 99 22.74 -23.24 20.55
C ALA E 99 21.82 -24.35 20.07
N VAL E 100 22.31 -25.59 20.09
CA VAL E 100 21.56 -26.78 19.68
C VAL E 100 21.79 -27.86 20.73
N PRO E 101 20.79 -28.21 21.54
CA PRO E 101 20.97 -29.30 22.50
C PRO E 101 20.79 -30.68 21.88
N GLY E 102 21.24 -31.68 22.64
CA GLY E 102 21.00 -33.06 22.26
C GLY E 102 21.94 -33.63 21.22
N GLU E 103 23.06 -32.98 20.94
CA GLU E 103 23.99 -33.50 19.98
C GLU E 103 25.24 -34.01 20.70
N PRO E 104 26.15 -34.71 20.00
CA PRO E 104 27.25 -35.38 20.70
C PRO E 104 28.15 -34.39 21.42
N PRO E 105 28.70 -34.79 22.58
CA PRO E 105 29.31 -33.80 23.51
C PRO E 105 30.45 -33.02 22.92
N GLU E 106 31.14 -33.59 21.95
CA GLU E 106 32.27 -32.94 21.30
C GLU E 106 31.86 -31.84 20.33
N SER E 107 30.56 -31.69 20.05
CA SER E 107 30.14 -30.55 19.25
C SER E 107 30.39 -29.22 19.95
N TYR E 108 30.50 -29.21 21.28
CA TYR E 108 30.42 -28.00 22.10
C TYR E 108 31.76 -27.57 22.67
N PRO E 109 32.53 -26.73 21.97
CA PRO E 109 33.93 -26.48 22.40
C PRO E 109 34.06 -25.74 23.73
N LEU E 110 33.02 -25.06 24.21
CA LEU E 110 33.12 -24.33 25.47
C LEU E 110 32.30 -24.95 26.58
N ARG E 111 31.61 -26.07 26.32
CA ARG E 111 30.88 -26.75 27.38
C ARG E 111 31.80 -27.05 28.55
N GLY E 112 31.38 -26.69 29.76
CA GLY E 112 32.17 -26.98 30.95
C GLY E 112 33.21 -25.94 31.36
N VAL E 113 33.42 -24.89 30.56
CA VAL E 113 34.28 -23.80 31.04
C VAL E 113 33.64 -23.07 32.23
N ARG E 114 32.32 -22.82 32.17
CA ARG E 114 31.67 -22.09 33.24
C ARG E 114 31.78 -22.83 34.56
N THR E 115 31.68 -24.15 34.50
CA THR E 115 31.66 -24.99 35.70
C THR E 115 33.04 -25.54 36.05
N GLY E 116 34.08 -25.13 35.34
CA GLY E 116 35.43 -25.47 35.71
C GLY E 116 35.97 -26.82 35.26
N GLU E 117 35.21 -27.62 34.51
CA GLU E 117 35.77 -28.86 33.97
C GLU E 117 36.83 -28.57 32.92
N LYS E 118 36.63 -27.51 32.14
CA LYS E 118 37.52 -27.13 31.06
C LYS E 118 38.19 -25.79 31.40
N LYS E 119 39.44 -25.68 31.03
CA LYS E 119 40.16 -24.43 31.19
C LYS E 119 39.52 -23.34 30.33
N PRO E 120 39.30 -22.14 30.87
CA PRO E 120 38.73 -21.07 30.05
C PRO E 120 39.72 -20.57 29.02
N PRO E 121 39.25 -20.04 27.90
CA PRO E 121 40.15 -19.48 26.89
C PRO E 121 40.97 -18.32 27.44
N PRO E 122 42.10 -18.02 26.82
CA PRO E 122 43.04 -17.07 27.43
C PRO E 122 42.41 -15.71 27.69
N GLY E 123 42.51 -15.26 28.93
CA GLY E 123 42.07 -13.93 29.31
C GLY E 123 40.63 -13.83 29.75
N TYR E 124 39.97 -14.95 30.07
CA TYR E 124 38.59 -14.95 30.55
C TYR E 124 38.48 -15.86 31.75
N GLN E 125 37.44 -15.65 32.54
CA GLN E 125 37.14 -16.41 33.75
C GLN E 125 35.91 -17.29 33.54
N PRO E 126 35.62 -18.19 34.48
CA PRO E 126 34.39 -18.99 34.32
C PRO E 126 33.12 -18.17 34.35
N SER E 127 33.04 -17.13 35.19
CA SER E 127 31.83 -16.32 35.25
C SER E 127 31.54 -15.61 33.92
N ASP E 128 32.54 -15.49 33.04
CA ASP E 128 32.35 -14.95 31.69
C ASP E 128 31.46 -15.83 30.81
N PHE E 129 31.10 -17.03 31.29
CA PHE E 129 30.33 -18.01 30.53
C PHE E 129 29.05 -18.38 31.25
N ALA E 130 28.59 -17.52 32.17
CA ALA E 130 27.31 -17.64 32.85
C ALA E 130 26.30 -16.64 32.28
N ILE E 131 25.06 -16.78 32.71
CA ILE E 131 24.04 -15.76 32.42
C ILE E 131 24.29 -14.56 33.32
N PRO E 132 24.61 -13.40 32.78
CA PRO E 132 24.91 -12.25 33.63
C PRO E 132 23.67 -11.43 34.00
N LYS E 133 23.84 -10.65 35.06
CA LYS E 133 22.92 -9.56 35.37
C LYS E 133 23.11 -8.43 34.38
N LEU E 134 22.02 -7.79 33.97
CA LEU E 134 22.17 -6.62 33.12
C LEU E 134 23.04 -5.57 33.79
N ALA E 135 22.86 -5.37 35.10
CA ALA E 135 23.73 -4.49 35.86
C ALA E 135 25.21 -4.85 35.66
N ASP E 136 25.51 -6.14 35.55
CA ASP E 136 26.91 -6.54 35.37
C ASP E 136 27.42 -6.23 33.96
N VAL E 137 26.58 -6.40 32.94
CA VAL E 137 26.98 -5.99 31.59
C VAL E 137 27.17 -4.49 31.53
N LEU E 138 26.28 -3.73 32.18
CA LEU E 138 26.36 -2.27 32.14
C LEU E 138 27.60 -1.75 32.84
N GLU E 139 28.01 -2.43 33.93
CA GLU E 139 29.24 -2.03 34.57
C GLU E 139 30.42 -2.40 33.69
N ALA E 140 30.35 -3.55 33.02
CA ALA E 140 31.44 -3.99 32.15
C ALA E 140 31.59 -3.08 30.94
N PHE E 141 30.51 -2.45 30.49
CA PHE E 141 30.57 -1.60 29.31
C PHE E 141 29.96 -0.23 29.60
N PRO E 142 30.74 0.65 30.25
CA PRO E 142 30.22 1.97 30.60
C PRO E 142 30.26 2.97 29.45
N ARG E 143 30.99 2.69 28.39
CA ARG E 143 31.13 3.61 27.27
C ARG E 143 30.65 3.02 25.96
N THR E 144 29.99 1.86 25.99
CA THR E 144 29.49 1.24 24.77
C THR E 144 27.97 1.35 24.74
N PRO E 145 27.40 1.90 23.67
CA PRO E 145 25.94 1.90 23.52
C PRO E 145 25.38 0.49 23.41
N ILE E 146 24.26 0.26 24.11
CA ILE E 146 23.60 -1.03 24.25
C ILE E 146 22.18 -0.94 23.68
N ASN E 147 21.87 -1.85 22.76
CA ASN E 147 20.51 -2.12 22.32
C ASN E 147 19.88 -3.18 23.21
N ILE E 148 18.80 -2.85 23.91
CA ILE E 148 18.19 -3.74 24.91
C ILE E 148 16.77 -4.07 24.47
N GLU E 149 16.40 -5.35 24.55
CA GLU E 149 15.11 -5.81 24.06
C GLU E 149 14.33 -6.49 25.18
N ILE E 150 13.19 -5.92 25.53
CA ILE E 150 12.33 -6.44 26.58
C ILE E 150 11.67 -7.73 26.09
N LYS E 151 11.89 -8.82 26.83
CA LYS E 151 11.28 -10.11 26.48
C LYS E 151 10.22 -10.47 27.50
N GLY E 152 9.44 -11.49 27.17
CA GLY E 152 8.37 -11.95 28.02
C GLY E 152 8.39 -13.45 28.22
N THR E 153 7.50 -13.91 29.08
CA THR E 153 7.38 -15.32 29.41
C THR E 153 6.71 -16.10 28.29
N SER E 154 5.85 -15.44 27.51
CA SER E 154 5.15 -16.05 26.40
C SER E 154 4.50 -14.92 25.62
N ASP E 155 4.18 -15.19 24.35
CA ASP E 155 3.75 -14.10 23.47
C ASP E 155 2.46 -13.44 23.92
N ALA E 156 1.72 -14.06 24.83
CA ALA E 156 0.46 -13.51 25.31
C ALA E 156 0.48 -13.14 26.78
N ASP E 157 1.62 -13.25 27.46
CA ASP E 157 1.70 -12.92 28.88
C ASP E 157 2.10 -11.44 28.99
N ILE E 158 1.10 -10.58 28.75
CA ILE E 158 1.35 -9.14 28.73
C ILE E 158 1.91 -8.64 30.06
N PRO E 159 1.43 -9.08 31.24
CA PRO E 159 2.06 -8.62 32.49
C PRO E 159 3.57 -8.85 32.55
N SER E 160 4.04 -10.05 32.16
CA SER E 160 5.47 -10.34 32.21
C SER E 160 6.27 -9.31 31.42
N PHE E 161 5.76 -8.92 30.24
CA PHE E 161 6.38 -7.84 29.48
C PHE E 161 6.34 -6.51 30.24
N LEU E 162 5.19 -6.15 30.81
CA LEU E 162 5.10 -4.87 31.53
C LEU E 162 5.94 -4.92 32.80
N HIS E 163 5.92 -6.06 33.51
CA HIS E 163 6.79 -6.23 34.66
C HIS E 163 8.25 -6.00 34.27
N ASN E 164 8.69 -6.62 33.17
CA ASN E 164 10.08 -6.49 32.75
C ASN E 164 10.40 -5.05 32.34
N ALA E 165 9.51 -4.41 31.59
CA ALA E 165 9.71 -3.00 31.22
C ALA E 165 9.80 -2.10 32.44
N LYS E 166 9.07 -2.42 33.52
CA LYS E 166 9.15 -1.63 34.74
C LYS E 166 10.54 -1.74 35.37
N LEU E 167 11.02 -2.97 35.60
CA LEU E 167 12.35 -3.16 36.15
C LEU E 167 13.43 -2.52 35.29
N LEU E 168 13.31 -2.61 33.96
CA LEU E 168 14.31 -2.02 33.07
C LEU E 168 14.32 -0.49 33.16
N ALA E 169 13.14 0.14 33.18
CA ALA E 169 13.07 1.58 33.41
C ALA E 169 13.82 1.98 34.68
N ARG E 170 13.50 1.31 35.79
CA ARG E 170 14.12 1.60 37.08
C ARG E 170 15.64 1.49 37.02
N LEU E 171 16.15 0.36 36.53
CA LEU E 171 17.59 0.14 36.46
C LEU E 171 18.26 1.19 35.56
N LEU E 172 17.73 1.38 34.34
CA LEU E 172 18.37 2.27 33.38
C LEU E 172 18.38 3.73 33.85
N LYS E 173 17.34 4.14 34.59
CA LYS E 173 17.28 5.51 35.11
C LYS E 173 18.41 5.78 36.11
N LYS E 174 18.72 4.80 36.97
CA LYS E 174 19.78 4.98 37.96
C LYS E 174 21.16 5.08 37.33
N THR E 175 21.31 4.69 36.07
CA THR E 175 22.61 4.83 35.45
C THR E 175 22.92 6.28 35.12
N GLY E 176 21.90 7.07 34.81
CA GLY E 176 22.11 8.36 34.21
C GLY E 176 22.44 8.34 32.73
N ARG E 177 22.76 7.17 32.16
CA ARG E 177 23.14 7.09 30.75
C ARG E 177 21.92 7.21 29.84
N THR E 178 22.14 7.78 28.65
CA THR E 178 21.12 7.75 27.62
C THR E 178 21.62 7.17 26.29
N ASP E 179 22.85 6.62 26.22
CA ASP E 179 23.33 5.93 25.02
C ASP E 179 22.75 4.49 24.94
N PHE E 180 21.42 4.42 24.98
CA PHE E 180 20.66 3.19 24.80
C PHE E 180 19.62 3.37 23.69
N ILE E 181 19.23 2.26 23.09
CA ILE E 181 17.97 2.16 22.36
C ILE E 181 17.23 0.98 22.95
N VAL E 182 16.05 1.24 23.52
CA VAL E 182 15.22 0.21 24.13
C VAL E 182 14.09 -0.12 23.17
N THR E 183 13.73 -1.39 23.10
CA THR E 183 12.70 -1.79 22.16
C THR E 183 12.09 -3.08 22.67
N SER E 184 11.13 -3.59 21.90
CA SER E 184 10.46 -4.85 22.21
C SER E 184 9.63 -5.22 20.98
N LEU E 185 9.34 -6.50 20.84
CA LEU E 185 8.35 -6.89 19.84
C LEU E 185 6.95 -6.49 20.27
N ASN E 186 6.74 -6.35 21.58
CA ASN E 186 5.45 -6.03 22.16
C ASN E 186 5.34 -4.51 22.28
N ASP E 187 4.31 -3.93 21.62
CA ASP E 187 4.14 -2.47 21.63
C ASP E 187 3.80 -1.95 23.03
N LEU E 188 3.01 -2.70 23.79
CA LEU E 188 2.71 -2.31 25.15
C LEU E 188 4.00 -2.16 25.98
N ALA E 189 4.94 -3.11 25.83
CA ALA E 189 6.20 -3.04 26.59
C ALA E 189 6.97 -1.75 26.30
N VAL E 190 7.07 -1.35 25.02
CA VAL E 190 7.74 -0.10 24.70
C VAL E 190 6.95 1.07 25.31
N ALA E 191 5.62 1.02 25.21
CA ALA E 191 4.80 2.11 25.73
C ALA E 191 4.98 2.24 27.24
N LYS E 192 4.92 1.12 27.97
CA LYS E 192 5.15 1.17 29.43
C LYS E 192 6.56 1.65 29.76
N PHE E 193 7.56 1.29 28.94
CA PHE E 193 8.92 1.75 29.24
C PHE E 193 9.05 3.25 29.01
N HIS E 194 8.57 3.73 27.87
CA HIS E 194 8.73 5.14 27.51
C HIS E 194 8.05 6.05 28.53
N LEU E 195 6.92 5.61 29.06
CA LEU E 195 6.23 6.36 30.09
C LEU E 195 7.08 6.49 31.34
N LEU E 196 7.80 5.43 31.72
CA LEU E 196 8.54 5.43 32.98
C LEU E 196 9.92 6.03 32.85
N ALA E 197 10.53 5.99 31.67
CA ALA E 197 11.87 6.50 31.46
C ALA E 197 11.89 7.20 30.12
N PRO E 198 11.31 8.41 30.04
CA PRO E 198 11.03 9.02 28.72
C PRO E 198 12.24 9.65 28.04
N ASP E 199 13.37 9.81 28.72
CA ASP E 199 14.55 10.38 28.09
C ASP E 199 15.44 9.33 27.42
N ILE E 200 15.01 8.08 27.37
CA ILE E 200 15.80 6.98 26.82
C ILE E 200 15.26 6.65 25.43
N PRO E 201 16.07 6.70 24.38
CA PRO E 201 15.58 6.39 23.03
C PRO E 201 14.92 5.02 22.95
N ILE E 202 14.02 4.88 21.99
CA ILE E 202 13.27 3.65 21.80
C ILE E 202 13.21 3.35 20.30
N ALA E 203 12.76 2.14 19.97
CA ALA E 203 12.34 1.79 18.64
C ALA E 203 10.98 1.12 18.73
N PRO E 204 10.13 1.29 17.71
CA PRO E 204 8.74 0.82 17.84
C PRO E 204 8.65 -0.69 17.88
N GLY E 205 7.55 -1.17 18.48
CA GLY E 205 7.19 -2.57 18.45
C GLY E 205 6.57 -2.97 17.12
N MET E 206 6.05 -4.20 17.11
CA MET E 206 5.63 -4.82 15.85
C MET E 206 4.49 -4.05 15.19
N ALA E 207 3.51 -3.64 15.98
CA ALA E 207 2.35 -2.93 15.43
C ALA E 207 2.71 -1.51 14.98
N GLY E 208 3.44 -0.77 15.81
CA GLY E 208 3.99 0.50 15.34
C GLY E 208 4.73 0.35 14.02
N LEU E 209 5.62 -0.65 13.93
CA LEU E 209 6.44 -0.81 12.73
C LEU E 209 5.59 -1.17 11.51
N ALA E 210 4.59 -2.03 11.69
CA ALA E 210 3.70 -2.40 10.60
C ALA E 210 2.91 -1.20 10.10
N ALA E 211 2.32 -0.43 11.02
CA ALA E 211 1.59 0.76 10.63
C ALA E 211 2.47 1.75 9.89
N TYR E 212 3.73 1.89 10.30
CA TYR E 212 4.58 2.86 9.61
C TYR E 212 4.94 2.37 8.21
N PHE E 213 5.14 1.05 8.07
CA PHE E 213 5.61 0.50 6.81
C PHE E 213 4.48 0.43 5.78
N LEU E 214 3.29 -0.03 6.19
CA LEU E 214 2.19 -0.22 5.26
C LEU E 214 1.41 1.07 4.98
N LEU E 215 1.17 1.91 6.00
CA LEU E 215 0.27 3.05 5.86
C LEU E 215 0.93 4.40 6.08
N GLY E 216 2.16 4.44 6.58
CA GLY E 216 2.83 5.69 6.84
C GLY E 216 2.52 6.32 8.19
N VAL E 217 1.95 5.58 9.13
CA VAL E 217 1.65 6.13 10.45
C VAL E 217 2.94 6.24 11.24
N LYS E 218 3.24 7.45 11.71
CA LYS E 218 4.52 7.72 12.37
C LYS E 218 4.60 7.00 13.71
N PRO E 219 5.71 6.35 14.02
CA PRO E 219 5.84 5.65 15.29
C PRO E 219 5.89 6.63 16.45
N MET E 220 5.59 6.10 17.64
CA MET E 220 5.63 6.79 18.92
C MET E 220 6.78 7.79 19.04
N HIS E 221 6.52 8.90 19.73
CA HIS E 221 7.53 9.91 19.93
C HIS E 221 8.62 9.36 20.85
N GLY E 222 9.84 9.84 20.64
CA GLY E 222 11.01 9.22 21.21
C GLY E 222 11.66 8.16 20.33
N THR E 223 11.02 7.78 19.21
CA THR E 223 11.58 6.78 18.32
C THR E 223 12.78 7.37 17.60
N VAL E 224 13.92 6.65 17.64
CA VAL E 224 15.16 7.14 17.05
C VAL E 224 15.46 6.34 15.78
N ALA E 225 14.99 5.09 15.76
CA ALA E 225 15.26 4.25 14.59
C ALA E 225 14.14 3.23 14.43
N LEU E 226 13.98 2.77 13.19
CA LEU E 226 13.21 1.58 12.91
C LEU E 226 14.18 0.39 12.89
N GLN E 227 13.99 -0.55 13.79
CA GLN E 227 14.81 -1.77 13.85
C GLN E 227 13.97 -2.88 13.26
N ILE E 228 14.36 -3.34 12.08
CA ILE E 228 13.48 -4.15 11.21
C ILE E 228 14.20 -5.46 10.87
N PRO E 229 13.42 -6.49 10.52
CA PRO E 229 14.01 -7.65 9.85
C PRO E 229 14.28 -7.35 8.38
N VAL E 230 15.06 -8.24 7.75
CA VAL E 230 15.28 -8.16 6.31
C VAL E 230 13.96 -8.37 5.57
N ARG E 231 13.19 -9.35 6.00
CA ARG E 231 11.97 -9.81 5.36
C ARG E 231 11.08 -10.25 6.50
N TYR E 232 9.77 -10.16 6.31
CA TYR E 232 8.88 -10.74 7.30
C TYR E 232 7.68 -11.31 6.55
N GLN E 233 7.40 -12.58 6.80
CA GLN E 233 6.29 -13.31 6.17
C GLN E 233 6.21 -13.01 4.67
N GLY E 234 7.28 -13.40 3.95
CA GLY E 234 7.35 -13.30 2.51
C GLY E 234 7.75 -11.95 1.96
N LEU E 235 7.41 -10.87 2.66
CA LEU E 235 7.54 -9.51 2.15
C LEU E 235 8.86 -8.88 2.58
N GLU E 236 9.58 -8.32 1.59
CA GLU E 236 10.81 -7.56 1.83
C GLU E 236 10.51 -6.31 2.66
N ILE E 237 11.19 -6.17 3.80
CA ILE E 237 11.09 -4.96 4.61
C ILE E 237 12.29 -4.06 4.40
N ALA E 238 13.51 -4.62 4.40
CA ALA E 238 14.72 -3.81 4.32
C ALA E 238 15.14 -3.63 2.87
N THR E 239 14.27 -2.91 2.11
CA THR E 239 14.54 -2.47 0.74
C THR E 239 15.15 -1.08 0.73
N PRO E 240 15.81 -0.68 -0.35
CA PRO E 240 16.37 0.69 -0.40
C PRO E 240 15.28 1.75 -0.42
N GLU E 241 14.12 1.44 -1.00
CA GLU E 241 12.98 2.34 -0.99
C GLU E 241 12.55 2.68 0.44
N PHE E 242 12.20 1.65 1.23
CA PHE E 242 11.74 1.88 2.60
C PHE E 242 12.78 2.65 3.42
N ILE E 243 14.07 2.34 3.22
CA ILE E 243 15.09 2.95 4.06
C ILE E 243 15.20 4.44 3.76
N ARG E 244 14.99 4.83 2.50
CA ARG E 244 15.08 6.23 2.14
C ARG E 244 13.90 7.03 2.69
N ARG E 245 12.68 6.46 2.62
CA ARG E 245 11.53 7.09 3.26
C ARG E 245 11.74 7.24 4.76
N ALA E 246 12.18 6.16 5.43
CA ALA E 246 12.52 6.26 6.86
C ALA E 246 13.54 7.35 7.10
N HIS E 247 14.52 7.47 6.21
CA HIS E 247 15.50 8.54 6.33
C HIS E 247 14.87 9.91 6.07
N ALA E 248 13.96 9.99 5.09
CA ALA E 248 13.32 11.27 4.80
C ALA E 248 12.55 11.79 6.01
N ASP E 249 12.03 10.90 6.86
CA ASP E 249 11.33 11.33 8.06
C ASP E 249 12.24 11.34 9.30
N GLY E 250 13.54 11.33 9.10
CA GLY E 250 14.46 11.49 10.21
C GLY E 250 14.55 10.33 11.18
N TYR E 251 14.41 9.09 10.69
CA TYR E 251 14.63 7.90 11.48
C TYR E 251 15.80 7.12 10.90
N ALA E 252 16.67 6.65 11.79
CA ALA E 252 17.68 5.68 11.40
C ALA E 252 17.04 4.30 11.23
N VAL E 253 17.77 3.41 10.54
CA VAL E 253 17.29 2.05 10.27
C VAL E 253 18.39 1.07 10.66
N HIS E 254 18.04 0.13 11.55
CA HIS E 254 18.90 -0.97 11.96
C HIS E 254 18.23 -2.29 11.57
N VAL E 255 19.00 -3.20 10.97
CA VAL E 255 18.47 -4.38 10.28
C VAL E 255 19.03 -5.66 10.91
N TRP E 256 18.15 -6.59 11.25
CA TRP E 256 18.54 -7.86 11.86
C TRP E 256 18.08 -9.00 10.96
N PHE E 257 18.53 -10.20 11.31
CA PHE E 257 18.40 -11.33 10.39
C PHE E 257 17.66 -12.49 11.05
N SER E 258 18.39 -13.34 11.75
CA SER E 258 17.79 -14.26 12.72
C SER E 258 16.68 -15.09 12.07
N GLY E 259 16.98 -15.64 10.88
CA GLY E 259 16.07 -16.51 10.17
C GLY E 259 15.35 -15.85 9.00
N THR E 260 15.08 -14.56 9.06
CA THR E 260 14.40 -13.89 7.97
C THR E 260 15.24 -13.83 6.69
N ALA E 261 16.55 -14.06 6.80
CA ALA E 261 17.49 -14.02 5.69
C ALA E 261 18.82 -14.54 6.23
N PRO E 262 19.67 -15.12 5.38
CA PRO E 262 20.95 -15.71 5.86
C PRO E 262 21.89 -14.66 6.41
N ASP E 263 22.53 -14.99 7.53
CA ASP E 263 23.74 -14.28 7.93
C ASP E 263 24.82 -14.73 6.97
N ASP E 264 25.14 -13.94 5.95
CA ASP E 264 26.26 -14.25 5.07
C ASP E 264 26.77 -12.99 4.37
N GLU E 265 27.79 -13.17 3.53
CA GLU E 265 28.49 -12.04 2.93
C GLU E 265 27.62 -11.34 1.90
N ALA E 266 26.95 -12.11 1.03
CA ALA E 266 26.03 -11.51 0.08
C ALA E 266 24.95 -10.69 0.80
N THR E 267 24.28 -11.30 1.78
CA THR E 267 23.15 -10.65 2.44
C THR E 267 23.59 -9.41 3.21
N TYR E 268 24.72 -9.47 3.91
CA TYR E 268 25.21 -8.29 4.60
C TYR E 268 25.50 -7.17 3.60
N ASN E 269 26.21 -7.49 2.51
CA ASN E 269 26.57 -6.48 1.53
C ASN E 269 25.34 -5.86 0.89
N ARG E 270 24.33 -6.68 0.59
CA ARG E 270 23.12 -6.11 0.02
C ARG E 270 22.43 -5.15 0.99
N ILE E 271 22.54 -5.40 2.31
CA ILE E 271 21.90 -4.51 3.28
C ILE E 271 22.75 -3.26 3.50
N ILE E 272 24.06 -3.37 3.40
CA ILE E 272 24.90 -2.17 3.46
C ILE E 272 24.55 -1.25 2.30
N ASP E 273 24.52 -1.81 1.08
CA ASP E 273 24.23 -1.07 -0.14
C ASP E 273 22.86 -0.42 -0.10
N SER E 274 21.95 -0.92 0.72
CA SER E 274 20.60 -0.39 0.81
C SER E 274 20.48 0.79 1.78
N CYS E 275 21.61 1.29 2.31
CA CYS E 275 21.72 2.52 3.12
C CYS E 275 21.34 2.33 4.58
N ALA E 276 21.13 1.10 5.03
CA ALA E 276 20.88 0.88 6.45
C ALA E 276 22.00 1.48 7.28
N ASP E 277 21.60 2.10 8.40
CA ASP E 277 22.56 2.73 9.30
C ASP E 277 23.24 1.72 10.21
N GLY E 278 22.61 0.58 10.42
CA GLY E 278 23.14 -0.41 11.31
C GLY E 278 22.77 -1.82 10.89
N LEU E 279 23.70 -2.76 11.09
CA LEU E 279 23.46 -4.19 10.95
C LEU E 279 23.61 -4.85 12.30
N MET E 280 22.79 -5.88 12.54
CA MET E 280 22.85 -6.70 13.76
C MET E 280 23.26 -8.12 13.36
N PRO E 281 24.55 -8.37 13.18
CA PRO E 281 25.00 -9.68 12.66
C PRO E 281 25.16 -10.73 13.74
N ALA E 282 24.85 -11.98 13.37
CA ALA E 282 25.26 -13.11 14.19
C ALA E 282 26.74 -13.45 14.01
N TYR E 283 27.40 -12.87 13.01
CA TYR E 283 28.84 -13.02 12.81
C TYR E 283 29.49 -11.64 12.83
N PRO E 284 29.70 -11.05 14.02
CA PRO E 284 30.26 -9.69 14.06
C PRO E 284 31.65 -9.57 13.44
N ALA E 285 32.52 -10.56 13.64
CA ALA E 285 33.86 -10.50 13.06
C ALA E 285 33.80 -10.51 11.54
N LEU E 286 32.92 -11.33 10.97
CA LEU E 286 32.77 -11.36 9.52
C LEU E 286 32.33 -10.01 8.98
N LEU E 287 31.36 -9.37 9.64
CA LEU E 287 30.91 -8.06 9.19
C LEU E 287 32.01 -7.01 9.33
N GLU E 288 32.74 -7.05 10.45
CA GLU E 288 33.89 -6.16 10.60
C GLU E 288 34.87 -6.34 9.45
N ARG E 289 35.12 -7.58 9.04
CA ARG E 289 36.02 -7.78 7.91
C ARG E 289 35.43 -7.17 6.64
N ILE E 290 34.11 -7.29 6.45
CA ILE E 290 33.49 -6.75 5.24
C ILE E 290 33.53 -5.22 5.24
N LEU E 291 33.29 -4.60 6.41
CA LEU E 291 33.36 -3.14 6.49
C LEU E 291 34.78 -2.62 6.27
N ASP E 292 35.76 -3.22 6.94
CA ASP E 292 37.16 -2.83 6.73
C ASP E 292 37.59 -3.02 5.29
N GLU E 293 37.17 -4.13 4.67
CA GLU E 293 37.56 -4.44 3.31
C GLU E 293 37.02 -3.42 2.33
N ARG E 294 35.81 -2.92 2.55
CA ARG E 294 35.20 -1.96 1.65
C ARG E 294 35.47 -0.51 2.07
N GLY E 295 36.17 -0.29 3.19
CA GLY E 295 36.48 1.05 3.64
C GLY E 295 35.28 1.86 4.07
N ILE E 296 34.23 1.20 4.57
CA ILE E 296 32.95 1.83 4.80
C ILE E 296 33.05 2.85 5.93
N GLU E 297 32.28 3.94 5.79
CA GLU E 297 32.21 4.97 6.81
C GLU E 297 31.70 4.39 8.13
N ARG E 298 32.37 4.74 9.22
CA ARG E 298 31.99 4.29 10.54
C ARG E 298 31.81 5.51 11.44
N PRO E 299 31.23 5.36 12.63
CA PRO E 299 31.11 6.53 13.53
C PRO E 299 32.48 7.04 13.95
N GLY E 300 32.72 8.33 13.71
CA GLY E 300 34.02 8.93 13.98
C GLY E 300 35.15 8.39 13.13
N ARG E 301 34.84 7.79 11.99
CA ARG E 301 35.85 7.32 11.05
C ARG E 301 35.22 7.43 9.68
N PRO E 302 35.32 8.60 9.05
CA PRO E 302 34.71 8.77 7.73
C PRO E 302 35.29 7.81 6.72
N GLY E 303 34.53 7.60 5.65
CA GLY E 303 34.96 6.71 4.61
C GLY E 303 33.91 6.62 3.53
N VAL E 304 33.94 5.50 2.81
CA VAL E 304 33.04 5.30 1.69
C VAL E 304 31.60 5.26 2.18
N ASP E 305 30.71 5.88 1.39
CA ASP E 305 29.27 5.82 1.60
C ASP E 305 28.69 4.87 0.57
N PRO E 306 28.07 3.76 0.99
CA PRO E 306 27.68 2.71 0.03
C PRO E 306 26.43 3.03 -0.79
N CYS E 307 25.87 4.23 -0.66
CA CYS E 307 24.55 4.52 -1.21
C CYS E 307 24.58 5.02 -2.65
N ASP F 7 59.36 -11.86 -7.38
CA ASP F 7 59.01 -12.19 -6.00
C ASP F 7 57.99 -13.35 -5.93
N ASN F 8 57.88 -14.01 -4.78
CA ASN F 8 56.84 -15.00 -4.54
C ASN F 8 55.80 -14.45 -3.58
N PRO F 9 54.57 -14.17 -4.04
CA PRO F 9 53.61 -13.48 -3.17
C PRO F 9 53.15 -14.31 -1.99
N TRP F 10 53.26 -15.64 -2.07
CA TRP F 10 52.74 -16.47 -0.99
C TRP F 10 53.57 -16.36 0.28
N LEU F 11 54.76 -15.77 0.20
CA LEU F 11 55.59 -15.51 1.38
C LEU F 11 55.02 -14.42 2.26
N ASP F 12 54.14 -13.57 1.73
CA ASP F 12 53.43 -12.56 2.52
C ASP F 12 51.99 -12.95 2.83
N ALA F 13 51.51 -14.07 2.29
CA ALA F 13 50.14 -14.54 2.53
C ALA F 13 50.15 -15.39 3.80
N ARG F 14 50.14 -14.72 4.95
CA ARG F 14 50.30 -15.38 6.24
C ARG F 14 49.67 -14.51 7.32
N VAL F 15 49.23 -15.14 8.42
CA VAL F 15 49.17 -16.58 8.61
C VAL F 15 47.81 -17.10 8.13
N LEU F 16 47.80 -18.12 7.28
CA LEU F 16 46.56 -18.61 6.65
C LEU F 16 45.87 -19.66 7.51
N ASN F 17 44.56 -19.49 7.71
CA ASN F 17 43.69 -20.52 8.28
C ASN F 17 43.06 -21.24 7.10
N MET F 18 43.58 -22.44 6.79
CA MET F 18 43.23 -23.18 5.58
C MET F 18 42.34 -24.35 5.98
N ALA F 19 41.02 -24.11 6.02
CA ALA F 19 40.07 -25.10 6.51
C ALA F 19 40.18 -26.43 5.75
N HIS F 20 40.55 -27.49 6.47
CA HIS F 20 40.98 -28.74 5.86
C HIS F 20 39.75 -29.54 5.43
N ALA F 21 39.50 -29.61 4.13
CA ALA F 21 38.22 -30.16 3.62
C ALA F 21 37.03 -29.50 4.31
N GLY F 22 37.19 -28.25 4.73
CA GLY F 22 36.19 -27.53 5.47
C GLY F 22 36.33 -27.61 6.97
N GLY F 23 37.12 -28.55 7.49
CA GLY F 23 37.28 -28.73 8.91
C GLY F 23 36.57 -29.99 9.33
N GLU F 24 37.18 -31.13 9.00
CA GLU F 24 36.42 -32.38 9.03
C GLU F 24 35.95 -32.77 10.44
N ASN F 25 36.45 -32.14 11.49
CA ASN F 25 35.97 -32.45 12.83
C ASN F 25 34.89 -31.48 13.30
N GLU F 26 34.63 -30.41 12.56
CA GLU F 26 33.61 -29.45 12.92
C GLU F 26 32.42 -29.45 11.96
N ALA F 27 32.61 -29.94 10.73
CA ALA F 27 31.56 -29.99 9.74
C ALA F 27 31.79 -31.21 8.86
N PRO F 28 30.79 -31.62 8.07
CA PRO F 28 30.97 -32.79 7.19
C PRO F 28 31.93 -32.46 6.04
N ALA F 29 33.01 -33.24 5.93
CA ALA F 29 34.13 -32.87 5.08
C ALA F 29 33.73 -32.73 3.62
N ASN F 30 34.33 -31.75 2.95
CA ASN F 30 34.24 -31.57 1.51
C ASN F 30 32.79 -31.34 1.03
N THR F 31 32.04 -30.57 1.82
CA THR F 31 30.69 -30.12 1.45
C THR F 31 30.67 -28.60 1.35
N LEU F 32 29.76 -28.09 0.50
CA LEU F 32 29.53 -26.64 0.43
C LEU F 32 29.18 -26.07 1.80
N TYR F 33 28.44 -26.82 2.61
CA TYR F 33 28.15 -26.36 3.97
C TYR F 33 29.43 -26.18 4.77
N ALA F 34 30.31 -27.20 4.76
CA ALA F 34 31.57 -27.06 5.48
C ALA F 34 32.35 -25.83 5.02
N PHE F 35 32.45 -25.65 3.70
CA PHE F 35 33.25 -24.57 3.15
C PHE F 35 32.69 -23.20 3.56
N LYS F 36 31.38 -23.01 3.38
CA LYS F 36 30.76 -21.74 3.71
C LYS F 36 30.86 -21.46 5.20
N ARG F 37 30.55 -22.46 6.02
CA ARG F 37 30.69 -22.29 7.46
C ARG F 37 32.11 -21.87 7.82
N ALA F 38 33.11 -22.48 7.16
CA ALA F 38 34.51 -22.21 7.47
C ALA F 38 34.89 -20.77 7.15
N VAL F 39 34.58 -20.31 5.94
CA VAL F 39 34.92 -18.93 5.58
C VAL F 39 34.16 -17.94 6.45
N LYS F 40 32.92 -18.26 6.81
CA LYS F 40 32.20 -17.34 7.66
C LYS F 40 32.87 -17.20 9.02
N LEU F 41 33.47 -18.28 9.52
CA LEU F 41 34.11 -18.23 10.83
C LEU F 41 35.57 -17.82 10.75
N GLY F 42 36.03 -17.31 9.60
CA GLY F 42 37.34 -16.67 9.51
C GLY F 42 38.36 -17.36 8.62
N ALA F 43 38.05 -18.52 8.04
CA ALA F 43 39.03 -19.22 7.21
C ALA F 43 39.46 -18.36 6.03
N ASN F 44 40.78 -18.26 5.81
CA ASN F 44 41.30 -17.48 4.70
C ASN F 44 41.31 -18.26 3.40
N MET F 45 41.26 -19.59 3.46
CA MET F 45 41.52 -20.43 2.29
C MET F 45 40.84 -21.77 2.49
N LEU F 46 40.26 -22.30 1.40
CA LEU F 46 39.73 -23.66 1.39
C LEU F 46 40.80 -24.65 0.93
N GLU F 47 40.85 -25.80 1.59
CA GLU F 47 41.57 -26.98 1.10
C GLU F 47 40.53 -28.04 0.73
N LEU F 48 40.61 -28.55 -0.49
CA LEU F 48 39.67 -29.56 -0.93
C LEU F 48 40.37 -30.58 -1.81
N ASP F 49 39.66 -31.68 -2.07
CA ASP F 49 40.14 -32.82 -2.84
C ASP F 49 39.24 -33.03 -4.06
N VAL F 50 39.82 -33.45 -5.19
CA VAL F 50 39.00 -33.73 -6.36
C VAL F 50 39.19 -35.17 -6.80
N GLN F 51 38.12 -35.74 -7.36
CA GLN F 51 38.09 -36.99 -8.10
C GLN F 51 37.22 -36.75 -9.34
N SER F 52 37.11 -37.75 -10.22
CA SER F 52 36.22 -37.60 -11.37
C SER F 52 35.24 -38.76 -11.47
N THR F 53 33.99 -38.42 -11.79
CA THR F 53 32.92 -39.39 -12.01
C THR F 53 33.12 -40.13 -13.33
N LYS F 54 32.31 -41.18 -13.51
CA LYS F 54 32.32 -41.98 -14.74
C LYS F 54 32.01 -41.17 -15.98
N ASP F 55 31.18 -40.12 -15.87
CA ASP F 55 30.95 -39.24 -17.00
C ASP F 55 31.88 -38.03 -17.01
N ASP F 56 33.03 -38.14 -16.32
CA ASP F 56 34.14 -37.17 -16.42
C ASP F 56 33.80 -35.80 -15.82
N GLN F 57 33.04 -35.79 -14.72
CA GLN F 57 32.82 -34.59 -13.93
C GLN F 57 33.74 -34.62 -12.71
N LEU F 58 34.44 -33.51 -12.47
CA LEU F 58 35.26 -33.38 -11.27
C LEU F 58 34.37 -33.06 -10.06
N VAL F 59 34.40 -33.94 -9.05
CA VAL F 59 33.63 -33.72 -7.84
C VAL F 59 34.59 -33.66 -6.65
N VAL F 60 34.10 -33.07 -5.56
CA VAL F 60 34.92 -32.78 -4.39
C VAL F 60 34.67 -33.86 -3.34
N ILE F 61 35.64 -34.77 -3.21
CA ILE F 61 35.60 -35.91 -2.30
C ILE F 61 37.02 -36.45 -2.17
N HIS F 62 37.39 -36.94 -0.98
CA HIS F 62 38.75 -37.39 -0.69
C HIS F 62 38.99 -38.82 -1.16
N ASN F 63 38.23 -39.78 -0.60
CA ASN F 63 38.45 -41.19 -0.92
C ASN F 63 38.07 -41.49 -2.36
N ALA F 64 38.46 -42.69 -2.79
CA ALA F 64 38.09 -43.17 -4.11
C ALA F 64 36.68 -43.74 -4.15
N THR F 65 36.13 -44.13 -3.00
CA THR F 65 34.77 -44.64 -2.88
C THR F 65 33.91 -43.72 -2.02
N VAL F 66 32.59 -43.79 -2.23
CA VAL F 66 31.64 -43.00 -1.44
C VAL F 66 31.30 -43.62 -0.11
N ASP F 67 31.93 -44.74 0.27
CA ASP F 67 31.44 -45.54 1.39
C ASP F 67 31.60 -44.84 2.74
N GLN F 68 32.74 -44.18 2.98
CA GLN F 68 33.00 -43.66 4.34
C GLN F 68 32.18 -42.41 4.65
N THR F 69 32.04 -41.48 3.69
CA THR F 69 31.41 -40.20 3.97
C THR F 69 29.96 -40.10 3.51
N THR F 70 29.44 -41.08 2.76
CA THR F 70 28.03 -41.06 2.33
C THR F 70 27.27 -42.31 2.79
N ASP F 71 25.99 -42.34 2.43
CA ASP F 71 25.12 -43.50 2.64
C ASP F 71 25.25 -44.56 1.55
N GLY F 72 26.01 -44.31 0.47
CA GLY F 72 26.10 -45.20 -0.65
C GLY F 72 27.39 -46.02 -0.64
N THR F 73 27.56 -46.84 -1.69
CA THR F 73 28.77 -47.63 -1.86
C THR F 73 29.28 -47.51 -3.29
N GLY F 74 30.58 -47.73 -3.47
CA GLY F 74 31.19 -47.89 -4.78
C GLY F 74 32.23 -46.81 -5.08
N LYS F 75 32.97 -47.06 -6.16
CA LYS F 75 34.02 -46.15 -6.61
C LYS F 75 33.43 -44.94 -7.30
N VAL F 76 33.98 -43.75 -7.00
CA VAL F 76 33.50 -42.53 -7.63
C VAL F 76 33.61 -42.61 -9.15
N ARG F 77 34.72 -43.14 -9.66
CA ARG F 77 34.88 -43.22 -11.11
C ARG F 77 33.88 -44.20 -11.74
N ASP F 78 33.24 -45.06 -10.96
CA ASP F 78 32.25 -46.00 -11.50
C ASP F 78 30.84 -45.43 -11.54
N LEU F 79 30.63 -44.21 -11.06
CA LEU F 79 29.30 -43.63 -10.84
C LEU F 79 29.15 -42.34 -11.62
N THR F 80 27.97 -42.13 -12.20
CA THR F 80 27.69 -40.85 -12.85
C THR F 80 27.60 -39.76 -11.81
N PHE F 81 27.75 -38.51 -12.26
CA PHE F 81 27.62 -37.41 -11.30
C PHE F 81 26.23 -37.43 -10.67
N GLU F 82 25.21 -37.73 -11.46
CA GLU F 82 23.86 -37.80 -10.93
C GLU F 82 23.73 -38.87 -9.86
N GLN F 83 24.37 -40.02 -10.04
CA GLN F 83 24.35 -41.02 -8.98
C GLN F 83 25.07 -40.52 -7.74
N VAL F 84 26.17 -39.80 -7.93
CA VAL F 84 26.94 -39.30 -6.80
C VAL F 84 26.24 -38.12 -6.13
N HIS F 85 25.49 -37.29 -6.88
CA HIS F 85 24.98 -36.07 -6.28
C HIS F 85 23.82 -36.33 -5.33
N GLU F 86 23.13 -37.44 -5.48
CA GLU F 86 21.95 -37.65 -4.66
C GLU F 86 22.27 -38.28 -3.31
N LEU F 87 23.51 -38.73 -3.10
CA LEU F 87 23.90 -39.27 -1.82
C LEU F 87 23.95 -38.18 -0.74
N ASP F 88 23.89 -38.62 0.50
CA ASP F 88 24.01 -37.77 1.69
C ASP F 88 25.49 -37.76 2.11
N ALA F 89 26.21 -36.69 1.78
CA ALA F 89 27.62 -36.53 2.13
C ALA F 89 27.84 -36.12 3.59
N ALA F 90 26.81 -36.16 4.42
CA ALA F 90 26.98 -35.96 5.85
C ALA F 90 26.49 -37.17 6.62
N TYR F 91 26.15 -38.24 5.90
CA TYR F 91 25.51 -39.40 6.51
C TYR F 91 26.30 -39.94 7.69
N ASN F 92 27.63 -39.82 7.68
CA ASN F 92 28.44 -40.46 8.69
C ASN F 92 29.28 -39.46 9.48
N PHE F 93 28.93 -38.18 9.42
CA PHE F 93 29.70 -37.16 10.13
C PHE F 93 29.44 -37.26 11.64
N ILE F 94 30.50 -37.44 12.40
CA ILE F 94 30.47 -37.37 13.86
C ILE F 94 31.40 -36.24 14.32
N PRO F 95 30.91 -35.27 15.08
CA PRO F 95 31.79 -34.18 15.53
C PRO F 95 32.96 -34.73 16.34
N GLY F 96 34.17 -34.32 15.97
CA GLY F 96 35.38 -34.77 16.64
C GLY F 96 36.04 -35.97 16.02
N ARG F 97 35.40 -36.64 15.05
CA ARG F 97 35.89 -37.91 14.53
C ARG F 97 35.66 -38.04 13.02
N HIS F 98 35.49 -36.93 12.29
CA HIS F 98 35.34 -36.97 10.83
C HIS F 98 34.16 -37.88 10.51
N ALA F 99 34.34 -38.97 9.79
CA ALA F 99 33.24 -39.80 9.31
C ALA F 99 33.50 -41.26 9.68
N VAL F 100 32.53 -41.88 10.35
CA VAL F 100 32.67 -43.24 10.86
C VAL F 100 31.36 -43.96 10.63
N PRO F 101 31.23 -44.82 9.60
CA PRO F 101 29.96 -45.53 9.42
C PRO F 101 29.71 -46.58 10.50
N GLY F 102 28.42 -46.91 10.66
CA GLY F 102 28.01 -48.09 11.38
C GLY F 102 27.56 -47.89 12.81
N GLU F 103 27.61 -46.69 13.33
CA GLU F 103 27.37 -46.45 14.75
C GLU F 103 25.91 -46.13 15.00
N PRO F 104 25.51 -46.01 16.27
CA PRO F 104 24.11 -45.68 16.56
C PRO F 104 23.70 -44.40 15.90
N PRO F 105 22.42 -44.29 15.47
CA PRO F 105 21.96 -43.12 14.71
C PRO F 105 22.08 -41.77 15.42
N GLU F 106 21.99 -41.73 16.75
CA GLU F 106 22.13 -40.44 17.42
C GLU F 106 23.57 -39.89 17.38
N SER F 107 24.54 -40.64 16.84
CA SER F 107 25.90 -40.12 16.75
C SER F 107 26.08 -39.10 15.63
N TYR F 108 25.12 -39.01 14.70
CA TYR F 108 25.26 -38.25 13.47
C TYR F 108 24.31 -37.05 13.46
N PRO F 109 24.77 -35.86 13.87
CA PRO F 109 23.82 -34.74 14.02
C PRO F 109 23.27 -34.24 12.70
N LEU F 110 23.98 -34.42 11.58
CA LEU F 110 23.54 -33.82 10.33
C LEU F 110 23.11 -34.83 9.30
N ARG F 111 23.11 -36.12 9.64
CA ARG F 111 22.51 -37.15 8.79
C ARG F 111 21.05 -36.81 8.48
N GLY F 112 20.68 -36.96 7.19
CA GLY F 112 19.31 -36.74 6.79
C GLY F 112 18.97 -35.36 6.27
N VAL F 113 19.76 -34.32 6.60
CA VAL F 113 19.49 -32.99 6.03
C VAL F 113 19.49 -33.05 4.50
N ARG F 114 20.52 -33.67 3.91
CA ARG F 114 20.63 -33.67 2.45
C ARG F 114 19.41 -34.27 1.78
N THR F 115 18.83 -35.33 2.37
CA THR F 115 17.71 -36.06 1.77
C THR F 115 16.34 -35.55 2.20
N GLY F 116 16.27 -34.43 2.92
CA GLY F 116 14.99 -33.84 3.27
C GLY F 116 14.33 -34.35 4.53
N GLU F 117 14.98 -35.20 5.31
CA GLU F 117 14.36 -35.73 6.50
C GLU F 117 14.72 -34.94 7.77
N LYS F 118 15.73 -34.09 7.71
CA LYS F 118 16.03 -33.21 8.83
C LYS F 118 16.12 -31.79 8.27
N LYS F 119 15.65 -30.85 9.08
CA LYS F 119 15.73 -29.45 8.71
C LYS F 119 17.20 -29.01 8.62
N PRO F 120 17.56 -28.26 7.59
CA PRO F 120 18.92 -27.77 7.49
C PRO F 120 19.20 -26.70 8.53
N PRO F 121 20.48 -26.46 8.83
CA PRO F 121 20.82 -25.32 9.66
C PRO F 121 20.36 -24.03 8.99
N PRO F 122 19.95 -23.04 9.78
CA PRO F 122 19.44 -21.79 9.19
C PRO F 122 20.41 -21.20 8.17
N GLY F 123 19.86 -20.83 7.02
CA GLY F 123 20.64 -20.24 5.96
C GLY F 123 21.26 -21.20 4.96
N TYR F 124 21.01 -22.50 5.04
CA TYR F 124 21.59 -23.44 4.08
C TYR F 124 20.51 -24.32 3.46
N GLN F 125 20.84 -24.94 2.32
CA GLN F 125 19.93 -25.79 1.57
C GLN F 125 20.33 -27.25 1.67
N PRO F 126 19.44 -28.19 1.35
CA PRO F 126 19.85 -29.61 1.34
C PRO F 126 21.07 -29.89 0.47
N SER F 127 21.20 -29.24 -0.69
CA SER F 127 22.30 -29.55 -1.59
C SER F 127 23.65 -29.12 -1.03
N ASP F 128 23.68 -28.24 -0.02
CA ASP F 128 24.95 -27.95 0.63
C ASP F 128 25.51 -29.15 1.39
N PHE F 129 24.75 -30.25 1.47
CA PHE F 129 25.15 -31.47 2.18
C PHE F 129 25.37 -32.66 1.24
N ALA F 130 25.55 -32.40 -0.06
CA ALA F 130 25.89 -33.37 -1.07
C ALA F 130 27.36 -33.24 -1.46
N ILE F 131 27.86 -34.26 -2.16
CA ILE F 131 29.15 -34.15 -2.85
C ILE F 131 29.00 -33.10 -3.96
N PRO F 132 29.68 -31.97 -3.89
CA PRO F 132 29.57 -30.94 -4.92
C PRO F 132 30.48 -31.16 -6.11
N LYS F 133 30.11 -30.55 -7.24
CA LYS F 133 31.05 -30.34 -8.35
C LYS F 133 32.06 -29.29 -7.96
N LEU F 134 33.30 -29.47 -8.43
CA LEU F 134 34.29 -28.40 -8.29
C LEU F 134 33.78 -27.11 -8.92
N ALA F 135 33.09 -27.22 -10.07
CA ALA F 135 32.53 -26.05 -10.73
C ALA F 135 31.60 -25.29 -9.79
N ASP F 136 30.86 -26.01 -8.95
CA ASP F 136 29.96 -25.37 -8.00
C ASP F 136 30.73 -24.76 -6.83
N VAL F 137 31.78 -25.43 -6.34
CA VAL F 137 32.61 -24.79 -5.32
C VAL F 137 33.20 -23.50 -5.86
N LEU F 138 33.69 -23.53 -7.11
CA LEU F 138 34.33 -22.35 -7.68
C LEU F 138 33.33 -21.21 -7.86
N GLU F 139 32.12 -21.53 -8.27
CA GLU F 139 31.12 -20.48 -8.45
C GLU F 139 30.66 -19.91 -7.12
N ALA F 140 30.69 -20.70 -6.04
CA ALA F 140 30.30 -20.18 -4.73
C ALA F 140 31.41 -19.42 -4.04
N PHE F 141 32.67 -19.62 -4.42
CA PHE F 141 33.79 -18.89 -3.82
C PHE F 141 34.57 -18.17 -4.92
N PRO F 142 34.02 -17.09 -5.47
CA PRO F 142 34.69 -16.43 -6.60
C PRO F 142 35.93 -15.62 -6.20
N ARG F 143 36.10 -15.29 -4.92
CA ARG F 143 37.20 -14.44 -4.49
C ARG F 143 37.98 -15.03 -3.31
N THR F 144 37.80 -16.32 -3.03
CA THR F 144 38.57 -16.97 -1.99
C THR F 144 39.61 -17.89 -2.63
N PRO F 145 40.87 -17.86 -2.20
CA PRO F 145 41.86 -18.81 -2.74
C PRO F 145 41.53 -20.23 -2.31
N ILE F 146 41.80 -21.17 -3.21
CA ILE F 146 41.47 -22.58 -2.98
C ILE F 146 42.70 -23.45 -3.21
N ASN F 147 43.04 -24.28 -2.22
CA ASN F 147 44.02 -25.36 -2.35
C ASN F 147 43.31 -26.62 -2.87
N ILE F 148 43.77 -27.16 -4.01
CA ILE F 148 43.12 -28.31 -4.65
C ILE F 148 44.11 -29.47 -4.76
N GLU F 149 43.73 -30.64 -4.23
CA GLU F 149 44.56 -31.83 -4.31
C GLU F 149 43.96 -32.81 -5.32
N ILE F 150 44.78 -33.28 -6.25
CA ILE F 150 44.37 -34.29 -7.22
C ILE F 150 44.47 -35.67 -6.60
N LYS F 151 43.34 -36.34 -6.48
CA LYS F 151 43.29 -37.69 -5.94
C LYS F 151 43.20 -38.70 -7.08
N GLY F 152 43.22 -39.99 -6.73
CA GLY F 152 43.13 -41.07 -7.69
C GLY F 152 42.40 -42.29 -7.16
N THR F 153 42.30 -43.32 -8.01
CA THR F 153 41.51 -44.50 -7.67
C THR F 153 42.23 -45.46 -6.73
N SER F 154 43.55 -45.36 -6.64
CA SER F 154 44.43 -46.17 -5.79
C SER F 154 45.88 -45.76 -6.05
N ASP F 155 46.75 -46.04 -5.07
CA ASP F 155 48.13 -45.55 -5.15
C ASP F 155 48.88 -46.10 -6.37
N ALA F 156 48.46 -47.26 -6.90
CA ALA F 156 49.10 -47.80 -8.09
C ALA F 156 48.45 -47.38 -9.40
N ASP F 157 47.29 -46.72 -9.38
CA ASP F 157 46.58 -46.39 -10.61
C ASP F 157 46.96 -44.98 -11.06
N ILE F 158 48.18 -44.89 -11.57
CA ILE F 158 48.72 -43.58 -11.94
C ILE F 158 47.92 -42.97 -13.09
N PRO F 159 47.48 -43.73 -14.10
CA PRO F 159 46.64 -43.10 -15.14
C PRO F 159 45.44 -42.33 -14.57
N SER F 160 44.77 -42.84 -13.53
CA SER F 160 43.58 -42.16 -13.00
C SER F 160 43.94 -40.78 -12.45
N PHE F 161 45.09 -40.66 -11.77
CA PHE F 161 45.59 -39.36 -11.33
C PHE F 161 45.76 -38.43 -12.52
N LEU F 162 46.40 -38.93 -13.59
CA LEU F 162 46.70 -38.11 -14.75
C LEU F 162 45.42 -37.69 -15.48
N HIS F 163 44.44 -38.58 -15.51
CA HIS F 163 43.14 -38.24 -16.07
C HIS F 163 42.52 -37.09 -15.30
N ASN F 164 42.64 -37.11 -13.96
CA ASN F 164 42.06 -36.04 -13.14
C ASN F 164 42.81 -34.74 -13.33
N ALA F 165 44.11 -34.81 -13.52
CA ALA F 165 44.90 -33.61 -13.74
C ALA F 165 44.53 -32.95 -15.05
N LYS F 166 44.33 -33.75 -16.10
CA LYS F 166 43.90 -33.20 -17.39
C LYS F 166 42.56 -32.50 -17.26
N LEU F 167 41.58 -33.17 -16.62
CA LEU F 167 40.27 -32.55 -16.38
C LEU F 167 40.42 -31.26 -15.60
N LEU F 168 41.21 -31.29 -14.52
CA LEU F 168 41.34 -30.13 -13.64
C LEU F 168 42.02 -28.95 -14.33
N ALA F 169 43.04 -29.23 -15.16
CA ALA F 169 43.68 -28.15 -15.89
C ALA F 169 42.73 -27.51 -16.90
N ARG F 170 41.91 -28.31 -17.57
CA ARG F 170 40.98 -27.76 -18.56
C ARG F 170 39.90 -26.91 -17.90
N LEU F 171 39.53 -27.22 -16.66
CA LEU F 171 38.49 -26.49 -15.96
C LEU F 171 39.03 -25.25 -15.27
N LEU F 172 40.20 -25.31 -14.64
CA LEU F 172 40.66 -24.12 -13.94
C LEU F 172 41.04 -23.02 -14.92
N LYS F 173 41.50 -23.41 -16.12
CA LYS F 173 41.96 -22.42 -17.09
C LYS F 173 40.81 -21.59 -17.62
N LYS F 174 39.69 -22.22 -17.96
CA LYS F 174 38.47 -21.49 -18.33
C LYS F 174 38.07 -20.46 -17.29
N THR F 175 38.48 -20.67 -16.05
CA THR F 175 38.12 -19.76 -14.97
C THR F 175 38.82 -18.42 -15.10
N GLY F 176 40.01 -18.39 -15.70
CA GLY F 176 40.81 -17.19 -15.75
C GLY F 176 41.44 -16.79 -14.43
N ARG F 177 41.27 -17.60 -13.37
CA ARG F 177 41.84 -17.27 -12.07
C ARG F 177 43.22 -17.92 -11.89
N THR F 178 43.95 -17.40 -10.88
CA THR F 178 45.28 -17.90 -10.54
C THR F 178 45.49 -17.93 -9.03
N ASP F 179 44.47 -17.67 -8.22
CA ASP F 179 44.61 -17.78 -6.77
C ASP F 179 44.23 -19.19 -6.32
N PHE F 180 44.96 -20.16 -6.90
CA PHE F 180 44.90 -21.57 -6.53
C PHE F 180 46.31 -22.05 -6.20
N ILE F 181 46.40 -23.06 -5.33
CA ILE F 181 47.59 -23.90 -5.24
C ILE F 181 47.16 -25.33 -5.54
N VAL F 182 47.74 -25.92 -6.59
CA VAL F 182 47.36 -27.26 -7.03
C VAL F 182 48.49 -28.23 -6.69
N THR F 183 48.17 -29.28 -5.94
CA THR F 183 49.15 -30.30 -5.59
C THR F 183 48.53 -31.68 -5.80
N SER F 184 49.30 -32.70 -5.46
CA SER F 184 48.91 -34.11 -5.51
C SER F 184 50.02 -34.92 -4.87
N LEU F 185 49.66 -36.02 -4.22
CA LEU F 185 50.71 -36.89 -3.71
C LEU F 185 51.50 -37.49 -4.86
N ASN F 186 50.87 -37.62 -6.03
CA ASN F 186 51.51 -38.13 -7.22
C ASN F 186 52.21 -36.99 -7.98
N ASP F 187 53.54 -37.05 -8.04
CA ASP F 187 54.32 -35.99 -8.66
C ASP F 187 54.12 -35.93 -10.17
N LEU F 188 53.82 -37.06 -10.82
CA LEU F 188 53.55 -37.02 -12.26
C LEU F 188 52.27 -36.25 -12.57
N ALA F 189 51.27 -36.32 -11.69
CA ALA F 189 50.05 -35.56 -11.89
C ALA F 189 50.33 -34.08 -11.77
N VAL F 190 51.23 -33.71 -10.85
CA VAL F 190 51.60 -32.32 -10.73
C VAL F 190 52.31 -31.86 -12.00
N ALA F 191 53.21 -32.70 -12.53
CA ALA F 191 53.98 -32.32 -13.72
C ALA F 191 53.06 -32.05 -14.89
N LYS F 192 52.15 -32.98 -15.15
CA LYS F 192 51.26 -32.87 -16.30
C LYS F 192 50.24 -31.75 -16.11
N PHE F 193 49.77 -31.51 -14.89
CA PHE F 193 48.93 -30.34 -14.67
C PHE F 193 49.71 -29.07 -14.96
N HIS F 194 50.97 -29.01 -14.48
CA HIS F 194 51.80 -27.84 -14.75
C HIS F 194 52.01 -27.65 -16.24
N LEU F 195 52.19 -28.74 -16.99
CA LEU F 195 52.29 -28.63 -18.44
C LEU F 195 51.05 -27.94 -19.02
N LEU F 196 49.86 -28.38 -18.63
CA LEU F 196 48.64 -27.93 -19.30
C LEU F 196 48.19 -26.58 -18.82
N ALA F 197 48.59 -26.16 -17.61
CA ALA F 197 48.14 -24.90 -17.01
C ALA F 197 49.32 -24.21 -16.34
N PRO F 198 50.20 -23.59 -17.13
CA PRO F 198 51.46 -23.06 -16.57
C PRO F 198 51.30 -21.88 -15.63
N ASP F 199 50.21 -21.11 -15.70
CA ASP F 199 50.05 -19.90 -14.89
C ASP F 199 49.50 -20.14 -13.49
N ILE F 200 49.14 -21.37 -13.16
CA ILE F 200 48.48 -21.69 -11.89
C ILE F 200 49.52 -22.26 -10.93
N PRO F 201 49.72 -21.66 -9.76
CA PRO F 201 50.69 -22.18 -8.78
C PRO F 201 50.50 -23.66 -8.47
N ILE F 202 51.61 -24.32 -8.13
CA ILE F 202 51.61 -25.72 -7.73
C ILE F 202 52.40 -25.89 -6.42
N ALA F 203 52.34 -27.10 -5.88
CA ALA F 203 53.09 -27.55 -4.70
C ALA F 203 53.51 -29.00 -4.94
N PRO F 204 54.71 -29.41 -4.50
CA PRO F 204 55.24 -30.71 -4.93
C PRO F 204 54.52 -31.89 -4.29
N GLY F 205 54.62 -33.03 -4.97
CA GLY F 205 54.18 -34.30 -4.44
C GLY F 205 55.19 -34.90 -3.48
N MET F 206 55.07 -36.22 -3.27
CA MET F 206 55.86 -36.88 -2.23
C MET F 206 57.33 -36.98 -2.63
N ALA F 207 57.61 -37.44 -3.86
CA ALA F 207 59.00 -37.55 -4.29
C ALA F 207 59.70 -36.20 -4.26
N GLY F 208 59.03 -35.16 -4.80
CA GLY F 208 59.57 -33.81 -4.70
C GLY F 208 59.83 -33.39 -3.26
N LEU F 209 58.85 -33.62 -2.38
CA LEU F 209 59.00 -33.30 -0.96
C LEU F 209 60.17 -34.04 -0.32
N ALA F 210 60.31 -35.34 -0.62
CA ALA F 210 61.35 -36.14 0.02
C ALA F 210 62.74 -35.67 -0.39
N ALA F 211 62.96 -35.46 -1.70
CA ALA F 211 64.28 -35.04 -2.16
C ALA F 211 64.67 -33.69 -1.61
N TYR F 212 63.69 -32.80 -1.41
CA TYR F 212 64.00 -31.51 -0.81
C TYR F 212 64.26 -31.63 0.67
N PHE F 213 63.55 -32.53 1.34
CA PHE F 213 63.73 -32.69 2.77
C PHE F 213 65.00 -33.49 3.11
N LEU F 214 65.22 -34.62 2.42
CA LEU F 214 66.38 -35.44 2.72
C LEU F 214 67.67 -34.97 2.04
N LEU F 215 67.61 -34.48 0.79
CA LEU F 215 68.81 -34.17 0.03
C LEU F 215 68.93 -32.70 -0.39
N GLY F 216 67.96 -31.85 -0.06
CA GLY F 216 67.97 -30.46 -0.48
C GLY F 216 67.76 -30.22 -1.96
N VAL F 217 67.34 -31.24 -2.71
CA VAL F 217 67.05 -31.04 -4.14
C VAL F 217 65.79 -30.20 -4.28
N LYS F 218 65.89 -29.10 -5.03
CA LYS F 218 64.79 -28.16 -5.13
C LYS F 218 63.62 -28.73 -5.93
N PRO F 219 62.39 -28.32 -5.61
CA PRO F 219 61.22 -28.83 -6.33
C PRO F 219 61.03 -28.16 -7.69
N MET F 220 60.22 -28.85 -8.51
CA MET F 220 59.98 -28.45 -9.89
C MET F 220 59.54 -26.99 -9.99
N HIS F 221 59.99 -26.33 -11.06
CA HIS F 221 59.67 -24.93 -11.29
C HIS F 221 58.16 -24.74 -11.38
N GLY F 222 57.65 -23.77 -10.62
CA GLY F 222 56.23 -23.56 -10.43
C GLY F 222 55.80 -23.64 -8.98
N THR F 223 56.57 -24.35 -8.16
CA THR F 223 56.33 -24.44 -6.72
C THR F 223 56.30 -23.07 -6.10
N VAL F 224 55.18 -22.71 -5.47
CA VAL F 224 55.13 -21.51 -4.63
C VAL F 224 55.17 -21.85 -3.15
N ALA F 225 54.96 -23.11 -2.77
CA ALA F 225 54.89 -23.47 -1.37
C ALA F 225 55.11 -24.97 -1.23
N LEU F 226 55.59 -25.35 -0.06
CA LEU F 226 55.69 -26.74 0.35
C LEU F 226 54.61 -27.03 1.38
N GLN F 227 53.81 -28.06 1.11
CA GLN F 227 52.67 -28.46 1.91
C GLN F 227 53.01 -29.80 2.56
N ILE F 228 53.20 -29.76 3.88
CA ILE F 228 53.86 -30.83 4.61
C ILE F 228 53.01 -31.31 5.79
N PRO F 229 53.04 -32.59 6.13
CA PRO F 229 52.50 -33.02 7.42
C PRO F 229 53.43 -32.56 8.53
N VAL F 230 52.92 -32.62 9.77
CA VAL F 230 53.76 -32.32 10.92
C VAL F 230 54.88 -33.36 11.02
N ARG F 231 54.56 -34.61 10.69
CA ARG F 231 55.42 -35.75 10.97
C ARG F 231 55.17 -36.81 9.91
N TYR F 232 56.21 -37.58 9.59
CA TYR F 232 56.07 -38.66 8.61
C TYR F 232 57.17 -39.69 8.83
N GLN F 233 56.77 -40.96 8.94
CA GLN F 233 57.69 -42.06 9.21
C GLN F 233 58.44 -41.88 10.52
N GLY F 234 57.80 -41.20 11.49
CA GLY F 234 58.40 -40.96 12.80
C GLY F 234 59.32 -39.76 12.87
N LEU F 235 59.79 -39.26 11.72
CA LEU F 235 60.62 -38.07 11.66
C LEU F 235 59.75 -36.82 11.70
N GLU F 236 60.21 -35.82 12.45
CA GLU F 236 59.51 -34.54 12.52
C GLU F 236 59.92 -33.67 11.34
N ILE F 237 58.93 -33.24 10.57
CA ILE F 237 59.17 -32.48 9.35
C ILE F 237 58.88 -30.98 9.55
N ALA F 238 57.83 -30.64 10.28
CA ALA F 238 57.46 -29.23 10.45
C ALA F 238 58.26 -28.62 11.60
N THR F 239 59.57 -28.52 11.38
CA THR F 239 60.44 -27.97 12.40
C THR F 239 60.78 -26.52 12.11
N PRO F 240 61.12 -25.75 13.15
CA PRO F 240 61.63 -24.38 12.93
C PRO F 240 62.79 -24.29 11.93
N GLU F 241 63.76 -25.22 11.99
CA GLU F 241 64.88 -25.18 11.06
C GLU F 241 64.43 -25.44 9.63
N PHE F 242 63.60 -26.48 9.42
CA PHE F 242 63.16 -26.80 8.06
C PHE F 242 62.37 -25.65 7.45
N ILE F 243 61.46 -25.06 8.23
CA ILE F 243 60.70 -23.93 7.72
C ILE F 243 61.62 -22.77 7.41
N ARG F 244 62.59 -22.50 8.29
CA ARG F 244 63.57 -21.45 8.05
C ARG F 244 64.29 -21.64 6.72
N ARG F 245 64.70 -22.88 6.41
CA ARG F 245 65.37 -23.16 5.14
C ARG F 245 64.43 -22.95 3.95
N ALA F 246 63.20 -23.49 4.04
CA ALA F 246 62.24 -23.33 2.96
C ALA F 246 61.98 -21.87 2.65
N HIS F 247 61.93 -21.02 3.69
CA HIS F 247 61.80 -19.59 3.45
C HIS F 247 63.02 -19.03 2.73
N ALA F 248 64.23 -19.44 3.16
CA ALA F 248 65.45 -18.97 2.52
C ALA F 248 65.41 -19.23 1.03
N ASP F 249 65.01 -20.45 0.63
CA ASP F 249 64.89 -20.80 -0.78
C ASP F 249 63.70 -20.13 -1.45
N GLY F 250 62.85 -19.44 -0.68
CA GLY F 250 61.75 -18.68 -1.24
C GLY F 250 60.41 -19.40 -1.34
N TYR F 251 60.15 -20.35 -0.45
CA TYR F 251 58.93 -21.14 -0.48
C TYR F 251 58.14 -20.91 0.80
N ALA F 252 56.83 -20.70 0.65
CA ALA F 252 55.95 -20.77 1.80
C ALA F 252 55.81 -22.22 2.29
N VAL F 253 55.41 -22.37 3.56
CA VAL F 253 55.22 -23.67 4.19
C VAL F 253 53.80 -23.72 4.74
N HIS F 254 53.03 -24.72 4.33
CA HIS F 254 51.68 -24.95 4.83
C HIS F 254 51.63 -26.33 5.47
N VAL F 255 51.15 -26.39 6.71
CA VAL F 255 51.28 -27.57 7.56
C VAL F 255 49.92 -28.23 7.73
N TRP F 256 49.86 -29.54 7.47
CA TRP F 256 48.62 -30.27 7.73
C TRP F 256 48.84 -31.34 8.78
N PHE F 257 47.73 -31.83 9.34
CA PHE F 257 47.77 -32.69 10.53
C PHE F 257 47.33 -34.10 10.21
N SER F 258 46.03 -34.35 10.15
CA SER F 258 45.49 -35.53 9.48
C SER F 258 46.13 -36.82 10.02
N GLY F 259 46.15 -36.95 11.35
CA GLY F 259 46.66 -38.12 11.99
C GLY F 259 48.14 -38.11 12.32
N THR F 260 48.94 -37.27 11.66
CA THR F 260 50.39 -37.28 11.87
C THR F 260 50.79 -36.56 13.17
N ALA F 261 49.88 -35.75 13.69
CA ALA F 261 50.01 -35.13 15.00
C ALA F 261 48.61 -34.68 15.40
N PRO F 262 48.34 -34.47 16.70
CA PRO F 262 46.97 -34.19 17.11
C PRO F 262 46.49 -32.85 16.58
N ASP F 263 45.24 -32.83 16.13
CA ASP F 263 44.47 -31.61 15.86
C ASP F 263 43.99 -31.02 17.19
N ASP F 264 44.89 -30.39 17.94
CA ASP F 264 44.50 -29.73 19.18
C ASP F 264 45.29 -28.44 19.38
N GLU F 265 44.96 -27.77 20.48
CA GLU F 265 45.34 -26.37 20.65
C GLU F 265 46.85 -26.22 20.83
N ALA F 266 47.49 -27.16 21.54
CA ALA F 266 48.93 -27.05 21.78
C ALA F 266 49.71 -27.28 20.49
N THR F 267 49.27 -28.22 19.64
CA THR F 267 49.98 -28.47 18.38
C THR F 267 49.88 -27.26 17.46
N TYR F 268 48.64 -26.74 17.26
CA TYR F 268 48.46 -25.55 16.42
C TYR F 268 49.37 -24.42 16.88
N ASN F 269 49.45 -24.19 18.20
CA ASN F 269 50.30 -23.14 18.73
C ASN F 269 51.78 -23.42 18.45
N ARG F 270 52.22 -24.67 18.61
CA ARG F 270 53.60 -25.02 18.27
C ARG F 270 53.88 -24.73 16.80
N ILE F 271 52.97 -25.15 15.91
CA ILE F 271 53.20 -24.96 14.48
C ILE F 271 53.24 -23.46 14.16
N ILE F 272 52.40 -22.65 14.82
CA ILE F 272 52.44 -21.21 14.62
C ILE F 272 53.82 -20.67 15.00
N ASP F 273 54.32 -21.08 16.16
CA ASP F 273 55.61 -20.60 16.65
C ASP F 273 56.74 -20.97 15.71
N SER F 274 56.62 -22.12 15.03
CA SER F 274 57.63 -22.64 14.12
C SER F 274 57.69 -21.83 12.84
N CYS F 275 56.83 -20.81 12.72
CA CYS F 275 56.84 -19.82 11.64
C CYS F 275 56.16 -20.29 10.37
N ALA F 276 55.32 -21.32 10.44
CA ALA F 276 54.61 -21.78 9.23
C ALA F 276 53.66 -20.70 8.71
N ASP F 277 53.57 -20.62 7.37
CA ASP F 277 52.75 -19.60 6.74
C ASP F 277 51.27 -19.94 6.79
N GLY F 278 50.92 -21.22 6.82
CA GLY F 278 49.53 -21.62 6.92
C GLY F 278 49.39 -22.96 7.60
N LEU F 279 48.27 -23.12 8.31
CA LEU F 279 47.86 -24.38 8.92
C LEU F 279 46.58 -24.85 8.26
N MET F 280 46.45 -26.19 8.13
CA MET F 280 45.24 -26.84 7.63
C MET F 280 44.50 -27.59 8.74
N PRO F 281 43.76 -26.87 9.60
CA PRO F 281 43.15 -27.50 10.80
C PRO F 281 41.91 -28.32 10.51
N ALA F 282 41.78 -29.44 11.24
CA ALA F 282 40.49 -30.11 11.33
C ALA F 282 39.47 -29.25 12.09
N TYR F 283 39.92 -28.29 12.90
CA TYR F 283 39.08 -27.41 13.70
C TYR F 283 39.31 -25.96 13.29
N PRO F 284 38.72 -25.52 12.16
CA PRO F 284 38.96 -24.14 11.72
C PRO F 284 38.56 -23.08 12.76
N ALA F 285 37.44 -23.29 13.46
CA ALA F 285 36.96 -22.31 14.44
C ALA F 285 37.89 -22.21 15.63
N LEU F 286 38.46 -23.33 16.06
CA LEU F 286 39.43 -23.29 17.15
C LEU F 286 40.70 -22.55 16.73
N LEU F 287 41.24 -22.89 15.55
CA LEU F 287 42.42 -22.17 15.07
C LEU F 287 42.15 -20.67 14.98
N GLU F 288 40.90 -20.29 14.69
CA GLU F 288 40.57 -18.88 14.54
C GLU F 288 40.50 -18.20 15.90
N ARG F 289 39.93 -18.88 16.89
CA ARG F 289 40.00 -18.37 18.27
C ARG F 289 41.44 -18.16 18.72
N ILE F 290 42.33 -19.12 18.44
CA ILE F 290 43.72 -19.00 18.85
C ILE F 290 44.38 -17.83 18.13
N LEU F 291 44.19 -17.77 16.81
CA LEU F 291 44.85 -16.74 16.03
C LEU F 291 44.39 -15.35 16.47
N ASP F 292 43.09 -15.20 16.76
CA ASP F 292 42.58 -13.92 17.23
C ASP F 292 43.10 -13.58 18.62
N GLU F 293 42.99 -14.50 19.57
CA GLU F 293 43.38 -14.14 20.94
C GLU F 293 44.84 -13.73 21.01
N ARG F 294 45.71 -14.38 20.22
CA ARG F 294 47.12 -14.01 20.19
C ARG F 294 47.44 -12.86 19.22
N GLY F 295 46.44 -12.29 18.57
CA GLY F 295 46.68 -11.15 17.72
C GLY F 295 47.53 -11.40 16.51
N ILE F 296 47.63 -12.66 16.06
CA ILE F 296 48.53 -13.02 14.97
C ILE F 296 48.18 -12.28 13.69
N GLU F 297 49.21 -11.96 12.91
CA GLU F 297 49.00 -11.29 11.65
C GLU F 297 48.28 -12.20 10.65
N ARG F 298 47.43 -11.61 9.83
CA ARG F 298 46.70 -12.30 8.80
C ARG F 298 46.87 -11.50 7.51
N PRO F 299 46.63 -12.13 6.36
CA PRO F 299 46.75 -11.39 5.08
C PRO F 299 45.74 -10.26 5.01
N GLY F 300 46.26 -9.04 4.89
CA GLY F 300 45.43 -7.85 4.87
C GLY F 300 45.17 -7.25 6.24
N ARG F 301 45.58 -7.92 7.32
CA ARG F 301 45.36 -7.41 8.68
C ARG F 301 46.67 -7.57 9.43
N PRO F 302 47.49 -6.52 9.48
CA PRO F 302 48.79 -6.64 10.18
C PRO F 302 48.60 -6.95 11.66
N GLY F 303 49.58 -7.63 12.22
CA GLY F 303 49.52 -8.05 13.60
C GLY F 303 50.86 -8.58 14.04
N VAL F 304 50.85 -9.40 15.10
CA VAL F 304 52.10 -9.93 15.61
C VAL F 304 52.63 -11.00 14.66
N ASP F 305 53.95 -10.95 14.43
CA ASP F 305 54.69 -12.01 13.75
C ASP F 305 55.46 -12.77 14.81
N PRO F 306 55.14 -14.04 15.07
CA PRO F 306 55.90 -14.78 16.09
C PRO F 306 57.13 -15.48 15.51
N CYS F 307 58.12 -14.69 15.09
CA CYS F 307 59.32 -15.25 14.50
C CYS F 307 60.61 -14.52 14.85
N ASP G 7 -15.95 -50.17 -24.74
CA ASP G 7 -15.96 -51.25 -23.76
C ASP G 7 -14.87 -51.06 -22.69
N ASN G 8 -14.86 -51.97 -21.72
CA ASN G 8 -13.98 -51.92 -20.54
C ASN G 8 -12.56 -52.35 -20.90
N PRO G 9 -11.58 -51.43 -20.90
CA PRO G 9 -10.24 -51.78 -21.42
C PRO G 9 -9.45 -52.72 -20.53
N TRP G 10 -9.87 -52.94 -19.28
CA TRP G 10 -9.20 -53.95 -18.46
C TRP G 10 -9.50 -55.36 -18.92
N LEU G 11 -10.42 -55.54 -19.87
CA LEU G 11 -10.66 -56.87 -20.43
C LEU G 11 -9.53 -57.29 -21.36
N ASP G 12 -8.70 -56.34 -21.81
CA ASP G 12 -7.54 -56.65 -22.64
C ASP G 12 -6.21 -56.61 -21.88
N ALA G 13 -6.16 -55.94 -20.74
CA ALA G 13 -4.95 -55.89 -19.91
C ALA G 13 -4.83 -57.23 -19.18
N ARG G 14 -4.03 -58.11 -19.75
CA ARG G 14 -3.80 -59.49 -19.30
C ARG G 14 -2.61 -59.99 -20.09
N VAL G 15 -1.94 -61.03 -19.58
CA VAL G 15 -2.04 -61.41 -18.19
C VAL G 15 -1.11 -60.52 -17.36
N LEU G 16 -1.63 -59.97 -16.26
CA LEU G 16 -0.91 -59.00 -15.45
C LEU G 16 -0.14 -59.66 -14.31
N ASN G 17 1.08 -59.19 -14.09
CA ASN G 17 1.83 -59.48 -12.88
C ASN G 17 1.65 -58.25 -11.97
N MET G 18 0.80 -58.40 -10.97
CA MET G 18 0.55 -57.30 -10.02
C MET G 18 1.30 -57.63 -8.73
N ALA G 19 2.53 -57.11 -8.59
CA ALA G 19 3.36 -57.41 -7.43
C ALA G 19 2.66 -57.01 -6.14
N HIS G 20 2.36 -58.00 -5.28
CA HIS G 20 1.54 -57.83 -4.09
C HIS G 20 2.32 -57.08 -3.01
N ALA G 21 1.99 -55.79 -2.82
CA ALA G 21 2.78 -54.90 -1.98
C ALA G 21 4.26 -54.96 -2.38
N GLY G 22 4.54 -55.15 -3.69
CA GLY G 22 5.89 -55.30 -4.19
C GLY G 22 6.40 -56.73 -4.27
N GLY G 23 5.67 -57.70 -3.71
CA GLY G 23 6.12 -59.07 -3.61
C GLY G 23 6.68 -59.34 -2.23
N GLU G 24 5.77 -59.54 -1.26
CA GLU G 24 6.12 -59.55 0.16
C GLU G 24 7.10 -60.67 0.54
N ASN G 25 7.20 -61.71 -0.28
CA ASN G 25 8.09 -62.81 0.06
C ASN G 25 9.47 -62.70 -0.56
N GLU G 26 9.63 -61.81 -1.54
CA GLU G 26 10.93 -61.57 -2.17
C GLU G 26 11.59 -60.29 -1.69
N ALA G 27 10.86 -59.39 -0.98
CA ALA G 27 11.33 -58.06 -0.63
C ALA G 27 10.44 -57.45 0.45
N PRO G 28 10.94 -56.57 1.31
CA PRO G 28 10.10 -56.04 2.41
C PRO G 28 8.89 -55.32 1.86
N ALA G 29 7.71 -55.71 2.36
CA ALA G 29 6.46 -55.27 1.76
C ALA G 29 6.29 -53.76 1.86
N ASN G 30 5.75 -53.18 0.80
CA ASN G 30 5.31 -51.79 0.78
C ASN G 30 6.44 -50.81 1.08
N THR G 31 7.62 -51.07 0.52
CA THR G 31 8.72 -50.13 0.53
C THR G 31 9.02 -49.71 -0.91
N LEU G 32 9.69 -48.58 -1.08
CA LEU G 32 10.11 -48.20 -2.42
C LEU G 32 11.05 -49.22 -3.02
N TYR G 33 11.86 -49.87 -2.17
CA TYR G 33 12.74 -50.91 -2.65
C TYR G 33 11.96 -52.01 -3.34
N ALA G 34 10.94 -52.54 -2.68
CA ALA G 34 10.18 -53.64 -3.26
C ALA G 34 9.46 -53.19 -4.53
N PHE G 35 8.91 -51.97 -4.53
CA PHE G 35 8.21 -51.51 -5.73
C PHE G 35 9.17 -51.35 -6.89
N LYS G 36 10.35 -50.75 -6.65
CA LYS G 36 11.29 -50.55 -7.74
C LYS G 36 11.77 -51.87 -8.30
N ARG G 37 12.08 -52.81 -7.43
CA ARG G 37 12.53 -54.13 -7.87
C ARG G 37 11.42 -54.84 -8.64
N ALA G 38 10.16 -54.64 -8.24
CA ALA G 38 9.05 -55.27 -8.94
C ALA G 38 9.01 -54.85 -10.41
N VAL G 39 8.99 -53.55 -10.68
CA VAL G 39 8.91 -53.12 -12.06
C VAL G 39 10.21 -53.45 -12.80
N LYS G 40 11.35 -53.39 -12.13
CA LYS G 40 12.61 -53.69 -12.81
C LYS G 40 12.62 -55.12 -13.34
N LEU G 41 11.95 -56.04 -12.66
CA LEU G 41 11.84 -57.40 -13.18
C LEU G 41 10.55 -57.65 -13.97
N GLY G 42 9.77 -56.61 -14.23
CA GLY G 42 8.72 -56.70 -15.23
C GLY G 42 7.26 -56.74 -14.76
N ALA G 43 6.97 -56.55 -13.47
CA ALA G 43 5.58 -56.49 -13.07
C ALA G 43 4.86 -55.40 -13.86
N ASN G 44 3.59 -55.65 -14.20
CA ASN G 44 2.80 -54.70 -15.00
C ASN G 44 2.11 -53.64 -14.17
N MET G 45 2.05 -53.82 -12.85
CA MET G 45 1.18 -53.04 -11.99
C MET G 45 1.56 -53.36 -10.56
N LEU G 46 1.58 -52.33 -9.70
CA LEU G 46 1.84 -52.47 -8.28
C LEU G 46 0.52 -52.53 -7.51
N GLU G 47 0.45 -53.44 -6.54
CA GLU G 47 -0.63 -53.45 -5.56
C GLU G 47 -0.09 -52.97 -4.23
N LEU G 48 -0.86 -52.12 -3.54
CA LEU G 48 -0.39 -51.64 -2.25
C LEU G 48 -1.58 -51.19 -1.39
N ASP G 49 -1.33 -51.05 -0.10
CA ASP G 49 -2.32 -50.71 0.91
C ASP G 49 -2.00 -49.34 1.50
N VAL G 50 -3.03 -48.58 1.92
CA VAL G 50 -2.80 -47.26 2.48
C VAL G 50 -3.51 -47.09 3.82
N GLN G 51 -2.81 -46.46 4.76
CA GLN G 51 -3.30 -45.91 6.01
C GLN G 51 -2.97 -44.43 5.98
N SER G 52 -3.28 -43.74 7.08
CA SER G 52 -3.02 -42.31 7.17
C SER G 52 -2.47 -41.98 8.56
N THR G 53 -1.59 -40.99 8.61
CA THR G 53 -0.94 -40.68 9.87
C THR G 53 -1.80 -39.75 10.71
N LYS G 54 -1.33 -39.51 11.93
CA LYS G 54 -1.99 -38.52 12.79
C LYS G 54 -2.12 -37.17 12.11
N ASP G 55 -1.14 -36.79 11.28
CA ASP G 55 -1.16 -35.53 10.57
C ASP G 55 -1.65 -35.68 9.14
N ASP G 56 -2.47 -36.71 8.90
CA ASP G 56 -3.30 -36.86 7.71
C ASP G 56 -2.50 -37.13 6.45
N GLN G 57 -1.32 -37.75 6.60
CA GLN G 57 -0.50 -38.13 5.47
C GLN G 57 -0.84 -39.56 5.08
N LEU G 58 -1.12 -39.78 3.80
CA LEU G 58 -1.35 -41.13 3.29
C LEU G 58 -0.01 -41.86 3.14
N VAL G 59 0.19 -42.94 3.91
CA VAL G 59 1.38 -43.75 3.85
C VAL G 59 1.01 -45.16 3.41
N VAL G 60 2.02 -45.88 2.89
CA VAL G 60 1.84 -47.19 2.26
C VAL G 60 2.27 -48.26 3.26
N ILE G 61 1.30 -48.91 3.88
CA ILE G 61 1.53 -49.94 4.89
C ILE G 61 0.23 -50.70 5.07
N HIS G 62 0.33 -51.96 5.48
CA HIS G 62 -0.80 -52.87 5.46
C HIS G 62 -1.56 -52.86 6.78
N ASN G 63 -0.86 -53.19 7.86
CA ASN G 63 -1.51 -53.27 9.16
C ASN G 63 -1.79 -51.89 9.72
N ALA G 64 -2.65 -51.87 10.76
CA ALA G 64 -3.02 -50.62 11.39
C ALA G 64 -1.95 -50.15 12.36
N THR G 65 -1.07 -51.06 12.82
CA THR G 65 0.07 -50.76 13.69
C THR G 65 1.41 -51.02 12.98
N VAL G 66 2.46 -50.30 13.41
CA VAL G 66 3.76 -50.49 12.77
C VAL G 66 4.52 -51.71 13.28
N ASP G 67 3.96 -52.46 14.23
CA ASP G 67 4.76 -53.42 15.00
C ASP G 67 5.33 -54.55 14.15
N GLN G 68 4.53 -55.12 13.25
CA GLN G 68 4.91 -56.37 12.60
C GLN G 68 6.06 -56.16 11.64
N THR G 69 6.11 -55.02 10.96
CA THR G 69 7.05 -54.85 9.86
C THR G 69 8.16 -53.86 10.17
N THR G 70 8.21 -53.30 11.38
CA THR G 70 9.23 -52.31 11.69
C THR G 70 9.79 -52.54 13.09
N ASP G 71 10.70 -51.65 13.47
CA ASP G 71 11.34 -51.61 14.78
C ASP G 71 10.56 -50.77 15.78
N GLY G 72 9.47 -50.12 15.36
CA GLY G 72 8.69 -49.30 16.24
C GLY G 72 7.43 -49.98 16.74
N THR G 73 6.60 -49.21 17.42
CA THR G 73 5.33 -49.72 17.95
C THR G 73 4.31 -48.59 18.02
N GLY G 74 3.04 -48.96 17.85
CA GLY G 74 1.93 -48.02 17.89
C GLY G 74 1.10 -48.06 16.62
N LYS G 75 -0.07 -47.43 16.70
CA LYS G 75 -0.93 -47.32 15.53
C LYS G 75 -0.44 -46.20 14.64
N VAL G 76 -0.45 -46.45 13.32
CA VAL G 76 -0.13 -45.41 12.35
C VAL G 76 -0.94 -44.14 12.63
N ARG G 77 -2.23 -44.29 12.93
CA ARG G 77 -3.05 -43.10 13.08
C ARG G 77 -2.65 -42.27 14.29
N ASP G 78 -1.91 -42.85 15.24
CA ASP G 78 -1.42 -42.17 16.44
C ASP G 78 -0.04 -41.54 16.27
N LEU G 79 0.53 -41.60 15.08
CA LEU G 79 1.91 -41.21 14.84
C LEU G 79 1.93 -40.23 13.67
N THR G 80 2.82 -39.24 13.76
CA THR G 80 3.10 -38.33 12.67
C THR G 80 3.93 -39.01 11.59
N PHE G 81 3.83 -38.49 10.36
CA PHE G 81 4.65 -39.03 9.28
C PHE G 81 6.13 -38.97 9.63
N GLU G 82 6.56 -37.94 10.37
CA GLU G 82 7.95 -37.88 10.79
C GLU G 82 8.31 -39.07 11.68
N GLN G 83 7.46 -39.39 12.66
CA GLN G 83 7.71 -40.58 13.47
C GLN G 83 7.68 -41.84 12.60
N VAL G 84 6.76 -41.91 11.66
CA VAL G 84 6.55 -43.16 10.93
C VAL G 84 7.68 -43.41 9.95
N HIS G 85 8.18 -42.34 9.32
CA HIS G 85 9.17 -42.44 8.25
C HIS G 85 10.55 -42.81 8.77
N GLU G 86 10.81 -42.56 10.04
CA GLU G 86 12.09 -42.86 10.67
C GLU G 86 12.29 -44.34 10.96
N LEU G 87 11.19 -45.09 11.04
CA LEU G 87 11.26 -46.50 11.40
C LEU G 87 11.84 -47.33 10.26
N ASP G 88 12.24 -48.55 10.60
CA ASP G 88 12.92 -49.45 9.67
C ASP G 88 11.90 -50.48 9.17
N ALA G 89 11.42 -50.27 7.96
CA ALA G 89 10.34 -51.10 7.42
C ALA G 89 10.84 -52.40 6.79
N ALA G 90 12.09 -52.78 7.04
CA ALA G 90 12.56 -54.11 6.71
C ALA G 90 13.14 -54.79 7.94
N TYR G 91 12.74 -54.31 9.13
CA TYR G 91 13.32 -54.77 10.39
C TYR G 91 13.07 -56.25 10.64
N ASN G 92 11.95 -56.78 10.16
CA ASN G 92 11.55 -58.15 10.43
C ASN G 92 11.34 -58.96 9.16
N PHE G 93 11.87 -58.51 8.03
CA PHE G 93 11.62 -59.20 6.76
C PHE G 93 12.57 -60.39 6.61
N ILE G 94 12.01 -61.53 6.18
CA ILE G 94 12.77 -62.75 5.93
C ILE G 94 12.35 -63.25 4.56
N PRO G 95 13.26 -63.34 3.59
CA PRO G 95 12.91 -63.91 2.28
C PRO G 95 12.22 -65.27 2.42
N GLY G 96 11.02 -65.37 1.85
CA GLY G 96 10.23 -66.57 1.94
C GLY G 96 9.19 -66.59 3.03
N ARG G 97 9.20 -65.59 3.94
CA ARG G 97 8.31 -65.63 5.10
C ARG G 97 7.68 -64.27 5.42
N HIS G 98 7.87 -63.27 4.57
CA HIS G 98 7.30 -61.94 4.79
C HIS G 98 7.93 -61.37 6.07
N ALA G 99 7.15 -60.91 7.05
CA ALA G 99 7.68 -60.27 8.24
C ALA G 99 7.32 -61.09 9.48
N VAL G 100 8.33 -61.59 10.17
CA VAL G 100 8.14 -62.39 11.38
C VAL G 100 9.01 -61.81 12.49
N PRO G 101 8.45 -61.06 13.45
CA PRO G 101 9.27 -60.55 14.56
C PRO G 101 9.70 -61.67 15.49
N GLY G 102 10.70 -61.39 16.31
CA GLY G 102 11.08 -62.25 17.40
C GLY G 102 12.06 -63.37 17.09
N GLU G 103 12.57 -63.45 15.85
CA GLU G 103 13.51 -64.49 15.47
C GLU G 103 14.94 -64.02 15.69
N PRO G 104 15.90 -64.95 15.69
CA PRO G 104 17.32 -64.56 15.81
C PRO G 104 17.69 -63.54 14.75
N PRO G 105 18.45 -62.50 15.13
CA PRO G 105 18.59 -61.31 14.26
C PRO G 105 19.29 -61.59 12.96
N GLU G 106 20.02 -62.70 12.87
CA GLU G 106 20.66 -63.10 11.62
C GLU G 106 19.66 -63.54 10.57
N SER G 107 18.39 -63.68 10.93
CA SER G 107 17.38 -64.03 9.95
C SER G 107 17.05 -62.88 8.99
N TYR G 108 17.53 -61.67 9.26
CA TYR G 108 16.97 -60.45 8.68
C TYR G 108 18.02 -59.76 7.82
N PRO G 109 18.15 -60.13 6.54
CA PRO G 109 19.28 -59.62 5.73
C PRO G 109 19.27 -58.10 5.54
N LEU G 110 18.11 -57.44 5.56
CA LEU G 110 18.07 -56.01 5.31
C LEU G 110 17.76 -55.19 6.56
N ARG G 111 17.56 -55.83 7.71
CA ARG G 111 17.49 -55.09 8.96
C ARG G 111 18.73 -54.25 9.12
N GLY G 112 18.54 -52.97 9.42
CA GLY G 112 19.62 -52.02 9.61
C GLY G 112 19.91 -51.14 8.43
N VAL G 113 19.41 -51.48 7.23
CA VAL G 113 19.70 -50.62 6.09
C VAL G 113 19.05 -49.24 6.28
N ARG G 114 17.80 -49.21 6.72
CA ARG G 114 17.11 -47.93 6.83
C ARG G 114 17.80 -47.01 7.83
N THR G 115 18.52 -47.57 8.80
CA THR G 115 19.03 -46.78 9.92
C THR G 115 20.56 -46.65 9.89
N GLY G 116 21.21 -47.07 8.80
CA GLY G 116 22.62 -46.86 8.62
C GLY G 116 23.56 -47.87 9.25
N GLU G 117 23.05 -48.93 9.88
CA GLU G 117 23.94 -49.90 10.50
C GLU G 117 24.60 -50.79 9.46
N LYS G 118 23.99 -50.88 8.28
CA LYS G 118 24.37 -51.78 7.21
C LYS G 118 24.17 -51.03 5.90
N LYS G 119 25.14 -51.14 4.99
CA LYS G 119 25.04 -50.52 3.68
C LYS G 119 23.82 -51.06 2.91
N PRO G 120 23.25 -50.27 2.00
CA PRO G 120 22.13 -50.77 1.18
C PRO G 120 22.62 -51.60 0.01
N PRO G 121 21.75 -52.42 -0.58
CA PRO G 121 22.11 -53.08 -1.83
C PRO G 121 22.39 -52.06 -2.90
N PRO G 122 23.22 -52.40 -3.88
CA PRO G 122 23.57 -51.42 -4.92
C PRO G 122 22.33 -50.91 -5.64
N GLY G 123 22.30 -49.60 -5.88
CA GLY G 123 21.20 -48.96 -6.58
C GLY G 123 20.14 -48.32 -5.71
N TYR G 124 20.26 -48.38 -4.38
CA TYR G 124 19.21 -48.04 -3.45
C TYR G 124 19.79 -47.21 -2.31
N GLN G 125 18.93 -46.42 -1.67
CA GLN G 125 19.29 -45.57 -0.55
C GLN G 125 18.51 -45.98 0.70
N PRO G 126 18.96 -45.57 1.89
CA PRO G 126 18.26 -46.00 3.12
C PRO G 126 16.76 -45.70 3.15
N SER G 127 16.32 -44.54 2.67
CA SER G 127 14.89 -44.21 2.68
C SER G 127 14.06 -45.19 1.86
N ASP G 128 14.69 -45.94 0.95
CA ASP G 128 14.01 -46.95 0.14
C ASP G 128 13.51 -48.12 0.97
N PHE G 129 13.93 -48.21 2.23
CA PHE G 129 13.55 -49.30 3.13
C PHE G 129 12.68 -48.79 4.28
N ALA G 130 11.99 -47.67 4.05
CA ALA G 130 11.13 -47.03 5.04
C ALA G 130 9.70 -47.01 4.50
N ILE G 131 8.73 -46.88 5.41
CA ILE G 131 7.34 -46.69 5.03
C ILE G 131 7.25 -45.41 4.22
N PRO G 132 6.81 -45.46 2.97
CA PRO G 132 6.76 -44.25 2.15
C PRO G 132 5.40 -43.56 2.19
N LYS G 133 5.42 -42.28 1.83
CA LYS G 133 4.19 -41.59 1.49
C LYS G 133 3.65 -42.14 0.17
N LEU G 134 2.32 -42.24 0.08
CA LEU G 134 1.71 -42.55 -1.21
C LEU G 134 2.16 -41.57 -2.29
N ALA G 135 2.23 -40.28 -1.96
CA ALA G 135 2.68 -39.28 -2.92
C ALA G 135 4.05 -39.61 -3.51
N ASP G 136 4.99 -40.09 -2.68
CA ASP G 136 6.30 -40.43 -3.20
C ASP G 136 6.26 -41.64 -4.12
N VAL G 137 5.37 -42.60 -3.84
CA VAL G 137 5.23 -43.72 -4.76
C VAL G 137 4.68 -43.24 -6.10
N LEU G 138 3.66 -42.38 -6.07
CA LEU G 138 3.10 -41.87 -7.32
C LEU G 138 4.12 -41.07 -8.12
N GLU G 139 5.03 -40.37 -7.44
CA GLU G 139 6.07 -39.62 -8.12
C GLU G 139 7.16 -40.54 -8.67
N ALA G 140 7.47 -41.62 -7.95
CA ALA G 140 8.42 -42.59 -8.46
C ALA G 140 7.86 -43.42 -9.61
N PHE G 141 6.54 -43.52 -9.77
CA PHE G 141 5.96 -44.41 -10.77
C PHE G 141 4.91 -43.72 -11.60
N PRO G 142 5.29 -42.66 -12.35
CA PRO G 142 4.30 -41.88 -13.09
C PRO G 142 3.72 -42.59 -14.30
N ARG G 143 4.19 -43.79 -14.66
CA ARG G 143 3.72 -44.48 -15.85
C ARG G 143 3.38 -45.95 -15.61
N THR G 144 3.39 -46.41 -14.34
CA THR G 144 2.95 -47.75 -13.98
C THR G 144 1.57 -47.66 -13.35
N PRO G 145 0.62 -48.48 -13.76
CA PRO G 145 -0.66 -48.53 -13.06
C PRO G 145 -0.50 -49.02 -11.62
N ILE G 146 -1.42 -48.57 -10.75
CA ILE G 146 -1.35 -48.83 -9.32
C ILE G 146 -2.72 -49.33 -8.83
N ASN G 147 -2.71 -50.46 -8.12
CA ASN G 147 -3.86 -51.01 -7.42
C ASN G 147 -3.74 -50.59 -5.95
N ILE G 148 -4.72 -49.84 -5.45
CA ILE G 148 -4.64 -49.23 -4.12
C ILE G 148 -5.81 -49.72 -3.28
N GLU G 149 -5.51 -50.18 -2.06
CA GLU G 149 -6.52 -50.74 -1.18
C GLU G 149 -6.64 -49.87 0.06
N ILE G 150 -7.85 -49.37 0.32
CA ILE G 150 -8.13 -48.54 1.49
C ILE G 150 -8.18 -49.43 2.71
N LYS G 151 -7.39 -49.11 3.73
CA LYS G 151 -7.37 -49.87 4.96
C LYS G 151 -7.91 -49.02 6.10
N GLY G 152 -8.08 -49.63 7.28
CA GLY G 152 -8.64 -48.95 8.41
C GLY G 152 -7.98 -49.38 9.70
N THR G 153 -8.44 -48.78 10.80
CA THR G 153 -7.82 -49.00 12.11
C THR G 153 -8.25 -50.32 12.71
N SER G 154 -9.48 -50.71 12.47
CA SER G 154 -9.98 -52.04 12.79
C SER G 154 -11.25 -52.21 11.96
N ASP G 155 -11.65 -53.47 11.78
CA ASP G 155 -12.76 -53.71 10.85
C ASP G 155 -14.05 -53.07 11.35
N ALA G 156 -14.15 -52.81 12.65
CA ALA G 156 -15.30 -52.15 13.24
C ALA G 156 -15.18 -50.62 13.26
N ASP G 157 -14.08 -50.06 12.74
CA ASP G 157 -13.85 -48.63 12.83
C ASP G 157 -14.14 -47.99 11.48
N ILE G 158 -15.44 -47.94 11.16
CA ILE G 158 -15.89 -47.40 9.87
C ILE G 158 -15.39 -45.98 9.62
N PRO G 159 -15.43 -45.04 10.58
CA PRO G 159 -14.97 -43.69 10.25
C PRO G 159 -13.51 -43.64 9.79
N SER G 160 -12.64 -44.52 10.32
CA SER G 160 -11.25 -44.51 9.87
C SER G 160 -11.15 -44.95 8.40
N PHE G 161 -11.93 -45.95 8.00
CA PHE G 161 -12.05 -46.28 6.58
C PHE G 161 -12.50 -45.08 5.75
N LEU G 162 -13.48 -44.32 6.26
CA LEU G 162 -13.99 -43.19 5.48
C LEU G 162 -12.98 -42.04 5.45
N HIS G 163 -12.32 -41.77 6.57
CA HIS G 163 -11.25 -40.78 6.59
C HIS G 163 -10.20 -41.12 5.53
N ASN G 164 -9.75 -42.39 5.51
CA ASN G 164 -8.75 -42.78 4.52
C ASN G 164 -9.28 -42.65 3.10
N ALA G 165 -10.57 -42.86 2.87
CA ALA G 165 -11.05 -42.77 1.51
C ALA G 165 -11.08 -41.33 1.04
N LYS G 166 -11.46 -40.41 1.94
CA LYS G 166 -11.50 -38.98 1.59
C LYS G 166 -10.11 -38.47 1.19
N LEU G 167 -9.09 -38.81 1.98
CA LEU G 167 -7.72 -38.42 1.68
C LEU G 167 -7.25 -38.99 0.35
N LEU G 168 -7.53 -40.27 0.08
CA LEU G 168 -7.10 -40.87 -1.17
C LEU G 168 -7.79 -40.26 -2.37
N ALA G 169 -9.10 -39.99 -2.27
CA ALA G 169 -9.80 -39.37 -3.38
C ALA G 169 -9.22 -38.00 -3.69
N ARG G 170 -9.01 -37.19 -2.65
CA ARG G 170 -8.43 -35.86 -2.86
C ARG G 170 -7.01 -35.93 -3.42
N LEU G 171 -6.19 -36.87 -2.95
CA LEU G 171 -4.82 -36.95 -3.46
C LEU G 171 -4.81 -37.39 -4.93
N LEU G 172 -5.55 -38.45 -5.26
CA LEU G 172 -5.51 -39.00 -6.62
C LEU G 172 -6.09 -38.03 -7.64
N LYS G 173 -7.19 -37.35 -7.28
CA LYS G 173 -7.78 -36.36 -8.18
C LYS G 173 -6.78 -35.26 -8.54
N LYS G 174 -5.91 -34.87 -7.60
CA LYS G 174 -4.89 -33.87 -7.92
C LYS G 174 -3.88 -34.36 -8.95
N THR G 175 -3.74 -35.66 -9.16
CA THR G 175 -2.74 -36.12 -10.11
C THR G 175 -3.24 -36.13 -11.54
N GLY G 176 -4.55 -36.06 -11.76
CA GLY G 176 -5.09 -36.18 -13.10
C GLY G 176 -5.03 -37.57 -13.70
N ARG G 177 -4.36 -38.53 -13.07
CA ARG G 177 -4.21 -39.86 -13.64
C ARG G 177 -5.46 -40.68 -13.38
N THR G 178 -5.71 -41.67 -14.26
CA THR G 178 -6.84 -42.56 -14.05
C THR G 178 -6.47 -44.03 -14.23
N ASP G 179 -5.18 -44.35 -14.32
CA ASP G 179 -4.72 -45.73 -14.42
C ASP G 179 -4.51 -46.34 -13.02
N PHE G 180 -5.58 -46.26 -12.23
CA PHE G 180 -5.63 -46.86 -10.91
C PHE G 180 -6.84 -47.78 -10.84
N ILE G 181 -6.76 -48.76 -9.94
CA ILE G 181 -7.94 -49.46 -9.45
C ILE G 181 -7.96 -49.32 -7.93
N VAL G 182 -8.95 -48.64 -7.41
CA VAL G 182 -9.05 -48.39 -5.99
C VAL G 182 -10.06 -49.38 -5.43
N THR G 183 -9.73 -49.99 -4.32
CA THR G 183 -10.60 -50.97 -3.73
C THR G 183 -10.49 -50.87 -2.22
N SER G 184 -11.17 -51.76 -1.53
CA SER G 184 -11.10 -51.87 -0.09
C SER G 184 -11.94 -53.09 0.29
N LEU G 185 -11.61 -53.74 1.40
CA LEU G 185 -12.52 -54.78 1.86
C LEU G 185 -13.84 -54.18 2.34
N ASN G 186 -13.81 -52.95 2.84
CA ASN G 186 -14.99 -52.30 3.39
C ASN G 186 -15.76 -51.63 2.26
N ASP G 187 -17.01 -52.06 2.06
CA ASP G 187 -17.80 -51.54 0.94
C ASP G 187 -18.09 -50.06 1.09
N LEU G 188 -18.26 -49.60 2.33
CA LEU G 188 -18.52 -48.18 2.55
C LEU G 188 -17.36 -47.32 2.07
N ALA G 189 -16.12 -47.81 2.27
CA ALA G 189 -14.94 -47.09 1.80
C ALA G 189 -15.01 -46.87 0.29
N VAL G 190 -15.33 -47.93 -0.46
CA VAL G 190 -15.48 -47.80 -1.90
C VAL G 190 -16.56 -46.77 -2.24
N ALA G 191 -17.74 -46.92 -1.64
CA ALA G 191 -18.83 -45.98 -1.90
C ALA G 191 -18.38 -44.54 -1.68
N LYS G 192 -17.74 -44.26 -0.54
CA LYS G 192 -17.28 -42.90 -0.27
C LYS G 192 -16.23 -42.44 -1.28
N PHE G 193 -15.29 -43.34 -1.64
CA PHE G 193 -14.25 -42.98 -2.59
C PHE G 193 -14.83 -42.70 -3.96
N HIS G 194 -15.72 -43.58 -4.44
CA HIS G 194 -16.32 -43.39 -5.75
C HIS G 194 -17.14 -42.09 -5.80
N LEU G 195 -17.83 -41.74 -4.71
CA LEU G 195 -18.60 -40.51 -4.69
C LEU G 195 -17.69 -39.29 -4.89
N LEU G 196 -16.51 -39.31 -4.29
CA LEU G 196 -15.64 -38.14 -4.30
C LEU G 196 -14.68 -38.13 -5.49
N ALA G 197 -14.32 -39.29 -6.04
CA ALA G 197 -13.49 -39.37 -7.25
C ALA G 197 -14.19 -40.27 -8.28
N PRO G 198 -15.25 -39.77 -8.91
CA PRO G 198 -16.06 -40.62 -9.80
C PRO G 198 -15.32 -41.20 -11.00
N ASP G 199 -14.25 -40.56 -11.48
CA ASP G 199 -13.57 -41.02 -12.69
C ASP G 199 -12.51 -42.10 -12.45
N ILE G 200 -12.25 -42.50 -11.20
CA ILE G 200 -11.20 -43.49 -10.96
C ILE G 200 -11.82 -44.88 -10.96
N PRO G 201 -11.27 -45.83 -11.70
CA PRO G 201 -11.80 -47.20 -11.66
C PRO G 201 -11.73 -47.78 -10.24
N ILE G 202 -12.71 -48.63 -9.93
CA ILE G 202 -12.79 -49.25 -8.62
C ILE G 202 -13.04 -50.75 -8.77
N ALA G 203 -12.99 -51.45 -7.64
CA ALA G 203 -13.35 -52.83 -7.46
C ALA G 203 -14.21 -52.92 -6.21
N PRO G 204 -15.17 -53.84 -6.17
CA PRO G 204 -16.14 -53.87 -5.08
C PRO G 204 -15.55 -54.45 -3.80
N GLY G 205 -16.14 -54.05 -2.68
CA GLY G 205 -15.77 -54.57 -1.38
C GLY G 205 -16.38 -55.94 -1.12
N MET G 206 -16.35 -56.34 0.15
CA MET G 206 -16.70 -57.71 0.52
C MET G 206 -18.16 -58.00 0.20
N ALA G 207 -19.06 -57.09 0.52
CA ALA G 207 -20.48 -57.33 0.29
C ALA G 207 -20.77 -57.39 -1.21
N GLY G 208 -20.34 -56.37 -1.95
CA GLY G 208 -20.63 -56.33 -3.38
C GLY G 208 -20.15 -57.57 -4.10
N LEU G 209 -18.98 -58.09 -3.71
CA LEU G 209 -18.41 -59.25 -4.41
C LEU G 209 -19.15 -60.53 -4.05
N ALA G 210 -19.51 -60.71 -2.77
CA ALA G 210 -20.28 -61.88 -2.38
C ALA G 210 -21.69 -61.84 -2.98
N ALA G 211 -22.32 -60.67 -3.02
CA ALA G 211 -23.65 -60.58 -3.64
C ALA G 211 -23.58 -60.82 -5.13
N TYR G 212 -22.49 -60.44 -5.79
CA TYR G 212 -22.38 -60.79 -7.19
C TYR G 212 -22.13 -62.29 -7.34
N PHE G 213 -21.21 -62.82 -6.54
CA PHE G 213 -20.81 -64.22 -6.69
C PHE G 213 -21.97 -65.16 -6.38
N LEU G 214 -22.69 -64.91 -5.28
CA LEU G 214 -23.73 -65.83 -4.84
C LEU G 214 -25.09 -65.56 -5.47
N LEU G 215 -25.37 -64.33 -5.92
CA LEU G 215 -26.71 -64.01 -6.42
C LEU G 215 -26.68 -63.20 -7.71
N GLY G 216 -25.54 -63.02 -8.36
CA GLY G 216 -25.50 -62.28 -9.61
C GLY G 216 -25.81 -60.79 -9.54
N VAL G 217 -26.09 -60.22 -8.36
CA VAL G 217 -26.33 -58.77 -8.26
C VAL G 217 -25.09 -58.02 -8.75
N LYS G 218 -25.31 -57.10 -9.68
CA LYS G 218 -24.13 -56.48 -10.29
C LYS G 218 -23.54 -55.45 -9.35
N PRO G 219 -22.21 -55.37 -9.26
CA PRO G 219 -21.57 -54.48 -8.29
C PRO G 219 -21.68 -53.03 -8.75
N MET G 220 -21.31 -52.15 -7.84
CA MET G 220 -21.47 -50.71 -7.98
C MET G 220 -20.98 -50.22 -9.34
N HIS G 221 -21.62 -49.16 -9.84
CA HIS G 221 -21.18 -48.52 -11.07
C HIS G 221 -19.74 -48.01 -10.92
N GLY G 222 -18.96 -48.13 -11.99
CA GLY G 222 -17.55 -47.83 -11.95
C GLY G 222 -16.67 -49.04 -11.81
N THR G 223 -17.25 -50.18 -11.42
CA THR G 223 -16.50 -51.42 -11.24
C THR G 223 -15.91 -51.88 -12.57
N VAL G 224 -14.57 -51.93 -12.65
CA VAL G 224 -13.90 -52.48 -13.82
C VAL G 224 -13.36 -53.89 -13.59
N ALA G 225 -13.23 -54.33 -12.35
CA ALA G 225 -12.70 -55.65 -12.09
C ALA G 225 -13.24 -56.18 -10.78
N LEU G 226 -13.37 -57.49 -10.70
CA LEU G 226 -13.62 -58.19 -9.45
C LEU G 226 -12.28 -58.73 -8.97
N GLN G 227 -11.88 -58.33 -7.77
CA GLN G 227 -10.60 -58.72 -7.20
C GLN G 227 -10.88 -59.67 -6.05
N ILE G 228 -10.38 -60.89 -6.15
CA ILE G 228 -10.93 -62.03 -5.41
C ILE G 228 -9.80 -62.85 -4.82
N PRO G 229 -10.05 -63.47 -3.66
CA PRO G 229 -9.16 -64.53 -3.20
C PRO G 229 -9.38 -65.80 -4.01
N VAL G 230 -8.38 -66.69 -3.96
CA VAL G 230 -8.54 -68.00 -4.59
C VAL G 230 -9.67 -68.76 -3.91
N ARG G 231 -9.68 -68.78 -2.59
CA ARG G 231 -10.68 -69.47 -1.78
C ARG G 231 -11.09 -68.55 -0.64
N TYR G 232 -12.36 -68.64 -0.23
CA TYR G 232 -12.80 -67.88 0.93
C TYR G 232 -13.66 -68.77 1.80
N GLN G 233 -13.20 -69.01 3.03
CA GLN G 233 -13.89 -69.82 4.02
C GLN G 233 -14.33 -71.16 3.40
N GLY G 234 -13.33 -71.87 2.91
CA GLY G 234 -13.48 -73.21 2.38
C GLY G 234 -14.15 -73.32 1.03
N LEU G 235 -14.64 -72.21 0.46
CA LEU G 235 -15.34 -72.23 -0.81
C LEU G 235 -14.42 -71.67 -1.90
N GLU G 236 -14.33 -72.38 -3.02
CA GLU G 236 -13.48 -71.93 -4.11
C GLU G 236 -14.15 -70.79 -4.89
N ILE G 237 -13.41 -69.70 -5.09
CA ILE G 237 -13.94 -68.50 -5.72
C ILE G 237 -13.36 -68.31 -7.11
N ALA G 238 -12.05 -68.49 -7.26
CA ALA G 238 -11.35 -68.23 -8.52
C ALA G 238 -11.40 -69.47 -9.43
N THR G 239 -12.67 -69.98 -9.69
CA THR G 239 -12.99 -71.08 -10.59
C THR G 239 -13.15 -70.57 -12.02
N PRO G 240 -12.91 -71.44 -13.02
CA PRO G 240 -13.16 -71.01 -14.40
C PRO G 240 -14.60 -70.63 -14.68
N GLU G 241 -15.57 -71.33 -14.05
CA GLU G 241 -16.98 -71.02 -14.25
C GLU G 241 -17.28 -69.61 -13.81
N PHE G 242 -16.72 -69.18 -12.68
CA PHE G 242 -17.00 -67.85 -12.18
C PHE G 242 -16.33 -66.80 -13.04
N ILE G 243 -15.07 -67.01 -13.41
CA ILE G 243 -14.33 -66.02 -14.17
C ILE G 243 -14.95 -65.82 -15.55
N ARG G 244 -15.48 -66.90 -16.14
CA ARG G 244 -16.17 -66.79 -17.43
C ARG G 244 -17.41 -65.93 -17.30
N ARG G 245 -18.22 -66.18 -16.27
CA ARG G 245 -19.40 -65.34 -16.06
C ARG G 245 -18.98 -63.90 -15.81
N ALA G 246 -17.89 -63.69 -15.06
CA ALA G 246 -17.44 -62.34 -14.81
C ALA G 246 -17.05 -61.66 -16.11
N HIS G 247 -16.39 -62.38 -17.00
CA HIS G 247 -16.09 -61.86 -18.33
C HIS G 247 -17.37 -61.56 -19.11
N ALA G 248 -18.36 -62.46 -19.02
CA ALA G 248 -19.58 -62.34 -19.82
C ALA G 248 -20.34 -61.06 -19.50
N ASP G 249 -20.18 -60.52 -18.29
CA ASP G 249 -20.81 -59.27 -17.90
C ASP G 249 -19.85 -58.08 -17.99
N GLY G 250 -18.63 -58.29 -18.50
CA GLY G 250 -17.74 -57.18 -18.80
C GLY G 250 -16.82 -56.75 -17.68
N TYR G 251 -16.55 -57.62 -16.72
CA TYR G 251 -15.63 -57.33 -15.64
C TYR G 251 -14.35 -58.13 -15.82
N ALA G 252 -13.20 -57.53 -15.49
CA ALA G 252 -11.95 -58.27 -15.39
C ALA G 252 -11.84 -58.95 -14.02
N VAL G 253 -10.98 -59.95 -13.93
CA VAL G 253 -10.82 -60.72 -12.71
C VAL G 253 -9.34 -60.76 -12.36
N HIS G 254 -9.02 -60.37 -11.13
CA HIS G 254 -7.68 -60.36 -10.58
C HIS G 254 -7.70 -61.13 -9.27
N VAL G 255 -6.71 -61.98 -9.06
CA VAL G 255 -6.73 -62.99 -8.02
C VAL G 255 -5.53 -62.78 -7.09
N TRP G 256 -5.80 -62.63 -5.80
CA TRP G 256 -4.76 -62.59 -4.78
C TRP G 256 -4.83 -63.86 -3.94
N PHE G 257 -3.76 -64.08 -3.17
CA PHE G 257 -3.55 -65.37 -2.52
C PHE G 257 -3.53 -65.20 -1.02
N SER G 258 -2.43 -64.66 -0.51
CA SER G 258 -2.35 -64.13 0.84
C SER G 258 -2.94 -65.08 1.87
N GLY G 259 -2.59 -66.36 1.75
CA GLY G 259 -3.04 -67.35 2.71
C GLY G 259 -4.29 -68.12 2.34
N THR G 260 -5.02 -67.70 1.31
CA THR G 260 -6.20 -68.46 0.89
C THR G 260 -5.82 -69.65 0.01
N ALA G 261 -4.65 -69.58 -0.61
CA ALA G 261 -4.00 -70.67 -1.31
C ALA G 261 -2.51 -70.37 -1.31
N PRO G 262 -1.66 -71.38 -1.54
CA PRO G 262 -0.22 -71.13 -1.45
C PRO G 262 0.29 -70.20 -2.54
N ASP G 263 1.40 -69.54 -2.25
CA ASP G 263 2.14 -68.79 -3.27
C ASP G 263 3.18 -69.74 -3.84
N ASP G 264 2.76 -70.58 -4.78
CA ASP G 264 3.68 -71.53 -5.40
C ASP G 264 3.37 -71.71 -6.89
N GLU G 265 4.24 -72.46 -7.57
CA GLU G 265 4.17 -72.61 -9.01
C GLU G 265 2.90 -73.34 -9.44
N ALA G 266 2.56 -74.43 -8.75
CA ALA G 266 1.32 -75.15 -9.01
C ALA G 266 0.12 -74.20 -9.01
N THR G 267 -0.08 -73.50 -7.88
CA THR G 267 -1.25 -72.64 -7.76
C THR G 267 -1.21 -71.46 -8.73
N TYR G 268 -0.04 -70.85 -8.94
CA TYR G 268 0.03 -69.80 -9.97
C TYR G 268 -0.41 -70.35 -11.33
N ASN G 269 -0.02 -71.58 -11.65
CA ASN G 269 -0.36 -72.18 -12.94
C ASN G 269 -1.86 -72.42 -13.05
N ARG G 270 -2.47 -72.97 -11.98
CA ARG G 270 -3.91 -73.18 -11.97
C ARG G 270 -4.65 -71.88 -12.26
N ILE G 271 -4.25 -70.79 -11.59
CA ILE G 271 -4.98 -69.53 -11.74
C ILE G 271 -4.73 -68.93 -13.12
N ILE G 272 -3.53 -69.13 -13.68
CA ILE G 272 -3.30 -68.70 -15.06
C ILE G 272 -4.29 -69.39 -15.99
N ASP G 273 -4.40 -70.72 -15.87
CA ASP G 273 -5.29 -71.52 -16.71
C ASP G 273 -6.76 -71.19 -16.49
N SER G 274 -7.17 -70.85 -15.25
CA SER G 274 -8.54 -70.46 -14.99
C SER G 274 -9.01 -69.28 -15.82
N CYS G 275 -8.08 -68.61 -16.55
CA CYS G 275 -8.32 -67.48 -17.44
C CYS G 275 -8.47 -66.15 -16.70
N ALA G 276 -7.95 -66.07 -15.48
CA ALA G 276 -7.94 -64.82 -14.75
C ALA G 276 -7.02 -63.81 -15.44
N ASP G 277 -7.35 -62.53 -15.28
CA ASP G 277 -6.61 -61.48 -15.99
C ASP G 277 -5.35 -61.04 -15.27
N GLY G 278 -5.35 -61.11 -13.95
CA GLY G 278 -4.20 -60.72 -13.16
C GLY G 278 -4.01 -61.60 -11.95
N LEU G 279 -2.75 -61.82 -11.60
CA LEU G 279 -2.37 -62.46 -10.35
C LEU G 279 -1.67 -61.44 -9.46
N MET G 280 -1.84 -61.61 -8.16
CA MET G 280 -1.16 -60.76 -7.20
C MET G 280 -0.14 -61.58 -6.41
N PRO G 281 1.02 -61.91 -6.99
CA PRO G 281 1.95 -62.86 -6.35
C PRO G 281 2.74 -62.25 -5.20
N ALA G 282 2.94 -63.05 -4.15
CA ALA G 282 3.96 -62.73 -3.15
C ALA G 282 5.37 -62.95 -3.68
N TYR G 283 5.49 -63.65 -4.80
CA TYR G 283 6.77 -63.90 -5.47
C TYR G 283 6.64 -63.41 -6.90
N PRO G 284 6.86 -62.12 -7.15
CA PRO G 284 6.64 -61.61 -8.51
C PRO G 284 7.70 -62.08 -9.51
N ALA G 285 8.97 -62.26 -9.10
CA ALA G 285 9.96 -62.79 -10.03
C ALA G 285 9.63 -64.22 -10.44
N LEU G 286 9.10 -65.01 -9.49
CA LEU G 286 8.75 -66.39 -9.79
C LEU G 286 7.61 -66.44 -10.79
N LEU G 287 6.62 -65.56 -10.65
CA LEU G 287 5.51 -65.52 -11.60
C LEU G 287 5.98 -65.01 -12.96
N GLU G 288 6.87 -64.01 -12.97
CA GLU G 288 7.44 -63.54 -14.23
C GLU G 288 8.20 -64.65 -14.95
N ARG G 289 8.97 -65.44 -14.20
CA ARG G 289 9.67 -66.58 -14.80
C ARG G 289 8.68 -67.55 -15.43
N ILE G 290 7.55 -67.80 -14.76
CA ILE G 290 6.54 -68.72 -15.27
C ILE G 290 5.89 -68.18 -16.53
N LEU G 291 5.56 -66.89 -16.53
CA LEU G 291 4.90 -66.31 -17.70
C LEU G 291 5.85 -66.28 -18.90
N ASP G 292 7.15 -66.04 -18.68
CA ASP G 292 8.10 -66.10 -19.79
C ASP G 292 8.26 -67.52 -20.28
N GLU G 293 8.41 -68.47 -19.35
CA GLU G 293 8.61 -69.87 -19.71
C GLU G 293 7.45 -70.39 -20.55
N ARG G 294 6.22 -69.98 -20.24
CA ARG G 294 5.05 -70.42 -20.98
C ARG G 294 4.68 -69.47 -22.11
N GLY G 295 5.50 -68.46 -22.38
CA GLY G 295 5.21 -67.54 -23.47
C GLY G 295 3.82 -66.95 -23.43
N ILE G 296 3.33 -66.59 -22.25
CA ILE G 296 1.96 -66.13 -22.09
C ILE G 296 1.81 -64.71 -22.62
N GLU G 297 0.61 -64.40 -23.11
CA GLU G 297 0.25 -63.04 -23.47
C GLU G 297 0.53 -62.11 -22.29
N ARG G 298 1.11 -60.95 -22.61
CA ARG G 298 1.31 -59.82 -21.72
C ARG G 298 0.79 -58.56 -22.40
N PRO G 299 0.31 -57.58 -21.63
CA PRO G 299 -0.20 -56.35 -22.27
C PRO G 299 0.87 -55.70 -23.12
N GLY G 300 0.53 -55.47 -24.39
CA GLY G 300 1.46 -54.94 -25.37
C GLY G 300 2.44 -55.95 -25.94
N ARG G 301 2.29 -57.23 -25.62
CA ARG G 301 3.21 -58.28 -26.08
C ARG G 301 2.43 -59.58 -26.17
N PRO G 302 1.87 -59.88 -27.33
CA PRO G 302 0.95 -61.02 -27.45
C PRO G 302 1.70 -62.35 -27.41
N GLY G 303 0.93 -63.40 -27.14
CA GLY G 303 1.48 -64.72 -27.02
C GLY G 303 0.40 -65.74 -26.76
N VAL G 304 0.73 -66.80 -26.02
CA VAL G 304 -0.22 -67.88 -25.79
C VAL G 304 -1.35 -67.39 -24.89
N ASP G 305 -2.57 -67.77 -25.24
CA ASP G 305 -3.75 -67.56 -24.41
C ASP G 305 -4.07 -68.87 -23.72
N PRO G 306 -4.03 -68.92 -22.38
CA PRO G 306 -4.09 -70.20 -21.69
C PRO G 306 -5.47 -70.85 -21.56
N CYS G 307 -6.58 -70.14 -21.79
CA CYS G 307 -7.88 -70.78 -21.60
C CYS G 307 -8.53 -71.16 -22.92
N ASP H 7 28.30 24.87 -47.55
CA ASP H 7 27.91 23.66 -46.82
C ASP H 7 28.84 23.37 -45.65
N ASN H 8 28.49 22.33 -44.91
CA ASN H 8 29.33 21.84 -43.82
C ASN H 8 30.37 20.86 -44.37
N PRO H 9 31.67 21.15 -44.28
CA PRO H 9 32.65 20.27 -44.95
C PRO H 9 32.73 18.88 -44.33
N TRP H 10 32.58 18.79 -43.01
CA TRP H 10 32.71 17.52 -42.30
C TRP H 10 31.73 16.46 -42.77
N LEU H 11 30.65 16.86 -43.45
CA LEU H 11 29.73 15.90 -44.02
C LEU H 11 30.34 15.13 -45.19
N ASP H 12 31.51 15.56 -45.68
CA ASP H 12 32.25 14.91 -46.76
C ASP H 12 33.50 14.20 -46.27
N ALA H 13 33.93 14.47 -45.04
CA ALA H 13 35.05 13.75 -44.45
C ALA H 13 34.50 12.44 -43.89
N ARG H 14 34.57 11.38 -44.69
CA ARG H 14 33.98 10.11 -44.28
C ARG H 14 34.42 9.00 -45.23
N VAL H 15 34.55 7.77 -44.70
CA VAL H 15 34.44 7.43 -43.28
C VAL H 15 35.77 7.64 -42.53
N LEU H 16 35.73 8.27 -41.36
CA LEU H 16 36.95 8.64 -40.64
C LEU H 16 37.33 7.58 -39.62
N ASN H 17 38.63 7.29 -39.55
CA ASN H 17 39.24 6.43 -38.53
C ASN H 17 39.89 7.37 -37.53
N MET H 18 39.16 7.67 -36.44
CA MET H 18 39.59 8.65 -35.45
C MET H 18 40.13 7.90 -34.24
N ALA H 19 41.46 7.72 -34.20
CA ALA H 19 42.10 6.88 -33.19
C ALA H 19 41.82 7.36 -31.76
N HIS H 20 41.03 6.59 -31.01
CA HIS H 20 40.59 6.99 -29.68
C HIS H 20 41.76 6.99 -28.70
N ALA H 21 42.19 8.19 -28.29
CA ALA H 21 43.41 8.39 -27.50
C ALA H 21 44.61 7.72 -28.17
N GLY H 22 44.55 7.57 -29.50
CA GLY H 22 45.55 6.87 -30.26
C GLY H 22 45.31 5.38 -30.44
N GLY H 23 44.36 4.81 -29.71
CA GLY H 23 44.07 3.39 -29.78
C GLY H 23 44.41 2.73 -28.46
N GLU H 24 43.58 2.96 -27.43
CA GLU H 24 44.02 2.65 -26.08
C GLU H 24 44.20 1.16 -25.85
N ASN H 25 43.64 0.31 -26.73
CA ASN H 25 43.77 -1.14 -26.58
C ASN H 25 44.96 -1.71 -27.34
N GLU H 26 45.45 -1.04 -28.39
CA GLU H 26 46.69 -1.41 -29.07
C GLU H 26 47.91 -0.61 -28.62
N ALA H 27 47.76 0.49 -27.86
CA ALA H 27 48.90 1.34 -27.55
C ALA H 27 48.60 2.08 -26.25
N PRO H 28 49.63 2.56 -25.54
CA PRO H 28 49.40 3.39 -24.34
C PRO H 28 48.63 4.66 -24.69
N ALA H 29 47.46 4.81 -24.07
CA ALA H 29 46.59 5.95 -24.41
C ALA H 29 47.30 7.26 -24.19
N ASN H 30 47.10 8.19 -25.13
CA ASN H 30 47.44 9.61 -24.95
C ASN H 30 48.96 9.79 -24.79
N THR H 31 49.73 9.05 -25.60
CA THR H 31 51.17 9.23 -25.73
C THR H 31 51.50 9.51 -27.18
N LEU H 32 52.65 10.15 -27.41
CA LEU H 32 53.03 10.47 -28.77
C LEU H 32 53.25 9.21 -29.60
N TYR H 33 53.76 8.15 -28.96
CA TYR H 33 53.93 6.89 -29.65
C TYR H 33 52.60 6.40 -30.22
N ALA H 34 51.57 6.40 -29.39
CA ALA H 34 50.25 5.92 -29.81
C ALA H 34 49.72 6.72 -30.99
N PHE H 35 49.82 8.06 -30.94
CA PHE H 35 49.34 8.86 -32.07
C PHE H 35 50.16 8.61 -33.33
N LYS H 36 51.48 8.53 -33.19
CA LYS H 36 52.32 8.28 -34.37
C LYS H 36 52.00 6.94 -34.99
N ARG H 37 51.94 5.89 -34.17
CA ARG H 37 51.61 4.56 -34.66
C ARG H 37 50.26 4.54 -35.39
N ALA H 38 49.24 5.17 -34.79
CA ALA H 38 47.92 5.16 -35.41
C ALA H 38 47.92 5.85 -36.76
N VAL H 39 48.61 7.00 -36.86
CA VAL H 39 48.58 7.72 -38.12
C VAL H 39 49.31 6.94 -39.20
N LYS H 40 50.45 6.32 -38.85
CA LYS H 40 51.15 5.47 -39.82
C LYS H 40 50.28 4.30 -40.28
N LEU H 41 49.45 3.76 -39.37
CA LEU H 41 48.60 2.62 -39.68
C LEU H 41 47.25 3.02 -40.29
N GLY H 42 47.01 4.31 -40.57
CA GLY H 42 45.85 4.72 -41.33
C GLY H 42 44.81 5.62 -40.69
N ALA H 43 45.10 6.15 -39.51
CA ALA H 43 44.12 6.98 -38.78
C ALA H 43 44.03 8.38 -39.41
N ASN H 44 42.90 8.70 -40.03
CA ASN H 44 42.68 10.02 -40.61
C ASN H 44 42.66 11.15 -39.59
N MET H 45 42.64 10.84 -38.29
CA MET H 45 42.38 11.86 -37.29
C MET H 45 42.74 11.33 -35.90
N LEU H 46 43.24 12.19 -35.04
CA LEU H 46 43.51 11.84 -33.65
C LEU H 46 42.40 12.34 -32.73
N GLU H 47 42.12 11.57 -31.68
CA GLU H 47 41.24 12.00 -30.59
C GLU H 47 42.04 11.99 -29.30
N LEU H 48 42.00 13.11 -28.58
CA LEU H 48 42.78 13.21 -27.34
C LEU H 48 42.02 14.04 -26.31
N ASP H 49 42.48 13.91 -25.05
CA ASP H 49 41.94 14.59 -23.90
C ASP H 49 42.97 15.56 -23.32
N VAL H 50 42.52 16.72 -22.83
CA VAL H 50 43.39 17.74 -22.26
C VAL H 50 43.03 18.02 -20.81
N GLN H 51 44.06 18.15 -19.97
CA GLN H 51 43.99 18.71 -18.63
C GLN H 51 45.10 19.75 -18.47
N SER H 52 45.09 20.48 -17.36
CA SER H 52 46.09 21.52 -17.11
C SER H 52 46.83 21.27 -15.79
N THR H 53 48.11 21.63 -15.79
CA THR H 53 49.01 21.42 -14.67
C THR H 53 48.98 22.62 -13.71
N LYS H 54 49.55 22.43 -12.51
CA LYS H 54 49.69 23.52 -11.55
C LYS H 54 50.23 24.79 -12.19
N ASP H 55 51.18 24.66 -13.11
CA ASP H 55 51.75 25.79 -13.83
C ASP H 55 51.07 26.00 -15.18
N ASP H 56 49.80 25.64 -15.28
CA ASP H 56 48.93 26.06 -16.39
C ASP H 56 49.47 25.60 -17.74
N GLN H 57 49.95 24.36 -17.82
CA GLN H 57 50.32 23.75 -19.10
C GLN H 57 49.24 22.75 -19.50
N LEU H 58 48.82 22.81 -20.77
CA LEU H 58 47.86 21.85 -21.31
C LEU H 58 48.56 20.55 -21.66
N VAL H 59 48.14 19.46 -21.01
CA VAL H 59 48.77 18.15 -21.17
C VAL H 59 47.71 17.16 -21.64
N VAL H 60 48.15 16.13 -22.36
CA VAL H 60 47.25 15.16 -22.97
C VAL H 60 47.17 13.95 -22.03
N ILE H 61 46.01 13.80 -21.40
CA ILE H 61 45.75 12.78 -20.39
C ILE H 61 44.25 12.80 -20.10
N HIS H 62 43.68 11.63 -19.82
CA HIS H 62 42.23 11.50 -19.69
C HIS H 62 41.76 11.77 -18.27
N ASN H 63 42.31 11.05 -17.29
CA ASN H 63 41.81 11.21 -15.94
C ASN H 63 42.27 12.53 -15.32
N ALA H 64 41.66 12.85 -14.18
CA ALA H 64 42.10 13.98 -13.38
C ALA H 64 43.36 13.68 -12.58
N THR H 65 43.60 12.42 -12.24
CA THR H 65 44.80 12.00 -11.54
C THR H 65 45.67 11.16 -12.47
N VAL H 66 46.94 10.96 -12.06
CA VAL H 66 47.92 10.29 -12.88
C VAL H 66 47.95 8.82 -12.50
N ASP H 67 47.04 8.42 -11.60
CA ASP H 67 47.16 7.14 -10.93
C ASP H 67 47.02 5.95 -11.88
N GLN H 68 46.03 5.99 -12.76
CA GLN H 68 45.72 4.76 -13.50
C GLN H 68 46.76 4.46 -14.57
N THR H 69 47.28 5.49 -15.25
CA THR H 69 48.13 5.27 -16.42
C THR H 69 49.62 5.46 -16.15
N THR H 70 50.04 5.65 -14.90
CA THR H 70 51.44 5.97 -14.63
C THR H 70 51.88 5.37 -13.29
N ASP H 71 53.17 5.53 -13.01
CA ASP H 71 53.78 5.20 -11.73
C ASP H 71 53.60 6.27 -10.66
N GLY H 72 53.09 7.46 -11.02
CA GLY H 72 52.92 8.54 -10.08
C GLY H 72 51.58 8.50 -9.37
N THR H 73 51.26 9.61 -8.69
CA THR H 73 50.04 9.72 -7.91
C THR H 73 49.70 11.18 -7.68
N GLY H 74 48.41 11.48 -7.58
CA GLY H 74 47.88 12.80 -7.33
C GLY H 74 47.23 13.43 -8.56
N LYS H 75 46.52 14.53 -8.31
CA LYS H 75 45.83 15.29 -9.36
C LYS H 75 46.81 16.02 -10.28
N VAL H 76 46.42 16.16 -11.55
CA VAL H 76 47.24 16.88 -12.52
C VAL H 76 47.30 18.36 -12.18
N ARG H 77 46.17 18.93 -11.72
CA ARG H 77 46.15 20.34 -11.32
C ARG H 77 47.17 20.61 -10.22
N ASP H 78 47.52 19.60 -9.42
CA ASP H 78 48.40 19.77 -8.28
C ASP H 78 49.86 19.54 -8.61
N LEU H 79 50.18 19.11 -9.82
CA LEU H 79 51.55 18.79 -10.19
C LEU H 79 51.99 19.73 -11.31
N THR H 80 53.29 20.02 -11.30
CA THR H 80 53.87 20.86 -12.34
C THR H 80 54.03 20.03 -13.62
N PHE H 81 54.31 20.73 -14.72
CA PHE H 81 54.62 20.00 -15.94
C PHE H 81 55.85 19.13 -15.78
N GLU H 82 56.89 19.64 -15.10
CA GLU H 82 58.11 18.85 -14.97
C GLU H 82 57.88 17.60 -14.13
N GLN H 83 57.14 17.72 -13.03
CA GLN H 83 56.74 16.52 -12.30
C GLN H 83 55.99 15.54 -13.20
N VAL H 84 55.08 16.05 -14.04
CA VAL H 84 54.17 15.19 -14.79
C VAL H 84 54.90 14.50 -15.95
N HIS H 85 55.79 15.23 -16.62
CA HIS H 85 56.47 14.73 -17.80
C HIS H 85 57.58 13.74 -17.49
N GLU H 86 57.93 13.58 -16.21
CA GLU H 86 58.89 12.56 -15.85
C GLU H 86 58.24 11.20 -15.65
N LEU H 87 56.91 11.11 -15.70
CA LEU H 87 56.23 9.89 -15.32
C LEU H 87 56.24 8.91 -16.49
N ASP H 88 56.01 7.63 -16.16
CA ASP H 88 55.94 6.57 -17.17
C ASP H 88 54.47 6.37 -17.54
N ALA H 89 54.09 6.88 -18.71
CA ALA H 89 52.69 6.82 -19.15
C ALA H 89 52.33 5.52 -19.86
N ALA H 90 53.23 4.52 -19.86
CA ALA H 90 52.86 3.18 -20.27
C ALA H 90 52.93 2.22 -19.09
N TYR H 91 53.03 2.74 -17.87
CA TYR H 91 53.34 1.92 -16.70
C TYR H 91 52.35 0.80 -16.50
N ASN H 92 51.09 1.01 -16.83
CA ASN H 92 50.07 0.00 -16.55
C ASN H 92 49.38 -0.46 -17.83
N PHE H 93 50.02 -0.28 -18.98
CA PHE H 93 49.38 -0.60 -20.25
C PHE H 93 49.40 -2.11 -20.50
N ILE H 94 48.23 -2.71 -20.68
CA ILE H 94 48.10 -4.10 -21.11
C ILE H 94 47.34 -4.13 -22.43
N PRO H 95 47.88 -4.76 -23.48
CA PRO H 95 47.17 -4.78 -24.76
C PRO H 95 45.81 -5.44 -24.64
N GLY H 96 44.80 -4.78 -25.22
CA GLY H 96 43.43 -5.24 -25.11
C GLY H 96 42.69 -4.81 -23.85
N ARG H 97 43.36 -4.16 -22.89
CA ARG H 97 42.74 -3.81 -21.61
C ARG H 97 42.98 -2.37 -21.16
N HIS H 98 43.54 -1.52 -22.03
CA HIS H 98 43.88 -0.13 -21.70
C HIS H 98 44.87 -0.12 -20.53
N ALA H 99 44.51 0.41 -19.36
CA ALA H 99 45.48 0.64 -18.29
C ALA H 99 44.94 0.02 -17.00
N VAL H 100 45.59 -1.04 -16.54
CA VAL H 100 45.12 -1.82 -15.39
C VAL H 100 46.25 -1.91 -14.38
N PRO H 101 46.18 -1.17 -13.29
CA PRO H 101 47.21 -1.28 -12.25
C PRO H 101 46.99 -2.52 -11.38
N GLY H 102 48.08 -2.95 -10.76
CA GLY H 102 48.05 -3.99 -9.76
C GLY H 102 48.28 -5.41 -10.26
N GLU H 103 48.74 -5.59 -11.49
CA GLU H 103 49.00 -6.92 -12.00
C GLU H 103 50.48 -7.25 -11.93
N PRO H 104 50.85 -8.52 -12.07
CA PRO H 104 52.26 -8.91 -12.06
C PRO H 104 53.05 -8.16 -13.13
N PRO H 105 54.29 -7.75 -12.81
CA PRO H 105 55.02 -6.78 -13.67
C PRO H 105 55.24 -7.23 -15.10
N GLU H 106 55.12 -8.52 -15.41
CA GLU H 106 55.31 -9.03 -16.76
C GLU H 106 54.07 -8.87 -17.64
N SER H 107 52.97 -8.40 -17.06
CA SER H 107 51.78 -8.12 -17.84
C SER H 107 51.92 -6.85 -18.66
N TYR H 108 52.94 -6.03 -18.39
CA TYR H 108 53.05 -4.69 -18.97
C TYR H 108 54.20 -4.64 -19.95
N PRO H 109 53.94 -4.71 -21.25
CA PRO H 109 55.06 -4.90 -22.20
C PRO H 109 55.87 -3.64 -22.45
N LEU H 110 55.27 -2.46 -22.30
CA LEU H 110 56.02 -1.22 -22.54
C LEU H 110 56.37 -0.48 -21.27
N ARG H 111 56.04 -1.01 -20.10
CA ARG H 111 56.43 -0.38 -18.86
C ARG H 111 57.96 -0.26 -18.80
N GLY H 112 58.45 0.92 -18.40
CA GLY H 112 59.88 1.08 -18.28
C GLY H 112 60.59 1.54 -19.54
N VAL H 113 59.88 1.71 -20.64
CA VAL H 113 60.50 2.33 -21.81
C VAL H 113 60.73 3.82 -21.57
N ARG H 114 59.77 4.49 -20.90
CA ARG H 114 59.92 5.93 -20.69
C ARG H 114 61.16 6.26 -19.89
N THR H 115 61.50 5.41 -18.92
CA THR H 115 62.53 5.67 -17.92
C THR H 115 63.87 4.98 -18.20
N GLY H 116 64.00 4.25 -19.31
CA GLY H 116 65.29 3.73 -19.72
C GLY H 116 65.56 2.26 -19.43
N GLU H 117 64.75 1.60 -18.61
CA GLU H 117 64.98 0.17 -18.32
C GLU H 117 64.83 -0.69 -19.56
N LYS H 118 63.82 -0.40 -20.38
CA LYS H 118 63.52 -1.16 -21.57
C LYS H 118 63.81 -0.33 -22.82
N LYS H 119 64.40 -0.96 -23.82
CA LYS H 119 64.68 -0.29 -25.08
C LYS H 119 63.38 0.07 -25.78
N PRO H 120 63.28 1.24 -26.40
CA PRO H 120 62.03 1.62 -27.07
C PRO H 120 61.85 0.85 -28.36
N PRO H 121 60.62 0.73 -28.85
CA PRO H 121 60.41 0.12 -30.15
C PRO H 121 61.18 0.89 -31.23
N PRO H 122 61.62 0.21 -32.27
CA PRO H 122 62.42 0.87 -33.31
C PRO H 122 61.73 2.09 -33.89
N GLY H 123 62.45 3.20 -33.95
CA GLY H 123 61.98 4.44 -34.51
C GLY H 123 61.61 5.51 -33.50
N TYR H 124 61.43 5.13 -32.24
CA TYR H 124 60.85 5.98 -31.22
C TYR H 124 61.87 6.28 -30.12
N GLN H 125 61.60 7.36 -29.38
CA GLN H 125 62.38 7.84 -28.24
C GLN H 125 61.63 7.57 -26.95
N PRO H 126 62.31 7.58 -25.80
CA PRO H 126 61.60 7.40 -24.52
C PRO H 126 60.57 8.48 -24.20
N SER H 127 60.70 9.68 -24.78
CA SER H 127 59.77 10.76 -24.49
C SER H 127 58.42 10.52 -25.17
N ASP H 128 58.37 9.70 -26.22
CA ASP H 128 57.12 9.29 -26.82
C ASP H 128 56.25 8.46 -25.88
N PHE H 129 56.69 8.21 -24.65
CA PHE H 129 55.98 7.34 -23.71
C PHE H 129 55.70 8.05 -22.39
N ALA H 130 55.90 9.36 -22.34
CA ALA H 130 55.45 10.20 -21.26
C ALA H 130 54.21 10.98 -21.69
N ILE H 131 53.53 11.55 -20.69
CA ILE H 131 52.42 12.47 -20.88
C ILE H 131 52.89 13.67 -21.70
N PRO H 132 52.42 13.85 -22.92
CA PRO H 132 52.87 14.99 -23.73
C PRO H 132 52.11 16.27 -23.42
N LYS H 133 52.65 17.39 -23.94
CA LYS H 133 51.92 18.64 -24.00
C LYS H 133 51.14 18.70 -25.29
N LEU H 134 49.93 19.27 -25.23
CA LEU H 134 49.18 19.49 -26.46
C LEU H 134 50.04 20.14 -27.53
N ALA H 135 50.82 21.15 -27.14
CA ALA H 135 51.64 21.88 -28.13
C ALA H 135 52.69 20.97 -28.78
N ASP H 136 53.20 19.96 -28.05
CA ASP H 136 54.08 18.97 -28.66
C ASP H 136 53.32 18.09 -29.64
N VAL H 137 52.09 17.69 -29.26
CA VAL H 137 51.23 16.92 -30.16
C VAL H 137 50.91 17.73 -31.41
N LEU H 138 50.59 19.02 -31.23
CA LEU H 138 50.29 19.88 -32.37
C LEU H 138 51.52 20.05 -33.25
N GLU H 139 52.68 20.27 -32.64
CA GLU H 139 53.93 20.36 -33.40
C GLU H 139 54.23 19.07 -34.15
N ALA H 140 53.90 17.92 -33.56
CA ALA H 140 54.17 16.65 -34.24
C ALA H 140 53.18 16.38 -35.37
N PHE H 141 52.02 17.01 -35.36
CA PHE H 141 50.97 16.69 -36.34
C PHE H 141 50.47 17.97 -37.00
N PRO H 142 51.29 18.57 -37.87
CA PRO H 142 50.88 19.84 -38.49
C PRO H 142 49.71 19.69 -39.44
N ARG H 143 49.61 18.59 -40.19
CA ARG H 143 48.53 18.46 -41.16
C ARG H 143 47.63 17.25 -40.90
N THR H 144 47.46 16.88 -39.63
CA THR H 144 46.48 15.88 -39.22
C THR H 144 45.40 16.53 -38.36
N PRO H 145 44.12 16.38 -38.70
CA PRO H 145 43.07 16.97 -37.85
C PRO H 145 43.06 16.32 -36.47
N ILE H 146 42.75 17.11 -35.46
CA ILE H 146 42.73 16.60 -34.09
C ILE H 146 41.38 16.90 -33.44
N ASN H 147 40.87 15.89 -32.71
CA ASN H 147 39.64 15.94 -31.94
C ASN H 147 40.01 16.10 -30.47
N ILE H 148 39.76 17.28 -29.90
CA ILE H 148 40.27 17.68 -28.59
C ILE H 148 39.12 17.72 -27.61
N GLU H 149 39.20 16.92 -26.54
CA GLU H 149 38.16 16.94 -25.52
C GLU H 149 38.69 17.61 -24.24
N ILE H 150 37.96 18.65 -23.80
CA ILE H 150 38.28 19.40 -22.58
C ILE H 150 37.80 18.62 -21.36
N LYS H 151 38.74 18.24 -20.48
CA LYS H 151 38.45 17.50 -19.25
C LYS H 151 38.53 18.44 -18.06
N GLY H 152 38.16 17.92 -16.89
CA GLY H 152 38.23 18.70 -15.66
C GLY H 152 38.55 17.81 -14.47
N THR H 153 38.69 18.43 -13.29
CA THR H 153 39.22 17.65 -12.17
C THR H 153 38.14 16.80 -11.50
N SER H 154 36.87 17.19 -11.61
CA SER H 154 35.76 16.35 -11.20
C SER H 154 34.51 16.86 -11.90
N ASP H 155 33.44 16.07 -11.82
CA ASP H 155 32.21 16.45 -12.51
C ASP H 155 31.55 17.68 -11.88
N ALA H 156 31.74 17.93 -10.58
CA ALA H 156 31.12 19.07 -9.91
C ALA H 156 32.05 20.28 -9.81
N ASP H 157 33.21 20.27 -10.46
CA ASP H 157 34.15 21.36 -10.39
C ASP H 157 34.16 22.08 -11.74
N ILE H 158 33.05 22.76 -12.01
CA ILE H 158 32.84 23.40 -13.30
C ILE H 158 33.97 24.37 -13.66
N PRO H 159 34.48 25.21 -12.75
CA PRO H 159 35.55 26.15 -13.17
C PRO H 159 36.79 25.46 -13.76
N SER H 160 37.16 24.26 -13.28
CA SER H 160 38.30 23.54 -13.86
C SER H 160 38.07 23.23 -15.33
N PHE H 161 36.89 22.72 -15.68
CA PHE H 161 36.57 22.62 -17.10
C PHE H 161 36.72 23.98 -17.76
N LEU H 162 36.27 25.04 -17.08
CA LEU H 162 36.26 26.37 -17.68
C LEU H 162 37.68 26.92 -17.79
N HIS H 163 38.49 26.71 -16.75
CA HIS H 163 39.91 27.05 -16.83
C HIS H 163 40.60 26.33 -17.99
N ASN H 164 40.34 25.03 -18.17
CA ASN H 164 40.98 24.32 -19.28
C ASN H 164 40.51 24.88 -20.63
N ALA H 165 39.23 25.25 -20.72
CA ALA H 165 38.73 25.78 -21.99
C ALA H 165 39.46 27.07 -22.39
N LYS H 166 39.74 27.96 -21.42
CA LYS H 166 40.41 29.21 -21.77
C LYS H 166 41.81 28.93 -22.29
N LEU H 167 42.63 28.22 -21.50
CA LEU H 167 43.97 27.86 -21.94
C LEU H 167 43.97 27.19 -23.31
N LEU H 168 42.87 26.50 -23.66
CA LEU H 168 42.80 25.80 -24.94
C LEU H 168 42.55 26.76 -26.10
N ALA H 169 41.65 27.74 -25.93
CA ALA H 169 41.43 28.72 -26.99
C ALA H 169 42.66 29.59 -27.21
N ARG H 170 43.34 29.97 -26.12
CA ARG H 170 44.58 30.72 -26.23
C ARG H 170 45.56 30.00 -27.14
N LEU H 171 45.77 28.70 -26.89
CA LEU H 171 46.75 27.92 -27.63
C LEU H 171 46.30 27.68 -29.07
N LEU H 172 45.09 27.16 -29.26
CA LEU H 172 44.65 26.80 -30.62
C LEU H 172 44.56 28.01 -31.54
N LYS H 173 44.33 29.21 -30.99
CA LYS H 173 44.27 30.41 -31.80
C LYS H 173 45.66 30.80 -32.32
N LYS H 174 46.69 30.74 -31.46
CA LYS H 174 48.05 31.06 -31.88
C LYS H 174 48.50 30.20 -33.04
N THR H 175 48.02 28.95 -33.12
CA THR H 175 48.41 28.08 -34.23
C THR H 175 47.82 28.55 -35.56
N GLY H 176 46.68 29.23 -35.54
CA GLY H 176 46.01 29.61 -36.76
C GLY H 176 45.31 28.49 -37.51
N ARG H 177 45.32 27.26 -37.01
CA ARG H 177 44.62 26.16 -37.68
C ARG H 177 43.14 26.13 -37.29
N THR H 178 42.32 25.58 -38.20
CA THR H 178 40.91 25.33 -37.94
C THR H 178 40.52 23.87 -38.19
N ASP H 179 41.49 22.99 -38.46
CA ASP H 179 41.19 21.57 -38.68
C ASP H 179 41.12 20.83 -37.34
N PHE H 180 40.25 21.33 -36.47
CA PHE H 180 39.97 20.69 -35.19
C PHE H 180 38.47 20.58 -34.98
N ILE H 181 38.09 19.72 -34.04
CA ILE H 181 36.76 19.68 -33.47
C ILE H 181 36.95 19.67 -31.98
N VAL H 182 36.41 20.67 -31.30
CA VAL H 182 36.61 20.83 -29.86
C VAL H 182 35.28 20.54 -29.18
N THR H 183 35.35 19.79 -28.09
CA THR H 183 34.14 19.34 -27.44
C THR H 183 34.43 19.14 -25.97
N SER H 184 33.39 18.76 -25.22
CA SER H 184 33.51 18.53 -23.79
C SER H 184 32.24 17.85 -23.33
N LEU H 185 32.34 17.09 -22.23
CA LEU H 185 31.10 16.69 -21.59
C LEU H 185 30.39 17.89 -20.96
N ASN H 186 31.14 18.92 -20.56
CA ASN H 186 30.55 20.09 -19.92
C ASN H 186 30.18 21.11 -20.99
N ASP H 187 28.87 21.37 -21.12
CA ASP H 187 28.36 22.25 -22.16
C ASP H 187 28.83 23.69 -21.99
N LEU H 188 28.91 24.17 -20.74
CA LEU H 188 29.41 25.52 -20.51
C LEU H 188 30.83 25.70 -21.02
N ALA H 189 31.66 24.65 -20.93
CA ALA H 189 33.04 24.78 -21.39
C ALA H 189 33.09 24.86 -22.91
N VAL H 190 32.26 24.08 -23.60
CA VAL H 190 32.15 24.26 -25.04
C VAL H 190 31.73 25.69 -25.36
N ALA H 191 30.76 26.23 -24.62
CA ALA H 191 30.33 27.61 -24.82
C ALA H 191 31.48 28.60 -24.61
N LYS H 192 32.14 28.53 -23.45
CA LYS H 192 33.26 29.45 -23.18
C LYS H 192 34.32 29.35 -24.26
N PHE H 193 34.61 28.12 -24.74
CA PHE H 193 35.62 27.99 -25.77
C PHE H 193 35.16 28.64 -27.07
N HIS H 194 33.88 28.44 -27.43
CA HIS H 194 33.39 28.93 -28.72
C HIS H 194 33.32 30.46 -28.73
N LEU H 195 33.11 31.06 -27.57
CA LEU H 195 33.20 32.52 -27.45
C LEU H 195 34.63 32.99 -27.72
N LEU H 196 35.61 32.43 -27.00
CA LEU H 196 36.99 32.86 -27.19
C LEU H 196 37.48 32.55 -28.61
N ALA H 197 37.16 31.37 -29.14
CA ALA H 197 37.74 30.84 -30.37
C ALA H 197 36.65 30.53 -31.39
N PRO H 198 36.04 31.57 -31.99
CA PRO H 198 34.82 31.36 -32.79
C PRO H 198 35.03 30.70 -34.14
N ASP H 199 36.24 30.63 -34.67
CA ASP H 199 36.43 30.04 -35.99
C ASP H 199 36.68 28.52 -35.95
N ILE H 200 36.78 27.94 -34.77
CA ILE H 200 37.16 26.54 -34.64
C ILE H 200 35.89 25.69 -34.51
N PRO H 201 35.75 24.63 -35.32
CA PRO H 201 34.56 23.77 -35.22
C PRO H 201 34.44 23.13 -33.84
N ILE H 202 33.21 22.90 -33.41
CA ILE H 202 32.93 22.34 -32.09
C ILE H 202 31.86 21.27 -32.22
N ALA H 203 31.61 20.57 -31.11
CA ALA H 203 30.56 19.59 -31.01
C ALA H 203 29.97 19.69 -29.62
N PRO H 204 28.67 19.48 -29.45
CA PRO H 204 28.00 19.83 -28.18
C PRO H 204 28.40 18.91 -27.03
N GLY H 205 28.07 19.35 -25.82
CA GLY H 205 28.25 18.57 -24.61
C GLY H 205 27.03 17.72 -24.29
N MET H 206 26.94 17.30 -23.02
CA MET H 206 25.91 16.33 -22.64
C MET H 206 24.49 16.92 -22.71
N ALA H 207 24.29 18.14 -22.19
CA ALA H 207 22.94 18.70 -22.21
C ALA H 207 22.51 19.02 -23.64
N GLY H 208 23.43 19.58 -24.44
CA GLY H 208 23.12 19.84 -25.83
C GLY H 208 22.83 18.58 -26.61
N LEU H 209 23.60 17.52 -26.35
CA LEU H 209 23.34 16.23 -27.00
C LEU H 209 21.99 15.67 -26.58
N ALA H 210 21.74 15.68 -25.27
CA ALA H 210 20.47 15.16 -24.76
C ALA H 210 19.29 15.95 -25.31
N ALA H 211 19.42 17.27 -25.36
CA ALA H 211 18.33 18.09 -25.91
C ALA H 211 18.02 17.68 -27.33
N TYR H 212 19.06 17.49 -28.15
CA TYR H 212 18.83 17.20 -29.55
C TYR H 212 18.26 15.80 -29.75
N PHE H 213 18.81 14.82 -29.02
CA PHE H 213 18.35 13.44 -29.18
C PHE H 213 16.93 13.23 -28.66
N LEU H 214 16.63 13.76 -27.47
CA LEU H 214 15.35 13.50 -26.85
C LEU H 214 14.26 14.47 -27.30
N LEU H 215 14.62 15.67 -27.77
CA LEU H 215 13.66 16.74 -28.00
C LEU H 215 13.76 17.44 -29.35
N GLY H 216 14.79 17.19 -30.14
CA GLY H 216 14.88 17.87 -31.42
C GLY H 216 15.35 19.30 -31.35
N VAL H 217 15.76 19.77 -30.18
CA VAL H 217 16.34 21.10 -30.07
C VAL H 217 17.77 21.05 -30.62
N LYS H 218 18.04 21.89 -31.62
CA LYS H 218 19.35 21.90 -32.25
C LYS H 218 20.43 22.39 -31.26
N PRO H 219 21.66 21.93 -31.42
CA PRO H 219 22.74 22.38 -30.54
C PRO H 219 23.19 23.78 -30.90
N MET H 220 24.06 24.29 -30.04
CA MET H 220 24.64 25.61 -30.17
C MET H 220 25.21 25.81 -31.57
N HIS H 221 25.14 27.06 -32.06
CA HIS H 221 25.64 27.37 -33.41
C HIS H 221 27.16 27.26 -33.45
N GLY H 222 27.67 26.77 -34.57
CA GLY H 222 29.06 26.37 -34.68
C GLY H 222 29.28 24.87 -34.56
N THR H 223 28.27 24.12 -34.17
CA THR H 223 28.37 22.67 -34.11
C THR H 223 28.48 22.09 -35.51
N VAL H 224 29.56 21.34 -35.77
CA VAL H 224 29.73 20.65 -37.04
C VAL H 224 29.44 19.16 -36.96
N ALA H 225 29.34 18.59 -35.75
CA ALA H 225 29.13 17.17 -35.60
C ALA H 225 28.49 16.90 -34.25
N LEU H 226 27.76 15.79 -34.19
CA LEU H 226 27.39 15.16 -32.91
C LEU H 226 28.34 13.99 -32.68
N GLN H 227 28.98 13.97 -31.51
CA GLN H 227 29.93 12.93 -31.14
C GLN H 227 29.30 12.15 -30.00
N ILE H 228 28.93 10.89 -30.27
CA ILE H 228 28.00 10.14 -29.41
C ILE H 228 28.55 8.78 -29.02
N PRO H 229 28.16 8.27 -27.85
CA PRO H 229 28.39 6.85 -27.55
C PRO H 229 27.47 5.98 -28.39
N VAL H 230 27.78 4.70 -28.42
CA VAL H 230 26.89 3.77 -29.10
C VAL H 230 25.55 3.74 -28.39
N ARG H 231 25.58 3.73 -27.07
CA ARG H 231 24.45 3.45 -26.19
C ARG H 231 24.67 4.25 -24.92
N TYR H 232 23.59 4.69 -24.29
CA TYR H 232 23.75 5.48 -23.08
C TYR H 232 22.48 5.45 -22.25
N GLN H 233 22.65 5.17 -20.96
CA GLN H 233 21.53 5.03 -20.02
C GLN H 233 20.55 3.95 -20.48
N GLY H 234 21.06 2.87 -21.05
CA GLY H 234 20.20 1.83 -21.56
C GLY H 234 19.49 2.15 -22.86
N LEU H 235 19.99 3.13 -23.60
CA LEU H 235 19.34 3.64 -24.80
C LEU H 235 20.32 3.60 -25.97
N GLU H 236 19.92 2.94 -27.06
CA GLU H 236 20.68 2.98 -28.31
C GLU H 236 20.68 4.40 -28.88
N ILE H 237 21.86 5.00 -29.03
CA ILE H 237 21.97 6.34 -29.63
C ILE H 237 22.42 6.29 -31.08
N ALA H 238 23.36 5.41 -31.40
CA ALA H 238 23.91 5.34 -32.74
C ALA H 238 23.12 4.32 -33.57
N THR H 239 21.86 4.69 -33.86
CA THR H 239 20.90 4.03 -34.73
C THR H 239 20.95 4.62 -36.13
N PRO H 240 20.56 3.87 -37.15
CA PRO H 240 20.48 4.49 -38.49
C PRO H 240 19.49 5.65 -38.55
N GLU H 241 18.37 5.59 -37.82
CA GLU H 241 17.38 6.67 -37.84
C GLU H 241 17.95 7.96 -37.29
N PHE H 242 18.64 7.89 -36.15
CA PHE H 242 19.21 9.09 -35.54
C PHE H 242 20.22 9.73 -36.47
N ILE H 243 21.13 8.94 -37.04
CA ILE H 243 22.17 9.48 -37.91
C ILE H 243 21.54 10.07 -39.17
N ARG H 244 20.50 9.43 -39.71
CA ARG H 244 19.76 10.00 -40.83
C ARG H 244 19.20 11.38 -40.48
N ARG H 245 18.64 11.53 -39.29
CA ARG H 245 18.07 12.82 -38.88
C ARG H 245 19.16 13.88 -38.72
N ALA H 246 20.22 13.55 -37.98
CA ALA H 246 21.38 14.44 -37.87
C ALA H 246 21.89 14.86 -39.23
N HIS H 247 22.05 13.90 -40.13
CA HIS H 247 22.51 14.22 -41.48
C HIS H 247 21.53 15.18 -42.16
N ALA H 248 20.23 14.89 -42.07
CA ALA H 248 19.22 15.81 -42.59
C ALA H 248 19.33 17.21 -41.99
N ASP H 249 19.74 17.32 -40.72
CA ASP H 249 19.90 18.62 -40.07
C ASP H 249 21.30 19.22 -40.27
N GLY H 250 22.10 18.68 -41.19
CA GLY H 250 23.37 19.31 -41.54
C GLY H 250 24.56 18.95 -40.68
N TYR H 251 24.40 18.04 -39.72
CA TYR H 251 25.46 17.65 -38.81
C TYR H 251 26.07 16.32 -39.21
N ALA H 252 27.38 16.21 -39.09
CA ALA H 252 28.00 14.90 -39.17
C ALA H 252 27.85 14.18 -37.83
N VAL H 253 28.13 12.87 -37.86
CA VAL H 253 28.09 12.03 -36.66
C VAL H 253 29.39 11.23 -36.54
N HIS H 254 29.98 11.27 -35.35
CA HIS H 254 31.16 10.51 -34.96
C HIS H 254 30.82 9.72 -33.70
N VAL H 255 31.15 8.42 -33.70
CA VAL H 255 30.67 7.50 -32.68
C VAL H 255 31.85 6.93 -31.90
N TRP H 256 31.76 6.97 -30.57
CA TRP H 256 32.76 6.36 -29.69
C TRP H 256 32.15 5.20 -28.92
N PHE H 257 33.04 4.37 -28.35
CA PHE H 257 32.64 3.09 -27.74
C PHE H 257 32.87 3.12 -26.24
N SER H 258 34.10 2.84 -25.82
CA SER H 258 34.55 3.19 -24.48
C SER H 258 33.65 2.55 -23.41
N GLY H 259 33.38 1.28 -23.56
CA GLY H 259 32.57 0.55 -22.62
C GLY H 259 31.08 0.53 -22.91
N THR H 260 30.55 1.47 -23.71
CA THR H 260 29.11 1.47 -23.99
C THR H 260 28.71 0.40 -24.99
N ALA H 261 29.67 -0.14 -25.74
CA ALA H 261 29.51 -1.29 -26.61
C ALA H 261 30.89 -1.81 -26.90
N PRO H 262 31.04 -3.06 -27.34
CA PRO H 262 32.38 -3.61 -27.46
C PRO H 262 33.17 -2.90 -28.54
N ASP H 263 34.48 -2.92 -28.37
CA ASP H 263 35.44 -2.54 -29.39
C ASP H 263 35.80 -3.79 -30.18
N ASP H 264 35.01 -4.14 -31.19
CA ASP H 264 35.27 -5.38 -31.94
C ASP H 264 34.71 -5.27 -33.35
N GLU H 265 34.91 -6.33 -34.13
CA GLU H 265 34.63 -6.27 -35.55
C GLU H 265 33.15 -6.09 -35.83
N ALA H 266 32.32 -6.87 -35.13
CA ALA H 266 30.87 -6.81 -35.39
C ALA H 266 30.32 -5.43 -35.09
N THR H 267 30.73 -4.83 -33.98
CA THR H 267 30.21 -3.52 -33.62
C THR H 267 30.71 -2.46 -34.58
N TYR H 268 32.02 -2.45 -34.85
CA TYR H 268 32.58 -1.50 -35.81
C TYR H 268 31.82 -1.54 -37.12
N ASN H 269 31.55 -2.75 -37.61
CA ASN H 269 30.86 -2.91 -38.88
C ASN H 269 29.42 -2.42 -38.80
N ARG H 270 28.75 -2.71 -37.69
CA ARG H 270 27.39 -2.19 -37.50
C ARG H 270 27.36 -0.67 -37.61
N ILE H 271 28.24 0.01 -36.87
CA ILE H 271 28.27 1.47 -36.87
C ILE H 271 28.58 2.01 -38.27
N ILE H 272 29.50 1.36 -39.01
CA ILE H 272 29.74 1.76 -40.40
C ILE H 272 28.44 1.69 -41.19
N ASP H 273 27.72 0.57 -41.05
CA ASP H 273 26.47 0.34 -41.78
C ASP H 273 25.39 1.34 -41.38
N SER H 274 25.41 1.80 -40.13
CA SER H 274 24.45 2.81 -39.66
C SER H 274 24.76 4.20 -40.22
N CYS H 275 25.77 4.31 -41.08
CA CYS H 275 26.12 5.47 -41.88
C CYS H 275 26.90 6.53 -41.12
N ALA H 276 27.48 6.21 -39.96
CA ALA H 276 28.30 7.17 -39.24
C ALA H 276 29.37 7.77 -40.13
N ASP H 277 29.77 9.00 -39.84
CA ASP H 277 30.82 9.66 -40.61
C ASP H 277 32.22 9.35 -40.12
N GLY H 278 32.35 8.96 -38.85
CA GLY H 278 33.63 8.58 -38.29
C GLY H 278 33.38 7.66 -37.13
N LEU H 279 34.44 6.96 -36.74
CA LEU H 279 34.45 6.05 -35.60
C LEU H 279 35.69 6.36 -34.77
N MET H 280 35.58 6.11 -33.47
CA MET H 280 36.63 6.40 -32.50
C MET H 280 37.08 5.07 -31.88
N PRO H 281 37.77 4.23 -32.65
CA PRO H 281 38.08 2.87 -32.18
C PRO H 281 39.22 2.83 -31.18
N ALA H 282 39.08 1.95 -30.19
CA ALA H 282 40.25 1.56 -29.40
C ALA H 282 41.21 0.65 -30.18
N TYR H 283 40.74 -0.02 -31.25
CA TYR H 283 41.58 -0.83 -32.11
C TYR H 283 41.69 -0.21 -33.50
N PRO H 284 42.48 0.87 -33.67
CA PRO H 284 42.48 1.59 -34.95
C PRO H 284 43.10 0.81 -36.09
N ALA H 285 44.09 -0.04 -35.84
CA ALA H 285 44.58 -0.93 -36.90
C ALA H 285 43.53 -1.96 -37.29
N LEU H 286 42.73 -2.43 -36.33
CA LEU H 286 41.66 -3.34 -36.69
C LEU H 286 40.64 -2.64 -37.58
N LEU H 287 40.29 -1.39 -37.25
CA LEU H 287 39.26 -0.72 -38.04
C LEU H 287 39.78 -0.39 -39.43
N GLU H 288 41.07 -0.11 -39.53
CA GLU H 288 41.65 0.15 -40.84
C GLU H 288 41.54 -1.08 -41.73
N ARG H 289 41.80 -2.26 -41.17
CA ARG H 289 41.64 -3.49 -41.93
C ARG H 289 40.21 -3.62 -42.46
N ILE H 290 39.21 -3.43 -41.59
CA ILE H 290 37.81 -3.54 -42.01
C ILE H 290 37.51 -2.54 -43.12
N LEU H 291 37.91 -1.27 -42.94
CA LEU H 291 37.62 -0.28 -43.96
C LEU H 291 38.28 -0.64 -45.30
N ASP H 292 39.52 -1.12 -45.26
CA ASP H 292 40.22 -1.50 -46.48
C ASP H 292 39.53 -2.67 -47.18
N GLU H 293 39.28 -3.76 -46.46
CA GLU H 293 38.78 -4.97 -47.13
C GLU H 293 37.37 -4.79 -47.65
N ARG H 294 36.60 -3.88 -47.07
CA ARG H 294 35.28 -3.58 -47.56
C ARG H 294 35.28 -2.46 -48.59
N GLY H 295 36.44 -1.83 -48.84
CA GLY H 295 36.53 -0.80 -49.86
C GLY H 295 35.72 0.44 -49.55
N ILE H 296 35.54 0.77 -48.28
CA ILE H 296 34.64 1.85 -47.89
C ILE H 296 35.26 3.20 -48.23
N GLU H 297 34.42 4.13 -48.68
CA GLU H 297 34.85 5.48 -49.03
C GLU H 297 35.61 6.12 -47.87
N ARG H 298 36.54 6.99 -48.21
CA ARG H 298 37.38 7.69 -47.26
C ARG H 298 37.51 9.13 -47.75
N PRO H 299 37.96 10.05 -46.90
CA PRO H 299 38.15 11.44 -47.36
C PRO H 299 39.19 11.51 -48.47
N GLY H 300 38.79 12.14 -49.58
CA GLY H 300 39.65 12.21 -50.73
C GLY H 300 39.86 10.91 -51.47
N ARG H 301 39.13 9.85 -51.08
CA ARG H 301 39.29 8.52 -51.65
C ARG H 301 37.92 7.88 -51.73
N PRO H 302 37.20 8.07 -52.83
CA PRO H 302 35.87 7.47 -52.98
C PRO H 302 35.91 5.95 -52.98
N GLY H 303 34.73 5.36 -52.90
CA GLY H 303 34.59 3.92 -52.68
C GLY H 303 33.16 3.55 -52.36
N VAL H 304 33.01 2.43 -51.65
CA VAL H 304 31.68 1.89 -51.38
C VAL H 304 30.95 2.75 -50.36
N ASP H 305 29.67 3.00 -50.62
CA ASP H 305 28.78 3.67 -49.68
C ASP H 305 28.08 2.59 -48.88
N PRO H 306 28.28 2.50 -47.57
CA PRO H 306 27.66 1.42 -46.79
C PRO H 306 26.27 1.72 -46.23
N CYS H 307 25.63 2.82 -46.61
CA CYS H 307 24.32 3.17 -46.10
C CYS H 307 23.17 2.56 -46.91
#